data_1Y3J
#
_entry.id   1Y3J
#
loop_
_entity.id
_entity.type
_entity.pdbx_description
1 polymer 'Copper-transporting ATPase 1'
2 non-polymer 'COPPER (II) ION'
#
_entity_poly.entity_id   1
_entity_poly.type   'polypeptide(L)'
_entity_poly.pdbx_seq_one_letter_code
;NSSKCYIQVTGMTCASCVANIERNLRREEGIYSILVALMAGKAEVRYNPAVIQPPMIAEFIRELGFGATVIENIEGR
;
_entity_poly.pdbx_strand_id   A
#
loop_
_chem_comp.id
_chem_comp.type
_chem_comp.name
_chem_comp.formula
CU non-polymer 'COPPER (II) ION' 'Cu 2'
#
# COMPACT_ATOMS: atom_id res chain seq x y z
N ASN A 1 -7.62 8.12 14.68
CA ASN A 1 -8.31 7.44 13.57
C ASN A 1 -7.25 7.01 12.56
N SER A 2 -7.64 6.21 11.56
CA SER A 2 -6.76 5.64 10.55
C SER A 2 -5.83 6.68 9.93
N SER A 3 -4.54 6.35 9.82
CA SER A 3 -3.50 7.19 9.23
C SER A 3 -3.01 6.49 7.96
N LYS A 4 -2.07 7.11 7.23
CA LYS A 4 -1.59 6.56 5.96
C LYS A 4 -0.06 6.53 5.91
N CYS A 5 0.47 5.69 5.03
CA CYS A 5 1.90 5.54 4.75
C CYS A 5 2.03 5.40 3.24
N TYR A 6 3.18 5.77 2.66
CA TYR A 6 3.42 5.63 1.24
C TYR A 6 4.23 4.36 1.02
N ILE A 7 4.12 3.78 -0.17
CA ILE A 7 4.75 2.52 -0.53
C ILE A 7 5.05 2.63 -2.02
N GLN A 8 6.26 2.30 -2.46
CA GLN A 8 6.63 2.29 -3.83
C GLN A 8 6.58 0.82 -4.27
N VAL A 9 5.83 0.54 -5.33
CA VAL A 9 5.66 -0.79 -5.89
C VAL A 9 6.61 -0.96 -7.08
N THR A 10 7.27 -2.11 -7.17
CA THR A 10 8.18 -2.42 -8.26
C THR A 10 7.38 -2.83 -9.51
N GLY A 11 6.78 -1.83 -10.15
CA GLY A 11 6.08 -1.96 -11.42
C GLY A 11 4.62 -1.60 -11.26
N MET A 12 4.48 -0.30 -11.20
CA MET A 12 3.24 0.43 -11.10
C MET A 12 2.47 0.25 -12.41
N THR A 13 3.00 0.76 -13.53
CA THR A 13 2.35 0.64 -14.83
C THR A 13 2.59 -0.75 -15.45
N CYS A 14 2.50 -1.79 -14.62
CA CYS A 14 2.20 -3.14 -15.06
C CYS A 14 0.74 -3.14 -15.55
N ALA A 15 -0.13 -2.49 -14.77
CA ALA A 15 -1.59 -2.44 -14.94
C ALA A 15 -2.22 -3.75 -14.47
N SER A 16 -3.53 -3.75 -14.19
CA SER A 16 -4.28 -4.89 -13.65
C SER A 16 -3.94 -5.16 -12.18
N CYS A 17 -2.66 -5.32 -11.87
CA CYS A 17 -2.06 -5.32 -10.54
C CYS A 17 -2.85 -4.46 -9.59
N VAL A 18 -3.07 -3.20 -9.95
CA VAL A 18 -3.69 -2.24 -9.09
C VAL A 18 -5.19 -2.54 -8.87
N ALA A 19 -5.86 -3.02 -9.92
CA ALA A 19 -7.25 -3.47 -9.82
C ALA A 19 -7.33 -4.64 -8.84
N ASN A 20 -6.40 -5.59 -8.99
CA ASN A 20 -6.26 -6.69 -8.06
C ASN A 20 -6.02 -6.12 -6.66
N ILE A 21 -5.11 -5.17 -6.52
CA ILE A 21 -4.71 -4.68 -5.22
C ILE A 21 -5.87 -3.99 -4.50
N GLU A 22 -6.65 -3.14 -5.17
CA GLU A 22 -7.92 -2.71 -4.64
C GLU A 22 -8.76 -3.89 -4.13
N ARG A 23 -8.93 -4.91 -4.98
CA ARG A 23 -9.64 -6.13 -4.57
C ARG A 23 -9.00 -6.81 -3.36
N ASN A 24 -7.66 -6.84 -3.23
CA ASN A 24 -7.02 -7.44 -2.06
C ASN A 24 -7.43 -6.64 -0.84
N LEU A 25 -7.16 -5.34 -0.89
CA LEU A 25 -7.07 -4.47 0.25
C LEU A 25 -8.44 -4.10 0.80
N ARG A 26 -9.34 -3.62 -0.05
CA ARG A 26 -10.60 -3.11 0.39
C ARG A 26 -11.49 -4.20 1.01
N ARG A 27 -11.13 -5.47 0.81
CA ARG A 27 -11.62 -6.53 1.67
C ARG A 27 -11.62 -6.10 3.14
N GLU A 28 -10.44 -5.84 3.74
CA GLU A 28 -10.33 -5.93 5.20
C GLU A 28 -8.87 -5.84 5.63
N GLU A 29 -8.67 -5.99 6.94
CA GLU A 29 -7.39 -5.99 7.64
C GLU A 29 -6.97 -4.55 7.94
N GLY A 30 -7.88 -3.82 8.59
CA GLY A 30 -7.62 -2.53 9.20
C GLY A 30 -7.44 -1.39 8.21
N ILE A 31 -7.81 -1.58 6.94
CA ILE A 31 -7.68 -0.59 5.88
C ILE A 31 -8.90 0.32 5.94
N TYR A 32 -8.70 1.64 5.95
CA TYR A 32 -9.80 2.54 5.61
C TYR A 32 -9.32 3.66 4.71
N SER A 33 -8.50 3.28 3.74
CA SER A 33 -8.51 3.64 2.34
C SER A 33 -7.51 2.71 1.68
N ILE A 34 -7.71 2.32 0.43
CA ILE A 34 -6.72 1.50 -0.24
C ILE A 34 -5.57 2.40 -0.67
N LEU A 35 -4.42 1.79 -0.92
CA LEU A 35 -3.43 2.42 -1.75
C LEU A 35 -3.99 2.27 -3.15
N VAL A 36 -3.89 3.34 -3.94
CA VAL A 36 -3.21 3.28 -5.20
C VAL A 36 -2.87 4.71 -5.57
N ALA A 37 -1.79 4.92 -6.32
CA ALA A 37 -1.51 6.16 -7.00
C ALA A 37 -0.55 5.77 -8.11
N LEU A 38 -0.96 4.78 -8.90
CA LEU A 38 -0.19 4.23 -10.00
C LEU A 38 -0.05 5.33 -11.06
N MET A 39 -1.07 6.21 -11.16
CA MET A 39 -1.05 7.43 -11.95
C MET A 39 0.26 8.21 -11.75
N ALA A 40 0.76 8.30 -10.52
CA ALA A 40 2.09 8.85 -10.24
C ALA A 40 3.11 7.72 -10.38
N GLY A 41 2.89 6.64 -9.64
CA GLY A 41 3.57 5.36 -9.80
C GLY A 41 3.84 4.70 -8.45
N LYS A 42 2.86 4.69 -7.54
CA LYS A 42 3.10 4.37 -6.15
C LYS A 42 1.78 3.97 -5.51
N ALA A 43 1.85 3.67 -4.21
CA ALA A 43 0.77 3.21 -3.37
C ALA A 43 0.77 4.06 -2.08
N GLU A 44 -0.42 4.37 -1.54
CA GLU A 44 -0.59 5.03 -0.25
C GLU A 44 -1.81 4.51 0.50
N VAL A 45 -1.63 3.46 1.29
CA VAL A 45 -2.70 2.81 2.00
C VAL A 45 -3.00 3.62 3.27
N ARG A 46 -4.29 3.80 3.56
CA ARG A 46 -4.76 4.39 4.81
C ARG A 46 -5.34 3.27 5.66
N TYR A 47 -4.87 3.14 6.90
CA TYR A 47 -5.11 1.98 7.73
C TYR A 47 -4.94 2.35 9.20
N ASN A 48 -5.22 1.39 10.08
CA ASN A 48 -4.82 1.45 11.48
C ASN A 48 -3.63 0.52 11.66
N PRO A 49 -2.57 0.93 12.36
CA PRO A 49 -1.35 0.14 12.47
C PRO A 49 -1.44 -0.97 13.53
N ALA A 50 -2.58 -1.14 14.21
CA ALA A 50 -2.66 -2.00 15.39
C ALA A 50 -3.05 -3.39 14.96
N VAL A 51 -4.10 -3.46 14.14
CA VAL A 51 -4.59 -4.68 13.54
C VAL A 51 -3.49 -5.33 12.70
N ILE A 52 -3.01 -4.60 11.68
CA ILE A 52 -2.23 -5.22 10.60
C ILE A 52 -0.72 -5.15 10.87
N GLN A 53 -0.22 -3.93 11.14
CA GLN A 53 1.17 -3.53 11.34
C GLN A 53 1.79 -2.87 10.09
N PRO A 54 2.41 -1.68 10.22
CA PRO A 54 3.08 -0.96 9.13
C PRO A 54 4.08 -1.77 8.30
N PRO A 55 5.03 -2.52 8.89
CA PRO A 55 5.82 -3.44 8.11
C PRO A 55 4.88 -4.37 7.37
N MET A 56 3.92 -4.98 8.08
CA MET A 56 3.16 -6.07 7.51
C MET A 56 2.35 -5.60 6.30
N ILE A 57 1.70 -4.43 6.40
CA ILE A 57 0.86 -4.00 5.30
C ILE A 57 1.66 -3.79 4.01
N ALA A 58 2.91 -3.33 4.13
CA ALA A 58 3.82 -3.26 2.99
C ALA A 58 4.26 -4.66 2.57
N GLU A 59 4.86 -5.41 3.50
CA GLU A 59 5.44 -6.71 3.27
C GLU A 59 4.49 -7.62 2.49
N PHE A 60 3.23 -7.73 2.92
CA PHE A 60 2.20 -8.53 2.26
C PHE A 60 2.22 -8.34 0.73
N ILE A 61 2.42 -7.10 0.26
CA ILE A 61 2.35 -6.78 -1.14
C ILE A 61 3.48 -7.49 -1.92
N ARG A 62 4.61 -7.81 -1.28
CA ARG A 62 5.68 -8.58 -1.90
C ARG A 62 5.14 -9.93 -2.36
N GLU A 63 4.65 -10.73 -1.40
CA GLU A 63 4.37 -12.12 -1.60
C GLU A 63 3.32 -12.37 -2.68
N LEU A 64 2.28 -11.53 -2.75
CA LEU A 64 1.23 -11.70 -3.76
C LEU A 64 1.42 -10.78 -4.98
N GLY A 65 2.07 -9.62 -4.83
CA GLY A 65 2.16 -8.63 -5.89
C GLY A 65 3.58 -8.46 -6.41
N PHE A 66 4.40 -7.68 -5.70
CA PHE A 66 5.63 -7.12 -6.20
C PHE A 66 6.32 -6.34 -5.09
N GLY A 67 7.60 -6.05 -5.34
CA GLY A 67 8.48 -5.47 -4.35
C GLY A 67 7.93 -4.13 -3.89
N ALA A 68 7.55 -4.06 -2.61
CA ALA A 68 6.81 -2.97 -2.02
C ALA A 68 7.69 -2.28 -0.97
N THR A 69 8.42 -1.25 -1.38
CA THR A 69 9.32 -0.52 -0.50
C THR A 69 8.51 0.53 0.26
N VAL A 70 8.47 0.43 1.60
CA VAL A 70 7.65 1.29 2.43
C VAL A 70 8.34 2.63 2.64
N ILE A 71 7.57 3.72 2.65
CA ILE A 71 8.05 5.07 2.83
C ILE A 71 7.06 5.81 3.74
N GLU A 72 7.38 5.91 5.02
CA GLU A 72 6.61 6.67 6.00
C GLU A 72 6.99 8.15 5.90
N ASN A 73 6.98 8.70 4.69
CA ASN A 73 7.40 10.08 4.41
C ASN A 73 6.99 10.41 2.97
N ILE A 74 7.08 11.68 2.58
CA ILE A 74 6.85 12.14 1.23
C ILE A 74 7.52 13.52 1.10
N GLU A 75 8.40 13.67 0.12
CA GLU A 75 9.10 14.92 -0.19
C GLU A 75 9.58 14.77 -1.64
N GLY A 76 9.82 15.90 -2.33
CA GLY A 76 10.26 15.93 -3.71
C GLY A 76 9.90 17.29 -4.31
N ARG A 77 10.21 17.48 -5.58
CA ARG A 77 9.86 18.63 -6.39
C ARG A 77 10.04 18.16 -7.83
CU CU B . 0.37 -6.41 -13.45
N ASN A 1 -3.49 2.34 15.33
CA ASN A 1 -4.22 3.63 15.29
C ASN A 1 -4.34 4.13 13.86
N SER A 2 -5.58 4.32 13.38
CA SER A 2 -5.89 4.75 12.02
C SER A 2 -4.99 5.88 11.53
N SER A 3 -4.27 5.63 10.44
CA SER A 3 -3.29 6.52 9.84
C SER A 3 -3.29 6.27 8.32
N LYS A 4 -2.53 7.02 7.53
CA LYS A 4 -2.07 6.51 6.24
C LYS A 4 -0.55 6.62 6.18
N CYS A 5 0.06 5.82 5.30
CA CYS A 5 1.48 5.86 5.03
C CYS A 5 1.67 5.62 3.55
N TYR A 6 2.76 6.14 2.97
CA TYR A 6 3.05 5.92 1.57
C TYR A 6 3.77 4.58 1.47
N ILE A 7 3.56 3.91 0.36
CA ILE A 7 4.24 2.70 -0.04
C ILE A 7 4.69 2.97 -1.47
N GLN A 8 5.89 2.51 -1.83
CA GLN A 8 6.33 2.42 -3.20
C GLN A 8 6.09 0.96 -3.57
N VAL A 9 5.40 0.71 -4.69
CA VAL A 9 5.09 -0.63 -5.19
C VAL A 9 5.57 -0.71 -6.65
N THR A 10 6.45 -1.68 -6.94
CA THR A 10 7.03 -1.82 -8.26
C THR A 10 5.97 -2.35 -9.22
N GLY A 11 5.92 -1.79 -10.44
CA GLY A 11 5.03 -2.19 -11.51
C GLY A 11 4.04 -1.07 -11.76
N MET A 12 3.37 -0.60 -10.69
CA MET A 12 2.74 0.70 -10.58
C MET A 12 1.43 0.72 -11.36
N THR A 13 1.55 0.67 -12.69
CA THR A 13 0.46 0.57 -13.64
C THR A 13 0.52 -0.79 -14.35
N CYS A 14 1.34 -1.74 -13.86
CA CYS A 14 1.47 -3.01 -14.55
C CYS A 14 0.13 -3.74 -14.55
N ALA A 15 -0.16 -4.45 -15.64
CA ALA A 15 -1.51 -4.82 -16.01
C ALA A 15 -2.26 -5.49 -14.86
N SER A 16 -3.24 -4.77 -14.31
CA SER A 16 -4.13 -5.24 -13.26
C SER A 16 -3.45 -5.45 -11.90
N CYS A 17 -2.18 -5.08 -11.74
CA CYS A 17 -1.55 -4.91 -10.45
C CYS A 17 -2.51 -4.16 -9.52
N VAL A 18 -3.01 -3.07 -10.10
CA VAL A 18 -3.81 -2.07 -9.46
C VAL A 18 -5.20 -2.63 -9.20
N ALA A 19 -5.80 -3.26 -10.20
CA ALA A 19 -7.09 -3.92 -10.05
C ALA A 19 -7.02 -4.98 -8.95
N ASN A 20 -5.93 -5.75 -8.92
CA ASN A 20 -5.68 -6.79 -7.93
C ASN A 20 -5.66 -6.15 -6.55
N ILE A 21 -4.74 -5.21 -6.35
CA ILE A 21 -4.66 -4.41 -5.14
C ILE A 21 -6.04 -3.91 -4.71
N GLU A 22 -6.81 -3.23 -5.57
CA GLU A 22 -8.16 -2.83 -5.22
C GLU A 22 -9.01 -4.02 -4.76
N ARG A 23 -9.01 -5.10 -5.55
CA ARG A 23 -9.72 -6.34 -5.22
C ARG A 23 -9.38 -6.82 -3.81
N ASN A 24 -8.10 -6.88 -3.45
CA ASN A 24 -7.66 -7.38 -2.14
C ASN A 24 -7.90 -6.34 -1.03
N LEU A 25 -7.27 -5.17 -1.15
CA LEU A 25 -6.88 -4.30 -0.05
C LEU A 25 -8.07 -3.62 0.61
N ARG A 26 -9.10 -3.25 -0.16
CA ARG A 26 -10.13 -2.26 0.10
C ARG A 26 -10.34 -1.94 1.59
N ARG A 27 -10.98 -2.86 2.30
CA ARG A 27 -11.09 -2.94 3.74
C ARG A 27 -10.03 -3.78 4.46
N GLU A 28 -9.54 -4.80 3.75
CA GLU A 28 -9.37 -6.13 4.29
C GLU A 28 -8.08 -6.18 5.09
N GLU A 29 -8.18 -6.66 6.32
CA GLU A 29 -7.11 -6.62 7.29
C GLU A 29 -6.67 -5.18 7.58
N GLY A 30 -7.66 -4.38 7.99
CA GLY A 30 -7.46 -3.12 8.66
C GLY A 30 -7.03 -2.00 7.70
N ILE A 31 -7.47 -2.07 6.44
CA ILE A 31 -7.29 -0.99 5.47
C ILE A 31 -8.57 -0.14 5.45
N TYR A 32 -8.46 1.17 5.21
CA TYR A 32 -9.60 1.94 4.73
C TYR A 32 -9.16 3.07 3.80
N SER A 33 -8.30 2.75 2.87
CA SER A 33 -8.17 3.34 1.54
C SER A 33 -7.28 2.42 0.72
N ILE A 34 -7.51 2.33 -0.58
CA ILE A 34 -6.63 1.55 -1.43
C ILE A 34 -5.38 2.36 -1.81
N LEU A 35 -4.25 1.68 -1.69
CA LEU A 35 -2.91 2.19 -1.83
C LEU A 35 -2.51 2.32 -3.30
N VAL A 36 -3.18 3.18 -4.08
CA VAL A 36 -2.75 3.42 -5.44
C VAL A 36 -2.70 4.90 -5.81
N ALA A 37 -1.56 5.27 -6.39
CA ALA A 37 -1.40 6.38 -7.32
C ALA A 37 -0.46 5.86 -8.41
N LEU A 38 -1.00 5.02 -9.31
CA LEU A 38 -0.20 4.56 -10.46
C LEU A 38 0.35 5.74 -11.21
N MET A 39 -0.47 6.79 -11.34
CA MET A 39 -0.23 7.84 -12.30
C MET A 39 0.73 8.87 -11.67
N ALA A 40 1.77 8.37 -11.01
CA ALA A 40 2.70 9.05 -10.12
C ALA A 40 3.72 8.00 -9.66
N GLY A 41 3.24 6.77 -9.45
CA GLY A 41 4.02 5.54 -9.47
C GLY A 41 4.18 5.04 -8.04
N LYS A 42 3.08 5.03 -7.28
CA LYS A 42 3.13 5.04 -5.84
C LYS A 42 1.85 4.41 -5.30
N ALA A 43 1.80 4.27 -3.99
CA ALA A 43 0.71 3.67 -3.26
C ALA A 43 0.55 4.44 -1.94
N GLU A 44 -0.68 4.65 -1.46
CA GLU A 44 -0.93 5.19 -0.14
C GLU A 44 -1.99 4.42 0.65
N VAL A 45 -1.55 3.51 1.51
CA VAL A 45 -2.43 2.71 2.29
C VAL A 45 -2.88 3.55 3.49
N ARG A 46 -4.18 3.86 3.55
CA ARG A 46 -4.82 4.32 4.77
C ARG A 46 -5.26 3.07 5.51
N TYR A 47 -4.83 2.92 6.76
CA TYR A 47 -4.87 1.66 7.46
C TYR A 47 -4.85 1.88 8.97
N ASN A 48 -5.08 0.81 9.72
CA ASN A 48 -4.96 0.78 11.16
C ASN A 48 -3.72 -0.03 11.56
N PRO A 49 -2.54 0.59 11.64
CA PRO A 49 -1.39 -0.02 12.30
C PRO A 49 -1.73 -0.26 13.77
N ALA A 50 -2.31 -1.44 13.98
CA ALA A 50 -2.60 -2.14 15.21
C ALA A 50 -3.03 -3.54 14.78
N VAL A 51 -4.08 -3.60 13.95
CA VAL A 51 -4.59 -4.81 13.36
C VAL A 51 -3.50 -5.49 12.53
N ILE A 52 -2.91 -4.74 11.60
CA ILE A 52 -2.04 -5.31 10.56
C ILE A 52 -0.57 -5.28 10.98
N GLN A 53 0.04 -4.08 10.97
CA GLN A 53 1.44 -3.72 11.24
C GLN A 53 2.03 -3.11 9.97
N PRO A 54 2.76 -1.98 10.04
CA PRO A 54 3.50 -1.43 8.91
C PRO A 54 4.39 -2.43 8.17
N PRO A 55 5.26 -3.20 8.85
CA PRO A 55 5.89 -4.33 8.21
C PRO A 55 4.86 -5.20 7.53
N MET A 56 3.82 -5.65 8.25
CA MET A 56 2.95 -6.65 7.65
C MET A 56 2.25 -6.11 6.40
N ILE A 57 1.85 -4.84 6.39
CA ILE A 57 1.21 -4.29 5.20
C ILE A 57 2.23 -4.13 4.06
N ALA A 58 3.42 -3.60 4.37
CA ALA A 58 4.50 -3.48 3.40
C ALA A 58 4.93 -4.84 2.82
N GLU A 59 4.85 -5.90 3.61
CA GLU A 59 5.11 -7.26 3.25
C GLU A 59 4.03 -7.83 2.34
N PHE A 60 2.79 -7.87 2.81
CA PHE A 60 1.66 -8.49 2.11
C PHE A 60 1.68 -8.18 0.61
N ILE A 61 1.92 -6.91 0.28
CA ILE A 61 1.93 -6.41 -1.08
C ILE A 61 2.96 -7.16 -1.92
N ARG A 62 4.21 -7.24 -1.46
CA ARG A 62 5.27 -7.90 -2.21
C ARG A 62 5.04 -9.41 -2.20
N GLU A 63 4.81 -9.96 -1.01
CA GLU A 63 4.70 -11.39 -0.81
C GLU A 63 3.56 -11.99 -1.64
N LEU A 64 2.46 -11.26 -1.83
CA LEU A 64 1.42 -11.68 -2.77
C LEU A 64 1.77 -11.28 -4.21
N GLY A 65 2.16 -10.02 -4.42
CA GLY A 65 2.40 -9.50 -5.75
C GLY A 65 3.89 -9.59 -6.13
N PHE A 66 4.62 -8.50 -5.86
CA PHE A 66 5.81 -8.15 -6.61
C PHE A 66 6.96 -7.72 -5.72
N GLY A 67 6.83 -6.53 -5.15
CA GLY A 67 7.99 -5.80 -4.71
C GLY A 67 7.53 -4.43 -4.25
N ALA A 68 7.75 -4.11 -2.98
CA ALA A 68 7.25 -2.88 -2.37
C ALA A 68 8.10 -2.50 -1.17
N THR A 69 8.00 -1.23 -0.75
CA THR A 69 8.72 -0.69 0.41
C THR A 69 7.93 0.48 0.97
N VAL A 70 7.99 0.71 2.28
CA VAL A 70 7.26 1.78 2.95
C VAL A 70 8.02 3.11 2.82
N ILE A 71 7.29 4.21 2.67
CA ILE A 71 7.81 5.55 2.49
C ILE A 71 7.04 6.48 3.45
N GLU A 72 7.73 7.44 4.08
CA GLU A 72 7.13 8.40 4.99
C GLU A 72 8.03 9.63 5.07
N ASN A 73 7.45 10.75 5.52
CA ASN A 73 8.14 12.03 5.64
C ASN A 73 8.73 12.11 7.05
N ILE A 74 9.98 11.69 7.20
CA ILE A 74 10.71 11.84 8.46
C ILE A 74 10.72 13.31 8.91
N GLU A 75 10.67 13.54 10.22
CA GLU A 75 10.72 14.84 10.87
C GLU A 75 11.46 14.64 12.19
N GLY A 76 11.98 15.72 12.78
CA GLY A 76 12.73 15.69 14.02
C GLY A 76 12.53 16.98 14.80
N ARG A 77 13.63 17.69 15.09
CA ARG A 77 13.67 19.03 15.63
C ARG A 77 14.92 19.66 15.03
CU CU B . 2.47 -3.29 -10.60
N ASN A 1 -7.70 3.39 16.40
CA ASN A 1 -6.63 4.31 15.95
C ASN A 1 -6.26 3.90 14.53
N SER A 2 -5.82 4.84 13.70
CA SER A 2 -5.51 4.60 12.29
C SER A 2 -4.35 5.50 11.89
N SER A 3 -3.68 5.18 10.78
CA SER A 3 -2.67 6.04 10.18
C SER A 3 -2.80 5.96 8.66
N LYS A 4 -2.08 6.86 7.98
CA LYS A 4 -1.76 6.79 6.58
C LYS A 4 -0.29 6.38 6.47
N CYS A 5 0.14 5.83 5.33
CA CYS A 5 1.56 5.64 5.02
C CYS A 5 1.73 5.58 3.49
N TYR A 6 2.91 5.91 2.97
CA TYR A 6 3.24 5.95 1.55
C TYR A 6 4.14 4.75 1.23
N ILE A 7 3.82 4.08 0.13
CA ILE A 7 4.43 2.85 -0.33
C ILE A 7 4.82 3.10 -1.79
N GLN A 8 5.99 2.62 -2.21
CA GLN A 8 6.50 2.77 -3.53
C GLN A 8 6.49 1.37 -4.12
N VAL A 9 5.80 1.21 -5.24
CA VAL A 9 5.69 -0.05 -5.96
C VAL A 9 6.56 0.03 -7.21
N THR A 10 6.70 -1.09 -7.94
CA THR A 10 7.62 -1.20 -9.07
C THR A 10 6.92 -1.89 -10.26
N GLY A 11 6.27 -1.09 -11.10
CA GLY A 11 5.64 -1.49 -12.35
C GLY A 11 4.52 -0.51 -12.67
N MET A 12 3.53 -0.46 -11.77
CA MET A 12 2.45 0.52 -11.73
C MET A 12 1.53 0.37 -12.95
N THR A 13 2.00 0.76 -14.13
CA THR A 13 1.29 0.63 -15.39
C THR A 13 1.43 -0.81 -15.87
N CYS A 14 1.10 -1.76 -14.99
CA CYS A 14 1.08 -3.18 -15.28
C CYS A 14 -0.33 -3.54 -15.73
N ALA A 15 -0.53 -4.80 -16.12
CA ALA A 15 -1.87 -5.33 -16.30
C ALA A 15 -2.51 -5.59 -14.94
N SER A 16 -2.88 -4.52 -14.26
CA SER A 16 -3.87 -4.54 -13.19
C SER A 16 -3.32 -5.13 -11.88
N CYS A 17 -2.01 -5.03 -11.69
CA CYS A 17 -1.37 -5.08 -10.37
C CYS A 17 -2.16 -4.22 -9.40
N VAL A 18 -2.55 -3.05 -9.90
CA VAL A 18 -3.27 -2.05 -9.17
C VAL A 18 -4.63 -2.58 -8.75
N ALA A 19 -5.39 -3.13 -9.70
CA ALA A 19 -6.64 -3.82 -9.42
C ALA A 19 -6.43 -4.89 -8.35
N ASN A 20 -5.36 -5.67 -8.47
CA ASN A 20 -5.00 -6.66 -7.45
C ASN A 20 -4.86 -5.95 -6.10
N ILE A 21 -4.08 -4.87 -6.05
CA ILE A 21 -3.83 -4.11 -4.85
C ILE A 21 -5.18 -3.60 -4.29
N GLU A 22 -5.92 -2.80 -5.04
CA GLU A 22 -7.29 -2.38 -4.71
C GLU A 22 -8.12 -3.52 -4.10
N ARG A 23 -8.21 -4.66 -4.79
CA ARG A 23 -8.94 -5.81 -4.28
C ARG A 23 -8.38 -6.32 -2.95
N ASN A 24 -7.06 -6.43 -2.84
CA ASN A 24 -6.41 -6.88 -1.61
C ASN A 24 -6.84 -5.96 -0.47
N LEU A 25 -6.60 -4.66 -0.66
CA LEU A 25 -6.79 -3.65 0.35
C LEU A 25 -8.25 -3.31 0.63
N ARG A 26 -9.19 -3.51 -0.30
CA ARG A 26 -10.53 -2.97 -0.08
C ARG A 26 -11.29 -3.58 1.10
N ARG A 27 -10.84 -4.72 1.61
CA ARG A 27 -11.66 -5.65 2.38
C ARG A 27 -12.14 -5.08 3.72
N GLU A 28 -11.45 -4.05 4.19
CA GLU A 28 -11.64 -3.46 5.50
C GLU A 28 -11.10 -4.35 6.62
N GLU A 29 -10.18 -5.23 6.24
CA GLU A 29 -9.38 -6.09 7.08
C GLU A 29 -8.27 -5.25 7.74
N GLY A 30 -8.68 -4.24 8.49
CA GLY A 30 -7.79 -3.32 9.17
C GLY A 30 -7.15 -2.28 8.25
N ILE A 31 -7.88 -1.88 7.21
CA ILE A 31 -7.45 -1.06 6.09
C ILE A 31 -8.62 -0.15 5.77
N TYR A 32 -8.38 1.15 5.53
CA TYR A 32 -9.45 2.03 5.05
C TYR A 32 -8.92 3.08 4.09
N SER A 33 -8.13 2.60 3.15
CA SER A 33 -7.88 3.09 1.80
C SER A 33 -7.20 1.94 1.06
N ILE A 34 -6.84 2.17 -0.20
CA ILE A 34 -6.09 1.25 -1.02
C ILE A 34 -4.85 1.95 -1.57
N LEU A 35 -3.67 1.37 -1.37
CA LEU A 35 -2.43 1.98 -1.78
C LEU A 35 -2.21 1.81 -3.28
N VAL A 36 -3.00 2.51 -4.09
CA VAL A 36 -2.65 2.78 -5.45
C VAL A 36 -2.66 4.28 -5.69
N ALA A 37 -1.66 4.70 -6.46
CA ALA A 37 -1.51 6.01 -7.04
C ALA A 37 -0.60 5.86 -8.27
N LEU A 38 -1.04 5.02 -9.22
CA LEU A 38 -0.26 4.68 -10.40
C LEU A 38 0.12 5.90 -11.21
N MET A 39 -0.75 6.91 -11.19
CA MET A 39 -0.63 7.97 -12.16
C MET A 39 0.69 8.72 -11.92
N ALA A 40 1.00 8.93 -10.64
CA ALA A 40 2.30 9.39 -10.19
C ALA A 40 3.30 8.22 -10.22
N GLY A 41 2.85 7.04 -9.77
CA GLY A 41 3.63 5.80 -9.80
C GLY A 41 3.97 5.39 -8.38
N LYS A 42 2.94 5.22 -7.54
CA LYS A 42 3.12 5.04 -6.10
C LYS A 42 1.84 4.40 -5.58
N ALA A 43 1.80 4.20 -4.27
CA ALA A 43 0.79 3.49 -3.56
C ALA A 43 0.67 4.20 -2.20
N GLU A 44 -0.53 4.57 -1.71
CA GLU A 44 -0.65 5.19 -0.40
C GLU A 44 -1.80 4.64 0.44
N VAL A 45 -1.48 3.98 1.54
CA VAL A 45 -2.39 3.25 2.37
C VAL A 45 -2.97 4.15 3.45
N ARG A 46 -4.21 3.87 3.88
CA ARG A 46 -4.77 4.31 5.15
C ARG A 46 -5.25 3.03 5.82
N TYR A 47 -4.90 2.82 7.10
CA TYR A 47 -5.01 1.53 7.74
C TYR A 47 -5.02 1.66 9.24
N ASN A 48 -5.34 0.56 9.95
CA ASN A 48 -5.19 0.50 11.40
C ASN A 48 -3.97 -0.33 11.85
N PRO A 49 -2.81 0.31 12.14
CA PRO A 49 -1.63 -0.40 12.61
C PRO A 49 -1.80 -0.89 14.06
N ALA A 50 -2.63 -1.92 14.21
CA ALA A 50 -2.84 -2.68 15.42
C ALA A 50 -3.21 -4.09 14.97
N VAL A 51 -4.27 -4.20 14.17
CA VAL A 51 -4.66 -5.43 13.51
C VAL A 51 -3.51 -5.91 12.63
N ILE A 52 -3.03 -5.03 11.73
CA ILE A 52 -2.18 -5.45 10.63
C ILE A 52 -0.69 -5.37 11.02
N GLN A 53 -0.13 -4.16 11.11
CA GLN A 53 1.27 -3.75 11.41
C GLN A 53 1.85 -3.09 10.16
N PRO A 54 2.58 -1.97 10.28
CA PRO A 54 3.27 -1.31 9.16
C PRO A 54 4.18 -2.24 8.33
N PRO A 55 5.09 -3.02 8.93
CA PRO A 55 5.76 -4.07 8.20
C PRO A 55 4.74 -4.99 7.54
N MET A 56 3.72 -5.46 8.29
CA MET A 56 2.91 -6.52 7.74
C MET A 56 2.07 -6.02 6.59
N ILE A 57 1.62 -4.76 6.59
CA ILE A 57 0.82 -4.30 5.46
C ILE A 57 1.68 -4.26 4.19
N ALA A 58 2.85 -3.62 4.25
CA ALA A 58 3.81 -3.56 3.16
C ALA A 58 4.11 -4.96 2.64
N GLU A 59 4.51 -5.85 3.53
CA GLU A 59 4.88 -7.19 3.17
C GLU A 59 3.68 -7.98 2.62
N PHE A 60 2.47 -7.82 3.16
CA PHE A 60 1.29 -8.44 2.58
C PHE A 60 1.13 -8.08 1.12
N ILE A 61 1.52 -6.86 0.73
CA ILE A 61 1.55 -6.49 -0.68
C ILE A 61 2.53 -7.44 -1.38
N ARG A 62 3.75 -7.51 -0.85
CA ARG A 62 4.85 -8.29 -1.37
C ARG A 62 4.54 -9.78 -1.53
N GLU A 63 3.95 -10.41 -0.52
CA GLU A 63 3.65 -11.85 -0.43
C GLU A 63 3.01 -12.39 -1.70
N LEU A 64 2.18 -11.59 -2.36
CA LEU A 64 1.42 -12.01 -3.52
C LEU A 64 2.29 -12.02 -4.78
N GLY A 65 3.45 -11.35 -4.75
CA GLY A 65 4.49 -11.40 -5.76
C GLY A 65 4.93 -10.01 -6.17
N PHE A 66 5.26 -9.15 -5.20
CA PHE A 66 5.47 -7.72 -5.45
C PHE A 66 6.70 -7.14 -4.74
N GLY A 67 7.00 -5.91 -5.15
CA GLY A 67 7.93 -4.99 -4.53
C GLY A 67 7.09 -3.82 -4.04
N ALA A 68 7.22 -3.47 -2.76
CA ALA A 68 6.39 -2.48 -2.09
C ALA A 68 7.19 -1.88 -0.94
N THR A 69 8.06 -0.90 -1.24
CA THR A 69 8.96 -0.29 -0.28
C THR A 69 8.22 0.83 0.45
N VAL A 70 8.39 0.95 1.77
CA VAL A 70 7.69 1.93 2.57
C VAL A 70 8.46 3.25 2.51
N ILE A 71 7.89 4.23 1.81
CA ILE A 71 8.52 5.50 1.48
C ILE A 71 7.58 6.64 1.84
N GLU A 72 7.24 6.72 3.12
CA GLU A 72 6.82 7.97 3.75
C GLU A 72 8.06 8.81 4.07
N ASN A 73 7.82 10.04 4.57
CA ASN A 73 8.88 10.94 5.02
C ASN A 73 9.98 11.08 3.97
N ILE A 74 9.56 11.29 2.72
CA ILE A 74 10.44 11.48 1.57
C ILE A 74 11.08 12.88 1.62
N GLU A 75 12.13 13.10 0.83
CA GLU A 75 12.81 14.39 0.69
C GLU A 75 13.36 14.90 2.03
N GLY A 76 14.06 14.01 2.75
CA GLY A 76 14.89 14.42 3.87
C GLY A 76 16.05 15.29 3.37
N ARG A 77 16.63 16.10 4.25
CA ARG A 77 17.73 17.00 3.98
C ARG A 77 18.41 17.17 5.35
CU CU B . 3.03 -4.83 -11.64
N ASN A 1 -9.05 6.28 14.58
CA ASN A 1 -8.37 4.98 14.45
C ASN A 1 -8.09 4.67 12.98
N SER A 2 -7.17 5.42 12.37
CA SER A 2 -6.64 5.20 11.03
C SER A 2 -5.46 6.16 10.85
N SER A 3 -4.51 5.86 9.97
CA SER A 3 -3.37 6.71 9.66
C SER A 3 -2.89 6.35 8.25
N LYS A 4 -2.26 7.29 7.54
CA LYS A 4 -1.68 7.07 6.23
C LYS A 4 -0.22 6.64 6.31
N CYS A 5 0.27 6.04 5.22
CA CYS A 5 1.68 5.79 4.95
C CYS A 5 1.80 5.69 3.42
N TYR A 6 2.97 5.92 2.82
CA TYR A 6 3.19 5.67 1.41
C TYR A 6 3.87 4.30 1.27
N ILE A 7 3.56 3.61 0.19
CA ILE A 7 4.18 2.35 -0.19
C ILE A 7 4.61 2.55 -1.64
N GLN A 8 5.92 2.57 -1.92
CA GLN A 8 6.39 2.60 -3.27
C GLN A 8 6.35 1.13 -3.73
N VAL A 9 5.65 0.88 -4.85
CA VAL A 9 5.33 -0.48 -5.28
C VAL A 9 5.96 -0.78 -6.64
N THR A 10 7.10 -1.47 -6.61
CA THR A 10 7.85 -1.84 -7.81
C THR A 10 7.02 -2.84 -8.62
N GLY A 11 6.26 -2.33 -9.59
CA GLY A 11 5.34 -3.08 -10.42
C GLY A 11 4.00 -2.40 -10.59
N MET A 12 3.85 -1.20 -10.05
CA MET A 12 2.77 -0.31 -10.46
C MET A 12 2.63 -0.31 -12.00
N THR A 13 3.76 -0.18 -12.70
CA THR A 13 3.84 -0.22 -14.16
C THR A 13 3.68 -1.64 -14.72
N CYS A 14 3.26 -2.62 -13.91
CA CYS A 14 2.68 -3.85 -14.40
C CYS A 14 1.47 -3.47 -15.28
N ALA A 15 0.70 -2.48 -14.78
CA ALA A 15 -0.55 -1.96 -15.32
C ALA A 15 -1.73 -2.83 -14.86
N SER A 16 -2.90 -2.23 -14.61
CA SER A 16 -4.15 -2.93 -14.28
C SER A 16 -4.19 -3.56 -12.88
N CYS A 17 -3.05 -4.00 -12.36
CA CYS A 17 -2.84 -4.71 -11.11
C CYS A 17 -3.24 -3.88 -9.91
N VAL A 18 -3.36 -2.56 -10.11
CA VAL A 18 -4.15 -1.73 -9.22
C VAL A 18 -5.46 -2.40 -8.80
N ALA A 19 -6.18 -3.03 -9.74
CA ALA A 19 -7.37 -3.83 -9.46
C ALA A 19 -7.08 -4.89 -8.37
N ASN A 20 -5.96 -5.61 -8.53
CA ASN A 20 -5.51 -6.58 -7.54
C ASN A 20 -5.31 -5.87 -6.20
N ILE A 21 -4.55 -4.77 -6.20
CA ILE A 21 -4.25 -4.00 -4.99
C ILE A 21 -5.57 -3.62 -4.30
N GLU A 22 -6.44 -2.90 -5.01
CA GLU A 22 -7.77 -2.53 -4.56
C GLU A 22 -8.47 -3.72 -3.88
N ARG A 23 -8.68 -4.82 -4.61
CA ARG A 23 -9.42 -5.94 -4.07
C ARG A 23 -8.72 -6.54 -2.85
N ASN A 24 -7.41 -6.80 -2.95
CA ASN A 24 -6.61 -7.38 -1.87
C ASN A 24 -6.86 -6.59 -0.60
N LEU A 25 -6.54 -5.30 -0.64
CA LEU A 25 -6.54 -4.47 0.55
C LEU A 25 -7.98 -4.25 1.03
N ARG A 26 -8.93 -4.20 0.09
CA ARG A 26 -10.35 -4.34 0.33
C ARG A 26 -10.85 -5.68 0.89
N ARG A 27 -9.99 -6.63 1.20
CA ARG A 27 -10.32 -7.49 2.35
C ARG A 27 -10.87 -6.68 3.54
N GLU A 28 -10.35 -5.46 3.73
CA GLU A 28 -10.75 -4.48 4.74
C GLU A 28 -10.16 -4.80 6.11
N GLU A 29 -8.96 -5.37 6.07
CA GLU A 29 -8.16 -5.77 7.20
C GLU A 29 -7.55 -4.53 7.88
N GLY A 30 -8.40 -3.75 8.55
CA GLY A 30 -7.99 -2.53 9.24
C GLY A 30 -7.52 -1.45 8.27
N ILE A 31 -8.05 -1.49 7.05
CA ILE A 31 -7.80 -0.60 5.93
C ILE A 31 -8.90 0.45 5.86
N TYR A 32 -8.55 1.72 5.55
CA TYR A 32 -9.54 2.69 5.12
C TYR A 32 -8.98 3.73 4.13
N SER A 33 -8.18 3.22 3.21
CA SER A 33 -7.99 3.57 1.81
C SER A 33 -7.20 2.42 1.22
N ILE A 34 -7.38 2.12 -0.06
CA ILE A 34 -6.42 1.30 -0.76
C ILE A 34 -5.28 2.19 -1.23
N LEU A 35 -4.10 1.59 -1.35
CA LEU A 35 -2.87 2.16 -1.80
C LEU A 35 -2.76 2.08 -3.31
N VAL A 36 -3.44 2.97 -4.03
CA VAL A 36 -3.15 3.14 -5.43
C VAL A 36 -3.09 4.62 -5.77
N ALA A 37 -2.08 4.95 -6.58
CA ALA A 37 -1.98 6.20 -7.31
C ALA A 37 -1.09 5.96 -8.52
N LEU A 38 -1.50 5.01 -9.37
CA LEU A 38 -0.73 4.54 -10.52
C LEU A 38 -0.52 5.68 -11.52
N MET A 39 -1.46 6.64 -11.58
CA MET A 39 -1.29 7.88 -12.33
C MET A 39 0.08 8.52 -12.07
N ALA A 40 0.53 8.51 -10.81
CA ALA A 40 1.88 8.94 -10.46
C ALA A 40 2.85 7.75 -10.55
N GLY A 41 2.40 6.59 -10.06
CA GLY A 41 3.13 5.34 -10.06
C GLY A 41 3.43 4.97 -8.62
N LYS A 42 2.39 4.92 -7.77
CA LYS A 42 2.55 4.90 -6.34
C LYS A 42 1.35 4.18 -5.74
N ALA A 43 1.43 4.01 -4.43
CA ALA A 43 0.52 3.26 -3.62
C ALA A 43 0.48 3.97 -2.26
N GLU A 44 -0.68 4.47 -1.83
CA GLU A 44 -0.82 5.32 -0.66
C GLU A 44 -1.90 4.79 0.29
N VAL A 45 -1.48 4.04 1.31
CA VAL A 45 -2.37 3.32 2.17
C VAL A 45 -2.95 4.27 3.23
N ARG A 46 -4.19 4.01 3.65
CA ARG A 46 -4.70 4.46 4.93
C ARG A 46 -5.17 3.20 5.65
N TYR A 47 -4.70 3.00 6.88
CA TYR A 47 -4.87 1.75 7.61
C TYR A 47 -4.73 2.03 9.09
N ASN A 48 -4.95 1.05 9.96
CA ASN A 48 -4.76 1.21 11.39
C ASN A 48 -3.52 0.44 11.90
N PRO A 49 -2.39 1.11 12.19
CA PRO A 49 -1.18 0.46 12.67
C PRO A 49 -1.34 -0.06 14.10
N ALA A 50 -2.05 -1.18 14.22
CA ALA A 50 -2.15 -2.02 15.40
C ALA A 50 -2.75 -3.36 14.97
N VAL A 51 -3.83 -3.27 14.18
CA VAL A 51 -4.54 -4.38 13.61
C VAL A 51 -3.62 -5.15 12.66
N ILE A 52 -2.89 -4.45 11.79
CA ILE A 52 -2.17 -5.07 10.68
C ILE A 52 -0.66 -4.98 10.84
N GLN A 53 -0.07 -3.79 10.65
CA GLN A 53 1.33 -3.39 10.82
C GLN A 53 2.01 -3.10 9.48
N PRO A 54 2.73 -1.97 9.34
CA PRO A 54 3.50 -1.61 8.14
C PRO A 54 4.37 -2.71 7.53
N PRO A 55 5.26 -3.39 8.28
CA PRO A 55 5.96 -4.53 7.74
C PRO A 55 4.97 -5.54 7.17
N MET A 56 3.91 -5.85 7.93
CA MET A 56 2.95 -6.84 7.49
C MET A 56 2.25 -6.41 6.19
N ILE A 57 1.77 -5.16 6.06
CA ILE A 57 1.19 -4.74 4.79
C ILE A 57 2.21 -4.79 3.65
N ALA A 58 3.42 -4.28 3.89
CA ALA A 58 4.48 -4.30 2.89
C ALA A 58 4.70 -5.72 2.36
N GLU A 59 4.90 -6.66 3.28
CA GLU A 59 5.08 -8.04 2.95
C GLU A 59 3.86 -8.62 2.26
N PHE A 60 2.64 -8.41 2.77
CA PHE A 60 1.43 -8.87 2.11
C PHE A 60 1.42 -8.52 0.63
N ILE A 61 1.85 -7.29 0.31
CA ILE A 61 1.93 -6.84 -1.08
C ILE A 61 2.99 -7.64 -1.84
N ARG A 62 4.14 -7.92 -1.22
CA ARG A 62 5.21 -8.71 -1.80
C ARG A 62 4.78 -10.16 -2.05
N GLU A 63 4.21 -10.82 -1.04
CA GLU A 63 3.81 -12.22 -1.04
C GLU A 63 3.09 -12.60 -2.34
N LEU A 64 2.03 -11.86 -2.68
CA LEU A 64 1.25 -12.11 -3.88
C LEU A 64 1.65 -11.22 -5.06
N GLY A 65 2.11 -9.98 -4.82
CA GLY A 65 2.22 -8.96 -5.85
C GLY A 65 3.66 -8.54 -6.15
N PHE A 66 4.18 -7.58 -5.38
CA PHE A 66 5.14 -6.61 -5.90
C PHE A 66 6.16 -6.15 -4.88
N GLY A 67 7.30 -5.70 -5.40
CA GLY A 67 8.40 -5.21 -4.60
C GLY A 67 8.06 -3.88 -3.95
N ALA A 68 7.36 -4.00 -2.83
CA ALA A 68 6.90 -2.89 -2.00
C ALA A 68 8.02 -2.44 -1.09
N THR A 69 8.12 -1.14 -0.81
CA THR A 69 8.92 -0.57 0.25
C THR A 69 8.11 0.60 0.81
N VAL A 70 8.11 0.78 2.13
CA VAL A 70 7.33 1.81 2.79
C VAL A 70 8.10 3.13 2.75
N ILE A 71 7.38 4.25 2.62
CA ILE A 71 7.92 5.60 2.51
C ILE A 71 6.99 6.52 3.33
N GLU A 72 7.55 7.58 3.92
CA GLU A 72 6.84 8.70 4.52
C GLU A 72 7.92 9.72 4.91
N ASN A 73 7.54 10.82 5.56
CA ASN A 73 8.47 11.82 6.04
C ASN A 73 7.78 12.58 7.19
N ILE A 74 8.58 13.20 8.06
CA ILE A 74 8.08 14.06 9.12
C ILE A 74 7.65 15.41 8.51
N GLU A 75 6.85 16.18 9.24
CA GLU A 75 6.44 17.53 8.91
C GLU A 75 6.50 18.32 10.23
N GLY A 76 6.71 19.64 10.18
CA GLY A 76 6.86 20.45 11.37
C GLY A 76 7.55 21.79 11.05
N ARG A 77 7.93 22.53 12.09
CA ARG A 77 8.61 23.80 12.01
C ARG A 77 9.46 23.86 13.26
CU CU B . 0.77 -7.46 -12.32
N ASN A 1 -8.80 4.18 14.47
CA ASN A 1 -7.76 5.09 13.97
C ASN A 1 -7.65 4.89 12.45
N SER A 2 -7.10 5.85 11.72
CA SER A 2 -6.77 5.68 10.31
C SER A 2 -5.61 6.60 9.97
N SER A 3 -4.42 6.02 9.90
CA SER A 3 -3.15 6.69 9.66
C SER A 3 -2.68 6.31 8.26
N LYS A 4 -2.03 7.24 7.54
CA LYS A 4 -1.56 7.02 6.17
C LYS A 4 -0.10 6.59 6.17
N CYS A 5 0.38 6.04 5.05
CA CYS A 5 1.80 6.04 4.72
C CYS A 5 1.96 5.96 3.20
N TYR A 6 3.21 6.07 2.72
CA TYR A 6 3.56 6.11 1.32
C TYR A 6 4.54 4.97 1.04
N ILE A 7 4.40 4.34 -0.13
CA ILE A 7 5.04 3.09 -0.49
C ILE A 7 5.35 3.16 -1.99
N GLN A 8 6.58 2.79 -2.37
CA GLN A 8 6.91 2.53 -3.76
C GLN A 8 6.50 1.08 -4.00
N VAL A 9 5.66 0.85 -5.02
CA VAL A 9 5.21 -0.48 -5.42
C VAL A 9 5.85 -0.80 -6.77
N THR A 10 6.90 -1.62 -6.76
CA THR A 10 7.55 -2.07 -7.98
C THR A 10 6.63 -3.05 -8.71
N GLY A 11 5.67 -2.47 -9.42
CA GLY A 11 4.72 -3.08 -10.35
C GLY A 11 4.00 -1.92 -11.06
N MET A 12 3.44 -0.99 -10.28
CA MET A 12 2.78 0.25 -10.70
C MET A 12 1.52 -0.03 -11.54
N THR A 13 1.71 -0.58 -12.73
CA THR A 13 0.64 -1.04 -13.60
C THR A 13 1.20 -2.19 -14.45
N CYS A 14 1.76 -3.20 -13.77
CA CYS A 14 2.23 -4.44 -14.37
C CYS A 14 1.19 -4.95 -15.39
N ALA A 15 -0.06 -5.02 -14.94
CA ALA A 15 -1.27 -4.98 -15.74
C ALA A 15 -2.44 -4.90 -14.77
N SER A 16 -2.90 -3.67 -14.50
CA SER A 16 -3.92 -3.41 -13.50
C SER A 16 -3.46 -3.91 -12.11
N CYS A 17 -2.19 -3.64 -11.82
CA CYS A 17 -1.56 -3.72 -10.50
C CYS A 17 -2.51 -3.12 -9.48
N VAL A 18 -3.10 -1.99 -9.88
CA VAL A 18 -3.94 -1.16 -9.08
C VAL A 18 -5.23 -1.86 -8.71
N ALA A 19 -5.93 -2.37 -9.73
CA ALA A 19 -7.10 -3.22 -9.57
C ALA A 19 -6.77 -4.37 -8.62
N ASN A 20 -5.62 -5.01 -8.86
CA ASN A 20 -5.13 -6.08 -8.02
C ASN A 20 -5.05 -5.58 -6.57
N ILE A 21 -4.35 -4.47 -6.35
CA ILE A 21 -4.20 -3.83 -5.05
C ILE A 21 -5.57 -3.59 -4.41
N GLU A 22 -6.50 -2.90 -5.08
CA GLU A 22 -7.81 -2.60 -4.54
C GLU A 22 -8.44 -3.87 -3.99
N ARG A 23 -8.61 -4.86 -4.88
CA ARG A 23 -9.26 -6.10 -4.56
C ARG A 23 -8.51 -6.85 -3.45
N ASN A 24 -7.17 -6.81 -3.47
CA ASN A 24 -6.35 -7.44 -2.45
C ASN A 24 -6.63 -6.80 -1.09
N LEU A 25 -6.39 -5.48 -0.98
CA LEU A 25 -6.19 -4.86 0.30
C LEU A 25 -7.51 -4.68 1.01
N ARG A 26 -8.42 -3.87 0.47
CA ARG A 26 -9.58 -3.29 1.17
C ARG A 26 -10.46 -4.28 1.90
N ARG A 27 -10.33 -5.58 1.60
CA ARG A 27 -11.13 -6.67 2.09
C ARG A 27 -11.61 -6.35 3.50
N GLU A 28 -10.65 -6.13 4.38
CA GLU A 28 -10.87 -5.99 5.80
C GLU A 28 -9.61 -5.45 6.43
N GLU A 29 -8.93 -6.30 7.16
CA GLU A 29 -7.51 -6.25 7.49
C GLU A 29 -7.00 -4.86 7.92
N GLY A 30 -7.87 -4.07 8.54
CA GLY A 30 -7.54 -2.73 8.98
C GLY A 30 -7.12 -1.80 7.84
N ILE A 31 -7.65 -1.98 6.62
CA ILE A 31 -7.49 -1.00 5.55
C ILE A 31 -8.46 0.14 5.81
N TYR A 32 -8.03 1.39 5.60
CA TYR A 32 -8.99 2.47 5.37
C TYR A 32 -8.43 3.56 4.42
N SER A 33 -7.65 3.14 3.42
CA SER A 33 -7.59 3.59 2.04
C SER A 33 -6.71 2.56 1.35
N ILE A 34 -6.98 2.19 0.09
CA ILE A 34 -6.05 1.35 -0.63
C ILE A 34 -4.93 2.20 -1.21
N LEU A 35 -3.74 1.62 -1.29
CA LEU A 35 -2.54 2.22 -1.79
C LEU A 35 -2.50 2.22 -3.30
N VAL A 36 -3.20 3.17 -3.92
CA VAL A 36 -2.93 3.47 -5.30
C VAL A 36 -2.75 4.97 -5.46
N ALA A 37 -1.76 5.30 -6.28
CA ALA A 37 -1.60 6.64 -6.83
C ALA A 37 -0.83 6.49 -8.14
N LEU A 38 -1.40 5.70 -9.04
CA LEU A 38 -0.79 5.29 -10.29
C LEU A 38 -0.76 6.45 -11.30
N MET A 39 -1.55 7.51 -11.06
CA MET A 39 -1.34 8.79 -11.72
C MET A 39 0.13 9.22 -11.63
N ALA A 40 0.79 8.92 -10.50
CA ALA A 40 2.23 9.09 -10.34
C ALA A 40 2.95 7.78 -10.63
N GLY A 41 2.46 6.67 -10.05
CA GLY A 41 3.10 5.37 -10.07
C GLY A 41 3.56 5.07 -8.66
N LYS A 42 2.63 4.92 -7.70
CA LYS A 42 3.00 4.66 -6.34
C LYS A 42 1.80 4.10 -5.60
N ALA A 43 2.05 3.72 -4.35
CA ALA A 43 1.16 3.08 -3.42
C ALA A 43 1.09 3.97 -2.18
N GLU A 44 -0.10 4.38 -1.73
CA GLU A 44 -0.26 5.14 -0.50
C GLU A 44 -1.48 4.72 0.31
N VAL A 45 -1.26 3.79 1.23
CA VAL A 45 -2.28 3.14 2.00
C VAL A 45 -2.71 4.06 3.15
N ARG A 46 -3.94 3.89 3.60
CA ARG A 46 -4.35 4.36 4.92
C ARG A 46 -4.87 3.14 5.66
N TYR A 47 -4.57 3.03 6.97
CA TYR A 47 -4.73 1.80 7.71
C TYR A 47 -4.98 2.11 9.18
N ASN A 48 -5.56 1.15 9.90
CA ASN A 48 -5.69 1.19 11.36
C ASN A 48 -4.58 0.35 12.02
N PRO A 49 -3.48 0.95 12.50
CA PRO A 49 -2.36 0.21 13.07
C PRO A 49 -2.70 -0.31 14.47
N ALA A 50 -3.51 -1.37 14.52
CA ALA A 50 -3.79 -2.16 15.71
C ALA A 50 -4.31 -3.53 15.29
N VAL A 51 -5.21 -3.54 14.30
CA VAL A 51 -5.65 -4.73 13.61
C VAL A 51 -4.43 -5.51 13.11
N ILE A 52 -3.62 -4.80 12.33
CA ILE A 52 -2.56 -5.39 11.54
C ILE A 52 -1.24 -4.70 11.90
N GLN A 53 -0.50 -4.23 10.89
CA GLN A 53 0.92 -3.96 11.02
C GLN A 53 1.42 -3.30 9.72
N PRO A 54 1.83 -2.02 9.73
CA PRO A 54 2.39 -1.32 8.58
C PRO A 54 3.49 -2.05 7.79
N PRO A 55 4.49 -2.69 8.42
CA PRO A 55 5.36 -3.59 7.70
C PRO A 55 4.54 -4.64 6.97
N MET A 56 3.70 -5.39 7.72
CA MET A 56 2.94 -6.49 7.12
C MET A 56 2.12 -6.05 5.91
N ILE A 57 1.36 -4.94 6.00
CA ILE A 57 0.54 -4.53 4.87
C ILE A 57 1.38 -4.25 3.62
N ALA A 58 2.55 -3.58 3.75
CA ALA A 58 3.46 -3.49 2.61
C ALA A 58 3.93 -4.89 2.17
N GLU A 59 4.57 -5.62 3.09
CA GLU A 59 5.20 -6.90 2.87
C GLU A 59 4.32 -7.85 2.10
N PHE A 60 3.07 -8.06 2.54
CA PHE A 60 2.12 -8.97 1.90
C PHE A 60 2.10 -8.82 0.38
N ILE A 61 2.19 -7.58 -0.11
CA ILE A 61 2.13 -7.29 -1.53
C ILE A 61 3.30 -7.97 -2.26
N ARG A 62 4.47 -8.02 -1.62
CA ARG A 62 5.66 -8.67 -2.16
C ARG A 62 5.39 -10.16 -2.34
N GLU A 63 5.09 -10.90 -1.25
CA GLU A 63 4.68 -12.28 -1.28
C GLU A 63 3.74 -12.59 -2.44
N LEU A 64 2.65 -11.83 -2.58
CA LEU A 64 1.66 -12.10 -3.62
C LEU A 64 2.02 -11.52 -4.99
N GLY A 65 2.95 -10.55 -5.10
CA GLY A 65 3.28 -9.98 -6.39
C GLY A 65 4.49 -9.03 -6.41
N PHE A 66 4.38 -7.87 -5.74
CA PHE A 66 5.06 -6.65 -6.19
C PHE A 66 5.85 -5.95 -5.09
N GLY A 67 6.96 -5.33 -5.48
CA GLY A 67 7.96 -4.84 -4.55
C GLY A 67 7.51 -3.57 -3.84
N ALA A 68 6.72 -3.78 -2.81
CA ALA A 68 6.15 -2.75 -1.94
C ALA A 68 7.15 -2.35 -0.86
N THR A 69 7.97 -1.33 -1.15
CA THR A 69 8.95 -0.75 -0.23
C THR A 69 8.36 0.52 0.38
N VAL A 70 8.33 0.64 1.70
CA VAL A 70 7.68 1.73 2.42
C VAL A 70 8.61 2.93 2.45
N ILE A 71 8.08 4.10 2.08
CA ILE A 71 8.80 5.36 1.96
C ILE A 71 7.89 6.49 2.44
N GLU A 72 7.53 6.44 3.72
CA GLU A 72 6.87 7.56 4.40
C GLU A 72 7.85 8.75 4.46
N ASN A 73 7.32 9.98 4.56
CA ASN A 73 8.00 11.24 4.85
C ASN A 73 7.09 12.41 4.50
N ILE A 74 6.86 13.30 5.46
CA ILE A 74 6.10 14.54 5.31
C ILE A 74 6.50 15.38 6.53
N GLU A 75 6.72 16.70 6.38
CA GLU A 75 7.19 17.63 7.41
C GLU A 75 8.04 17.00 8.51
N GLY A 76 9.22 16.47 8.16
CA GLY A 76 10.16 15.89 9.11
C GLY A 76 11.56 16.05 8.53
N ARG A 77 11.84 17.27 8.08
CA ARG A 77 12.65 17.49 6.88
C ARG A 77 11.84 16.96 5.68
CU CU B . 1.89 -5.12 -10.00
N ASN A 1 -6.38 5.44 15.26
CA ASN A 1 -5.38 5.01 14.27
C ASN A 1 -6.07 4.71 12.95
N SER A 2 -5.86 5.56 11.94
CA SER A 2 -6.46 5.42 10.62
C SER A 2 -5.71 6.33 9.64
N SER A 3 -4.41 6.07 9.54
CA SER A 3 -3.39 6.86 8.88
C SER A 3 -3.14 6.31 7.48
N LYS A 4 -2.34 7.00 6.67
CA LYS A 4 -2.03 6.58 5.31
C LYS A 4 -0.52 6.64 5.03
N CYS A 5 -0.05 5.81 4.10
CA CYS A 5 1.36 5.65 3.76
C CYS A 5 1.49 5.36 2.27
N TYR A 6 2.65 5.67 1.70
CA TYR A 6 3.04 5.37 0.32
C TYR A 6 3.88 4.10 0.33
N ILE A 7 3.61 3.21 -0.63
CA ILE A 7 4.26 1.91 -0.75
C ILE A 7 4.50 1.69 -2.25
N GLN A 8 5.74 1.44 -2.69
CA GLN A 8 6.00 1.22 -4.10
C GLN A 8 5.60 -0.20 -4.50
N VAL A 9 5.39 -0.42 -5.79
CA VAL A 9 4.85 -1.68 -6.28
C VAL A 9 5.56 -2.16 -7.56
N THR A 10 5.82 -3.46 -7.65
CA THR A 10 6.55 -4.08 -8.76
C THR A 10 5.71 -4.24 -10.02
N GLY A 11 5.30 -3.11 -10.59
CA GLY A 11 4.92 -3.00 -11.99
C GLY A 11 4.99 -1.52 -12.33
N MET A 12 4.18 -0.73 -11.63
CA MET A 12 4.04 0.71 -11.84
C MET A 12 3.70 1.02 -13.30
N THR A 13 3.16 0.03 -14.02
CA THR A 13 3.20 -0.06 -15.47
C THR A 13 2.12 -1.02 -15.96
N CYS A 14 1.89 -2.14 -15.24
CA CYS A 14 0.90 -3.09 -15.66
C CYS A 14 -0.46 -2.37 -15.74
N ALA A 15 -1.21 -2.56 -16.83
CA ALA A 15 -2.52 -1.92 -16.97
C ALA A 15 -3.40 -2.24 -15.75
N SER A 16 -3.19 -3.42 -15.19
CA SER A 16 -3.77 -3.89 -13.95
C SER A 16 -3.57 -2.95 -12.77
N CYS A 17 -2.39 -2.34 -12.62
CA CYS A 17 -1.74 -1.99 -11.35
C CYS A 17 -2.77 -1.60 -10.28
N VAL A 18 -3.54 -0.59 -10.61
CA VAL A 18 -4.53 -0.03 -9.73
C VAL A 18 -5.63 -1.02 -9.36
N ALA A 19 -6.21 -1.67 -10.38
CA ALA A 19 -7.16 -2.76 -10.22
C ALA A 19 -6.57 -3.86 -9.34
N ASN A 20 -5.30 -4.22 -9.60
CA ASN A 20 -4.57 -5.19 -8.80
C ASN A 20 -4.60 -4.75 -7.33
N ILE A 21 -4.08 -3.56 -7.03
CA ILE A 21 -3.97 -3.11 -5.68
C ILE A 21 -5.35 -3.01 -5.01
N GLU A 22 -6.35 -2.49 -5.72
CA GLU A 22 -7.74 -2.42 -5.31
C GLU A 22 -8.35 -3.80 -5.06
N ARG A 23 -7.85 -4.87 -5.70
CA ARG A 23 -8.05 -6.22 -5.21
C ARG A 23 -7.21 -6.51 -3.94
N ASN A 24 -5.96 -6.08 -3.92
CA ASN A 24 -4.92 -6.59 -3.03
C ASN A 24 -5.12 -6.20 -1.57
N LEU A 25 -5.35 -4.91 -1.27
CA LEU A 25 -5.47 -4.45 0.09
C LEU A 25 -6.82 -4.78 0.71
N ARG A 26 -7.90 -4.24 0.10
CA ARG A 26 -9.25 -3.99 0.62
C ARG A 26 -9.88 -5.05 1.56
N ARG A 27 -9.37 -6.26 1.51
CA ARG A 27 -9.98 -7.49 1.96
C ARG A 27 -10.12 -7.46 3.48
N GLU A 28 -8.99 -7.17 4.13
CA GLU A 28 -8.68 -7.61 5.49
C GLU A 28 -7.22 -7.28 5.69
N GLU A 29 -6.84 -7.04 6.96
CA GLU A 29 -5.57 -6.49 7.43
C GLU A 29 -5.67 -5.01 7.74
N GLY A 30 -6.74 -4.62 8.45
CA GLY A 30 -6.90 -3.28 8.98
C GLY A 30 -6.79 -2.20 7.90
N ILE A 31 -7.42 -2.44 6.75
CA ILE A 31 -7.50 -1.44 5.67
C ILE A 31 -8.56 -0.43 6.07
N TYR A 32 -8.29 0.88 5.91
CA TYR A 32 -9.37 1.86 5.96
C TYR A 32 -9.20 3.01 4.94
N SER A 33 -8.69 2.67 3.76
CA SER A 33 -9.21 2.83 2.40
C SER A 33 -8.30 1.93 1.56
N ILE A 34 -8.74 1.41 0.41
CA ILE A 34 -7.77 0.96 -0.58
C ILE A 34 -7.66 2.11 -1.56
N LEU A 35 -6.44 2.42 -1.96
CA LEU A 35 -6.12 3.49 -2.89
C LEU A 35 -4.78 3.23 -3.55
N VAL A 36 -4.42 4.09 -4.49
CA VAL A 36 -3.26 4.05 -5.30
C VAL A 36 -3.02 5.46 -5.80
N ALA A 37 -1.90 6.03 -5.41
CA ALA A 37 -1.41 7.27 -6.00
C ALA A 37 -0.78 6.94 -7.37
N LEU A 38 -1.59 6.43 -8.30
CA LEU A 38 -1.04 5.86 -9.52
C LEU A 38 -0.34 6.92 -10.38
N MET A 39 -0.83 8.16 -10.34
CA MET A 39 -0.20 9.29 -10.98
C MET A 39 1.27 9.45 -10.51
N ALA A 40 1.52 9.15 -9.23
CA ALA A 40 2.86 9.18 -8.66
C ALA A 40 3.58 7.83 -8.86
N GLY A 41 2.81 6.78 -9.10
CA GLY A 41 3.29 5.47 -9.53
C GLY A 41 3.70 4.71 -8.29
N LYS A 42 2.77 4.49 -7.37
CA LYS A 42 2.99 3.65 -6.22
C LYS A 42 1.61 3.34 -5.66
N ALA A 43 1.54 2.38 -4.74
CA ALA A 43 0.34 2.18 -3.96
C ALA A 43 0.36 3.26 -2.89
N GLU A 44 -0.83 3.76 -2.54
CA GLU A 44 -1.01 4.26 -1.21
C GLU A 44 -1.60 3.10 -0.40
N VAL A 45 -1.63 3.20 0.92
CA VAL A 45 -2.53 2.47 1.75
C VAL A 45 -3.08 3.49 2.74
N ARG A 46 -4.38 3.40 3.08
CA ARG A 46 -4.88 3.98 4.32
C ARG A 46 -5.32 2.83 5.20
N TYR A 47 -4.86 2.81 6.45
CA TYR A 47 -4.90 1.62 7.28
C TYR A 47 -4.86 1.95 8.76
N ASN A 48 -5.05 0.92 9.58
CA ASN A 48 -5.09 1.02 11.03
C ASN A 48 -3.85 0.38 11.67
N PRO A 49 -2.75 1.16 11.87
CA PRO A 49 -1.57 0.69 12.59
C PRO A 49 -1.90 0.48 14.06
N ALA A 50 -2.53 -0.67 14.33
CA ALA A 50 -2.85 -1.23 15.64
C ALA A 50 -3.32 -2.66 15.40
N VAL A 51 -4.24 -2.82 14.44
CA VAL A 51 -4.72 -4.10 13.97
C VAL A 51 -3.61 -4.82 13.20
N ILE A 52 -2.99 -4.11 12.26
CA ILE A 52 -2.13 -4.69 11.24
C ILE A 52 -0.65 -4.57 11.62
N GLN A 53 -0.12 -3.34 11.61
CA GLN A 53 1.23 -2.91 11.98
C GLN A 53 2.03 -2.51 10.72
N PRO A 54 2.61 -1.29 10.62
CA PRO A 54 3.25 -0.79 9.40
C PRO A 54 4.23 -1.72 8.69
N PRO A 55 5.33 -2.19 9.31
CA PRO A 55 6.18 -3.19 8.70
C PRO A 55 5.35 -4.36 8.17
N MET A 56 4.37 -4.80 8.97
CA MET A 56 3.58 -5.94 8.58
C MET A 56 2.69 -5.61 7.39
N ILE A 57 2.16 -4.40 7.23
CA ILE A 57 1.35 -4.12 6.05
C ILE A 57 2.19 -4.28 4.77
N ALA A 58 3.46 -3.83 4.80
CA ALA A 58 4.38 -4.06 3.69
C ALA A 58 4.52 -5.55 3.39
N GLU A 59 4.70 -6.38 4.42
CA GLU A 59 4.77 -7.80 4.29
C GLU A 59 3.50 -8.38 3.68
N PHE A 60 2.33 -8.06 4.23
CA PHE A 60 1.08 -8.57 3.70
C PHE A 60 0.89 -8.18 2.23
N ILE A 61 1.41 -7.03 1.79
CA ILE A 61 1.51 -6.77 0.36
C ILE A 61 2.45 -7.80 -0.29
N ARG A 62 3.70 -7.88 0.18
CA ARG A 62 4.72 -8.77 -0.36
C ARG A 62 4.21 -10.20 -0.53
N GLU A 63 3.46 -10.74 0.43
CA GLU A 63 2.86 -12.07 0.37
C GLU A 63 2.07 -12.32 -0.91
N LEU A 64 1.49 -11.28 -1.52
CA LEU A 64 0.69 -11.41 -2.72
C LEU A 64 1.59 -11.47 -3.97
N GLY A 65 2.87 -11.07 -3.83
CA GLY A 65 3.90 -11.26 -4.82
C GLY A 65 4.71 -9.97 -5.00
N PHE A 66 4.01 -8.83 -5.09
CA PHE A 66 4.60 -7.60 -5.54
C PHE A 66 5.42 -6.97 -4.41
N GLY A 67 6.67 -6.62 -4.72
CA GLY A 67 7.64 -6.19 -3.74
C GLY A 67 7.33 -4.78 -3.26
N ALA A 68 6.87 -4.70 -2.00
CA ALA A 68 6.53 -3.47 -1.34
C ALA A 68 7.80 -2.83 -0.77
N THR A 69 8.09 -1.58 -1.13
CA THR A 69 9.05 -0.75 -0.43
C THR A 69 8.32 0.49 0.12
N VAL A 70 8.44 0.74 1.43
CA VAL A 70 7.67 1.72 2.17
C VAL A 70 8.31 3.09 2.00
N ILE A 71 7.50 4.13 1.83
CA ILE A 71 7.95 5.51 1.63
C ILE A 71 7.12 6.44 2.53
N GLU A 72 7.19 6.19 3.83
CA GLU A 72 6.84 7.19 4.83
C GLU A 72 7.77 8.39 4.64
N ASN A 73 7.29 9.61 4.93
CA ASN A 73 7.99 10.83 4.54
C ASN A 73 7.65 12.00 5.46
N ILE A 74 6.42 12.52 5.42
CA ILE A 74 6.02 13.62 6.29
C ILE A 74 6.15 13.20 7.76
N GLU A 75 7.04 13.87 8.50
CA GLU A 75 7.31 13.59 9.90
C GLU A 75 6.05 13.79 10.74
N GLY A 76 5.41 14.96 10.61
CA GLY A 76 4.26 15.32 11.43
C GLY A 76 4.70 15.52 12.88
N ARG A 77 4.06 14.82 13.81
CA ARG A 77 4.39 14.80 15.23
C ARG A 77 3.60 13.62 15.80
CU CU B . 1.86 -2.77 -11.94
N ASN A 1 -7.79 7.95 15.36
CA ASN A 1 -7.85 8.52 14.00
C ASN A 1 -7.14 7.55 13.07
N SER A 2 -7.41 7.60 11.75
CA SER A 2 -6.61 6.84 10.81
C SER A 2 -5.21 7.45 10.78
N SER A 3 -4.21 6.60 10.68
CA SER A 3 -2.84 6.96 10.34
C SER A 3 -2.70 6.87 8.82
N LYS A 4 -1.54 7.22 8.27
CA LYS A 4 -1.22 6.87 6.89
C LYS A 4 0.29 6.75 6.70
N CYS A 5 0.72 5.94 5.74
CA CYS A 5 2.11 5.84 5.30
C CYS A 5 2.14 5.74 3.78
N TYR A 6 3.25 6.15 3.17
CA TYR A 6 3.48 6.07 1.73
C TYR A 6 4.36 4.86 1.48
N ILE A 7 4.21 4.24 0.32
CA ILE A 7 4.90 3.02 -0.04
C ILE A 7 5.19 3.15 -1.54
N GLN A 8 6.44 2.99 -1.95
CA GLN A 8 6.80 2.97 -3.35
C GLN A 8 6.68 1.51 -3.78
N VAL A 9 6.05 1.27 -4.94
CA VAL A 9 5.76 -0.04 -5.50
C VAL A 9 6.26 -0.09 -6.95
N THR A 10 6.15 -1.26 -7.58
CA THR A 10 6.44 -1.42 -9.00
C THR A 10 5.41 -2.36 -9.62
N GLY A 11 5.54 -2.59 -10.94
CA GLY A 11 4.51 -3.15 -11.80
C GLY A 11 3.64 -1.98 -12.21
N MET A 12 3.14 -1.26 -11.19
CA MET A 12 2.66 0.09 -11.24
C MET A 12 1.23 0.10 -11.75
N THR A 13 1.07 -0.43 -12.95
CA THR A 13 -0.14 -1.05 -13.43
C THR A 13 0.26 -1.97 -14.57
N CYS A 14 0.39 -3.27 -14.28
CA CYS A 14 0.68 -4.31 -15.26
C CYS A 14 -0.57 -4.55 -16.12
N ALA A 15 -1.08 -3.49 -16.75
CA ALA A 15 -2.44 -3.43 -17.26
C ALA A 15 -3.48 -3.83 -16.20
N SER A 16 -3.65 -2.97 -15.20
CA SER A 16 -4.72 -3.03 -14.21
C SER A 16 -4.47 -4.07 -13.11
N CYS A 17 -3.21 -4.46 -12.90
CA CYS A 17 -2.76 -5.21 -11.72
C CYS A 17 -3.23 -4.49 -10.45
N VAL A 18 -3.30 -3.17 -10.54
CA VAL A 18 -3.81 -2.34 -9.46
C VAL A 18 -5.20 -2.80 -9.03
N ALA A 19 -6.06 -3.16 -9.98
CA ALA A 19 -7.38 -3.69 -9.72
C ALA A 19 -7.29 -4.90 -8.78
N ASN A 20 -6.34 -5.80 -9.07
CA ASN A 20 -6.02 -6.89 -8.17
C ASN A 20 -5.59 -6.33 -6.83
N ILE A 21 -4.63 -5.41 -6.81
CA ILE A 21 -4.05 -4.90 -5.57
C ILE A 21 -5.17 -4.33 -4.70
N GLU A 22 -5.96 -3.37 -5.20
CA GLU A 22 -7.16 -2.84 -4.58
C GLU A 22 -7.98 -3.96 -3.93
N ARG A 23 -8.42 -4.91 -4.75
CA ARG A 23 -9.17 -6.08 -4.31
C ARG A 23 -8.44 -6.81 -3.18
N ASN A 24 -7.12 -6.93 -3.25
CA ASN A 24 -6.32 -7.67 -2.31
C ASN A 24 -6.28 -6.90 -0.98
N LEU A 25 -5.90 -5.62 -0.98
CA LEU A 25 -5.77 -4.82 0.24
C LEU A 25 -7.11 -4.64 0.95
N ARG A 26 -8.22 -4.68 0.22
CA ARG A 26 -9.53 -4.54 0.82
C ARG A 26 -9.89 -5.75 1.70
N ARG A 27 -9.15 -6.86 1.60
CA ARG A 27 -9.18 -7.85 2.66
C ARG A 27 -8.77 -7.28 4.00
N GLU A 28 -7.77 -6.42 4.01
CA GLU A 28 -6.89 -6.29 5.14
C GLU A 28 -7.41 -5.22 6.07
N GLU A 29 -8.54 -5.56 6.67
CA GLU A 29 -9.14 -4.94 7.83
C GLU A 29 -8.04 -4.32 8.71
N GLY A 30 -8.02 -2.98 8.74
CA GLY A 30 -6.81 -2.21 8.96
C GLY A 30 -6.78 -1.07 7.95
N ILE A 31 -7.00 -1.39 6.68
CA ILE A 31 -6.88 -0.48 5.56
C ILE A 31 -8.09 0.43 5.48
N TYR A 32 -7.86 1.74 5.30
CA TYR A 32 -8.94 2.69 5.04
C TYR A 32 -8.50 3.73 4.01
N SER A 33 -7.71 3.28 3.04
CA SER A 33 -7.64 3.56 1.63
C SER A 33 -6.72 2.45 1.15
N ILE A 34 -6.89 1.94 -0.07
CA ILE A 34 -5.84 1.12 -0.62
C ILE A 34 -4.75 2.03 -1.15
N LEU A 35 -3.56 1.45 -1.24
CA LEU A 35 -2.31 2.09 -1.57
C LEU A 35 -2.04 1.90 -3.06
N VAL A 36 -2.78 2.59 -3.90
CA VAL A 36 -2.40 2.77 -5.28
C VAL A 36 -2.60 4.22 -5.66
N ALA A 37 -1.65 4.71 -6.45
CA ALA A 37 -1.68 5.98 -7.13
C ALA A 37 -0.72 5.86 -8.31
N LEU A 38 -1.02 4.91 -9.20
CA LEU A 38 -0.25 4.59 -10.39
C LEU A 38 0.15 5.80 -11.19
N MET A 39 -0.74 6.79 -11.24
CA MET A 39 -0.62 7.85 -12.21
C MET A 39 0.65 8.64 -11.91
N ALA A 40 0.90 8.88 -10.61
CA ALA A 40 2.17 9.38 -10.11
C ALA A 40 3.20 8.25 -10.08
N GLY A 41 2.77 7.06 -9.63
CA GLY A 41 3.59 5.87 -9.54
C GLY A 41 4.03 5.66 -8.10
N LYS A 42 3.05 5.40 -7.22
CA LYS A 42 3.28 5.18 -5.80
C LYS A 42 2.05 4.44 -5.26
N ALA A 43 2.13 4.10 -3.99
CA ALA A 43 1.10 3.50 -3.21
C ALA A 43 0.98 4.27 -1.89
N GLU A 44 -0.23 4.55 -1.42
CA GLU A 44 -0.48 5.23 -0.15
C GLU A 44 -1.47 4.52 0.78
N VAL A 45 -0.97 3.94 1.87
CA VAL A 45 -1.83 3.30 2.85
C VAL A 45 -2.36 4.37 3.80
N ARG A 46 -3.62 4.75 3.61
CA ARG A 46 -4.40 5.42 4.64
C ARG A 46 -4.97 4.27 5.46
N TYR A 47 -4.57 4.15 6.73
CA TYR A 47 -4.78 2.89 7.45
C TYR A 47 -4.92 3.09 8.95
N ASN A 48 -5.25 2.02 9.66
CA ASN A 48 -5.27 1.99 11.11
C ASN A 48 -4.41 0.83 11.64
N PRO A 49 -3.22 1.13 12.18
CA PRO A 49 -2.31 0.10 12.68
C PRO A 49 -2.77 -0.34 14.07
N ALA A 50 -3.96 -0.93 14.14
CA ALA A 50 -4.57 -1.41 15.37
C ALA A 50 -5.06 -2.83 15.16
N VAL A 51 -5.81 -3.06 14.07
CA VAL A 51 -6.24 -4.38 13.68
C VAL A 51 -5.03 -5.25 13.35
N ILE A 52 -4.24 -4.78 12.38
CA ILE A 52 -3.20 -5.54 11.73
C ILE A 52 -1.86 -4.91 12.07
N GLN A 53 -1.13 -4.43 11.06
CA GLN A 53 0.31 -4.29 11.15
C GLN A 53 0.85 -3.71 9.83
N PRO A 54 1.36 -2.46 9.81
CA PRO A 54 1.98 -1.84 8.65
C PRO A 54 2.98 -2.69 7.86
N PRO A 55 3.99 -3.33 8.50
CA PRO A 55 4.82 -4.29 7.82
C PRO A 55 3.95 -5.31 7.11
N MET A 56 3.03 -5.97 7.83
CA MET A 56 2.18 -6.98 7.21
C MET A 56 1.47 -6.44 5.96
N ILE A 57 0.86 -5.26 6.06
CA ILE A 57 0.23 -4.62 4.90
C ILE A 57 1.24 -4.54 3.71
N ALA A 58 2.43 -3.96 3.93
CA ALA A 58 3.47 -3.90 2.90
C ALA A 58 3.99 -5.28 2.46
N GLU A 59 4.03 -6.26 3.36
CA GLU A 59 4.55 -7.58 3.12
C GLU A 59 3.61 -8.36 2.20
N PHE A 60 2.32 -8.45 2.52
CA PHE A 60 1.35 -9.19 1.71
C PHE A 60 1.50 -8.89 0.22
N ILE A 61 1.66 -7.59 -0.08
CA ILE A 61 1.89 -7.10 -1.43
C ILE A 61 3.10 -7.78 -2.09
N ARG A 62 4.20 -7.90 -1.34
CA ARG A 62 5.42 -8.58 -1.78
C ARG A 62 5.22 -10.09 -1.87
N GLU A 63 4.53 -10.70 -0.89
CA GLU A 63 4.18 -12.10 -0.90
C GLU A 63 3.45 -12.46 -2.19
N LEU A 64 2.55 -11.57 -2.66
CA LEU A 64 1.88 -11.75 -3.94
C LEU A 64 2.81 -11.35 -5.09
N GLY A 65 3.62 -10.30 -4.96
CA GLY A 65 4.71 -10.08 -5.89
C GLY A 65 5.36 -8.70 -5.85
N PHE A 66 4.59 -7.65 -5.58
CA PHE A 66 5.00 -6.29 -5.92
C PHE A 66 6.02 -5.75 -4.94
N GLY A 67 7.13 -5.24 -5.47
CA GLY A 67 8.27 -4.76 -4.71
C GLY A 67 7.97 -3.48 -3.94
N ALA A 68 7.29 -3.65 -2.82
CA ALA A 68 6.84 -2.58 -1.93
C ALA A 68 7.96 -2.17 -0.97
N THR A 69 8.30 -0.88 -0.90
CA THR A 69 9.24 -0.32 0.04
C THR A 69 8.57 0.91 0.67
N VAL A 70 8.67 1.09 1.98
CA VAL A 70 7.93 2.13 2.69
C VAL A 70 8.63 3.48 2.57
N ILE A 71 7.87 4.56 2.67
CA ILE A 71 8.35 5.94 2.73
C ILE A 71 7.53 6.63 3.82
N GLU A 72 8.21 7.14 4.85
CA GLU A 72 7.60 7.77 6.01
C GLU A 72 8.58 8.82 6.54
N ASN A 73 9.16 9.58 5.61
CA ASN A 73 10.37 10.36 5.79
C ASN A 73 10.62 11.10 4.49
N ILE A 74 11.51 12.10 4.51
CA ILE A 74 12.03 12.79 3.35
C ILE A 74 13.50 13.08 3.64
N GLU A 75 14.27 13.40 2.61
CA GLU A 75 15.69 13.74 2.70
C GLU A 75 16.07 14.45 1.40
N GLY A 76 17.33 14.84 1.26
CA GLY A 76 17.86 15.44 0.05
C GLY A 76 19.39 15.27 0.07
N ARG A 77 20.03 15.34 -1.09
CA ARG A 77 21.47 15.22 -1.26
C ARG A 77 21.77 15.85 -2.61
CU CU B . 1.47 -7.06 -11.90
N ASN A 1 -4.04 4.38 16.63
CA ASN A 1 -5.14 4.94 15.81
C ASN A 1 -4.81 4.70 14.35
N SER A 2 -5.69 5.06 13.42
CA SER A 2 -5.44 4.95 12.01
C SER A 2 -4.27 5.84 11.58
N SER A 3 -3.67 5.55 10.43
CA SER A 3 -2.63 6.36 9.81
C SER A 3 -2.74 6.18 8.30
N LYS A 4 -1.95 6.92 7.51
CA LYS A 4 -1.94 6.81 6.05
C LYS A 4 -0.49 6.97 5.58
N CYS A 5 -0.08 6.22 4.56
CA CYS A 5 1.33 6.03 4.22
C CYS A 5 1.54 6.04 2.71
N TYR A 6 2.75 6.37 2.25
CA TYR A 6 3.12 6.47 0.84
C TYR A 6 4.06 5.32 0.50
N ILE A 7 3.51 4.15 0.19
CA ILE A 7 4.32 2.98 -0.09
C ILE A 7 4.80 3.14 -1.55
N GLN A 8 6.06 2.80 -1.81
CA GLN A 8 6.57 2.67 -3.16
C GLN A 8 6.69 1.18 -3.46
N VAL A 9 6.24 0.79 -4.66
CA VAL A 9 6.04 -0.61 -5.05
C VAL A 9 6.69 -0.84 -6.41
N THR A 10 7.79 -1.58 -6.44
CA THR A 10 8.51 -1.84 -7.70
C THR A 10 7.61 -2.59 -8.70
N GLY A 11 7.03 -1.84 -9.65
CA GLY A 11 6.17 -2.35 -10.71
C GLY A 11 4.73 -1.91 -10.49
N MET A 12 4.37 -1.71 -9.22
CA MET A 12 3.01 -1.56 -8.72
C MET A 12 2.29 -2.89 -8.87
N THR A 13 2.11 -3.29 -10.13
CA THR A 13 1.84 -4.64 -10.56
C THR A 13 2.32 -4.71 -12.00
N CYS A 14 1.41 -4.68 -12.97
CA CYS A 14 1.76 -4.66 -14.38
C CYS A 14 0.76 -3.82 -15.19
N ALA A 15 0.26 -2.73 -14.59
CA ALA A 15 -0.69 -1.76 -15.15
C ALA A 15 -2.13 -2.27 -15.05
N SER A 16 -3.07 -1.42 -14.58
CA SER A 16 -4.51 -1.67 -14.54
C SER A 16 -4.95 -2.70 -13.47
N CYS A 17 -4.17 -3.75 -13.28
CA CYS A 17 -4.26 -4.83 -12.31
C CYS A 17 -4.43 -4.29 -10.90
N VAL A 18 -3.91 -3.10 -10.65
CA VAL A 18 -4.23 -2.37 -9.45
C VAL A 18 -5.72 -2.46 -9.10
N ALA A 19 -6.61 -2.37 -10.09
CA ALA A 19 -8.05 -2.47 -9.91
C ALA A 19 -8.45 -3.78 -9.23
N ASN A 20 -7.82 -4.89 -9.61
CA ASN A 20 -7.95 -6.14 -8.90
C ASN A 20 -7.45 -5.93 -7.47
N ILE A 21 -6.23 -5.40 -7.36
CA ILE A 21 -5.50 -5.42 -6.10
C ILE A 21 -6.28 -4.58 -5.10
N GLU A 22 -6.55 -3.32 -5.40
CA GLU A 22 -7.26 -2.37 -4.57
C GLU A 22 -8.53 -2.95 -3.94
N ARG A 23 -9.34 -3.66 -4.72
CA ARG A 23 -10.45 -4.40 -4.16
C ARG A 23 -9.97 -5.42 -3.13
N ASN A 24 -8.95 -6.20 -3.48
CA ASN A 24 -8.31 -7.19 -2.63
C ASN A 24 -7.66 -6.52 -1.41
N LEU A 25 -7.35 -5.21 -1.48
CA LEU A 25 -6.92 -4.40 -0.33
C LEU A 25 -8.09 -4.03 0.59
N ARG A 26 -9.11 -3.32 0.10
CA ARG A 26 -10.21 -2.92 0.97
C ARG A 26 -11.01 -4.10 1.47
N ARG A 27 -10.88 -5.26 0.82
CA ARG A 27 -11.20 -6.51 1.46
C ARG A 27 -10.75 -6.56 2.93
N GLU A 28 -9.48 -6.29 3.31
CA GLU A 28 -9.12 -6.71 4.67
C GLU A 28 -7.80 -6.21 5.27
N GLU A 29 -7.66 -6.54 6.56
CA GLU A 29 -6.49 -6.43 7.42
C GLU A 29 -6.28 -4.99 7.89
N GLY A 30 -7.32 -4.46 8.55
CA GLY A 30 -7.29 -3.13 9.16
C GLY A 30 -6.97 -2.03 8.16
N ILE A 31 -7.29 -2.25 6.87
CA ILE A 31 -7.14 -1.28 5.81
C ILE A 31 -8.40 -0.43 5.74
N TYR A 32 -8.27 0.90 5.58
CA TYR A 32 -9.42 1.74 5.29
C TYR A 32 -9.08 2.89 4.33
N SER A 33 -8.42 2.49 3.26
CA SER A 33 -8.39 3.07 1.92
C SER A 33 -7.89 1.95 1.01
N ILE A 34 -7.74 2.21 -0.28
CA ILE A 34 -6.77 1.47 -1.07
C ILE A 34 -5.53 2.35 -1.21
N LEU A 35 -4.44 1.83 -1.78
CA LEU A 35 -3.10 2.31 -1.86
C LEU A 35 -2.59 2.06 -3.26
N VAL A 36 -3.24 2.69 -4.22
CA VAL A 36 -2.68 2.82 -5.55
C VAL A 36 -2.75 4.28 -5.99
N ALA A 37 -1.60 4.76 -6.46
CA ALA A 37 -1.46 5.96 -7.26
C ALA A 37 -0.61 5.56 -8.46
N LEU A 38 -1.14 4.65 -9.28
CA LEU A 38 -0.38 4.06 -10.39
C LEU A 38 0.02 5.16 -11.39
N MET A 39 -0.81 6.20 -11.51
CA MET A 39 -0.49 7.44 -12.23
C MET A 39 0.90 7.99 -11.88
N ALA A 40 1.31 7.91 -10.61
CA ALA A 40 2.62 8.36 -10.16
C ALA A 40 3.60 7.19 -10.17
N GLY A 41 3.16 6.07 -9.60
CA GLY A 41 3.90 4.82 -9.49
C GLY A 41 4.17 4.53 -8.02
N LYS A 42 3.14 4.72 -7.20
CA LYS A 42 3.18 4.69 -5.76
C LYS A 42 1.86 4.14 -5.25
N ALA A 43 1.73 3.97 -3.94
CA ALA A 43 0.64 3.28 -3.30
C ALA A 43 0.24 3.98 -1.99
N GLU A 44 -0.96 4.57 -1.93
CA GLU A 44 -1.39 5.44 -0.83
C GLU A 44 -2.38 4.82 0.16
N VAL A 45 -1.89 4.09 1.14
CA VAL A 45 -2.72 3.34 2.06
C VAL A 45 -3.24 4.27 3.15
N ARG A 46 -4.43 3.95 3.65
CA ARG A 46 -4.91 4.35 4.96
C ARG A 46 -5.16 3.04 5.70
N TYR A 47 -4.64 2.91 6.91
CA TYR A 47 -4.49 1.65 7.62
C TYR A 47 -4.56 1.86 9.13
N ASN A 48 -4.76 0.75 9.86
CA ASN A 48 -4.77 0.73 11.32
C ASN A 48 -3.54 -0.01 11.87
N PRO A 49 -2.41 0.70 12.14
CA PRO A 49 -1.26 0.12 12.80
C PRO A 49 -1.58 -0.18 14.27
N ALA A 50 -2.26 -1.31 14.43
CA ALA A 50 -2.63 -1.98 15.67
C ALA A 50 -2.97 -3.41 15.25
N VAL A 51 -3.80 -3.53 14.21
CA VAL A 51 -3.95 -4.73 13.43
C VAL A 51 -2.65 -5.01 12.67
N ILE A 52 -2.31 -4.17 11.68
CA ILE A 52 -1.46 -4.63 10.58
C ILE A 52 0.06 -4.49 10.79
N GLN A 53 0.56 -3.29 11.06
CA GLN A 53 1.97 -2.91 11.16
C GLN A 53 2.56 -2.61 9.77
N PRO A 54 3.30 -1.50 9.63
CA PRO A 54 4.09 -1.11 8.46
C PRO A 54 4.83 -2.22 7.70
N PRO A 55 5.60 -3.12 8.34
CA PRO A 55 6.07 -4.32 7.69
C PRO A 55 4.97 -4.97 6.87
N MET A 56 3.88 -5.40 7.54
CA MET A 56 2.83 -6.13 6.84
C MET A 56 2.20 -5.30 5.71
N ILE A 57 1.94 -3.99 5.92
CA ILE A 57 1.31 -3.20 4.87
C ILE A 57 2.10 -3.26 3.56
N ALA A 58 3.43 -3.20 3.65
CA ALA A 58 4.28 -3.42 2.50
C ALA A 58 4.24 -4.89 2.06
N GLU A 59 4.55 -5.79 2.99
CA GLU A 59 4.93 -7.14 2.71
C GLU A 59 3.83 -7.97 2.07
N PHE A 60 2.56 -7.77 2.42
CA PHE A 60 1.49 -8.42 1.67
C PHE A 60 1.63 -8.12 0.17
N ILE A 61 2.05 -6.90 -0.20
CA ILE A 61 2.20 -6.52 -1.59
C ILE A 61 3.37 -7.30 -2.22
N ARG A 62 4.42 -7.58 -1.43
CA ARG A 62 5.50 -8.46 -1.85
C ARG A 62 4.94 -9.85 -2.13
N GLU A 63 4.17 -10.42 -1.18
CA GLU A 63 3.53 -11.71 -1.34
C GLU A 63 2.62 -11.75 -2.57
N LEU A 64 1.95 -10.64 -2.90
CA LEU A 64 1.13 -10.55 -4.10
C LEU A 64 2.00 -10.36 -5.36
N GLY A 65 3.26 -9.93 -5.21
CA GLY A 65 4.25 -10.05 -6.27
C GLY A 65 5.34 -8.99 -6.23
N PHE A 66 5.08 -7.82 -5.63
CA PHE A 66 5.77 -6.59 -6.02
C PHE A 66 6.52 -5.97 -4.86
N GLY A 67 7.79 -5.65 -5.09
CA GLY A 67 8.72 -5.25 -4.07
C GLY A 67 8.37 -3.87 -3.51
N ALA A 68 7.57 -3.92 -2.45
CA ALA A 68 7.04 -2.77 -1.73
C ALA A 68 7.94 -2.38 -0.56
N THR A 69 8.17 -1.07 -0.36
CA THR A 69 8.74 -0.53 0.83
C THR A 69 7.92 0.69 1.25
N VAL A 70 7.79 0.86 2.57
CA VAL A 70 6.87 1.76 3.23
C VAL A 70 7.57 3.09 3.53
N ILE A 71 6.97 4.22 3.15
CA ILE A 71 7.53 5.55 3.33
C ILE A 71 6.41 6.48 3.81
N GLU A 72 6.63 7.19 4.93
CA GLU A 72 5.80 8.31 5.34
C GLU A 72 6.70 9.43 5.90
N ASN A 73 7.73 9.77 5.13
CA ASN A 73 8.65 10.88 5.37
C ASN A 73 9.34 11.16 4.04
N ILE A 74 9.99 12.32 3.90
CA ILE A 74 10.89 12.60 2.78
C ILE A 74 12.28 12.04 3.10
N GLU A 75 13.20 12.12 2.14
CA GLU A 75 14.60 11.80 2.29
C GLU A 75 15.35 12.56 1.19
N GLY A 76 16.66 12.77 1.36
CA GLY A 76 17.49 13.46 0.38
C GLY A 76 18.95 13.33 0.82
N ARG A 77 19.70 12.45 0.16
CA ARG A 77 21.10 12.15 0.41
C ARG A 77 21.52 11.21 -0.72
CU CU B . -1.29 -6.56 -15.09
N ASN A 1 -8.58 6.42 14.97
CA ASN A 1 -8.90 6.61 13.53
C ASN A 1 -7.67 6.20 12.72
N SER A 2 -7.84 5.89 11.44
CA SER A 2 -6.76 5.41 10.59
C SER A 2 -5.92 6.60 10.11
N SER A 3 -4.60 6.39 9.95
CA SER A 3 -3.66 7.36 9.40
C SER A 3 -3.12 6.83 8.07
N LYS A 4 -2.31 7.64 7.38
CA LYS A 4 -1.80 7.36 6.06
C LYS A 4 -0.31 6.99 6.11
N CYS A 5 0.17 6.17 5.16
CA CYS A 5 1.59 5.95 4.95
C CYS A 5 1.82 5.69 3.46
N TYR A 6 2.99 6.04 2.94
CA TYR A 6 3.35 5.84 1.54
C TYR A 6 4.13 4.53 1.46
N ILE A 7 3.78 3.69 0.50
CA ILE A 7 4.27 2.32 0.38
C ILE A 7 4.62 2.13 -1.08
N GLN A 8 5.87 2.42 -1.44
CA GLN A 8 6.33 2.66 -2.78
C GLN A 8 6.57 1.30 -3.46
N VAL A 9 5.92 1.07 -4.61
CA VAL A 9 5.90 -0.22 -5.29
C VAL A 9 6.55 -0.10 -6.68
N THR A 10 6.70 -1.23 -7.38
CA THR A 10 7.21 -1.23 -8.75
C THR A 10 6.61 -2.36 -9.59
N GLY A 11 5.33 -2.64 -9.37
CA GLY A 11 4.42 -2.92 -10.46
C GLY A 11 3.16 -2.18 -10.02
N MET A 12 2.64 -1.39 -10.94
CA MET A 12 1.57 -0.44 -10.68
C MET A 12 0.93 0.03 -11.99
N THR A 13 1.71 0.13 -13.06
CA THR A 13 1.21 0.21 -14.42
C THR A 13 1.61 -1.09 -15.16
N CYS A 14 1.85 -2.17 -14.40
CA CYS A 14 2.33 -3.45 -14.90
C CYS A 14 1.18 -4.28 -15.49
N ALA A 15 0.25 -3.60 -16.18
CA ALA A 15 -1.14 -4.00 -16.34
C ALA A 15 -1.91 -3.81 -15.03
N SER A 16 -3.22 -4.09 -15.04
CA SER A 16 -4.15 -3.64 -14.02
C SER A 16 -4.10 -4.43 -12.69
N CYS A 17 -2.93 -4.93 -12.31
CA CYS A 17 -2.68 -5.62 -11.05
C CYS A 17 -3.22 -4.82 -9.89
N VAL A 18 -3.05 -3.51 -9.99
CA VAL A 18 -3.59 -2.53 -9.06
C VAL A 18 -5.05 -2.82 -8.74
N ALA A 19 -5.87 -3.07 -9.76
CA ALA A 19 -7.28 -3.36 -9.64
C ALA A 19 -7.50 -4.54 -8.68
N ASN A 20 -6.66 -5.57 -8.84
CA ASN A 20 -6.67 -6.70 -7.93
C ASN A 20 -6.21 -6.22 -6.56
N ILE A 21 -5.07 -5.54 -6.48
CA ILE A 21 -4.40 -5.23 -5.24
C ILE A 21 -5.36 -4.39 -4.38
N GLU A 22 -5.88 -3.29 -4.90
CA GLU A 22 -6.94 -2.47 -4.31
C GLU A 22 -8.02 -3.34 -3.67
N ARG A 23 -8.64 -4.20 -4.48
CA ARG A 23 -9.66 -5.13 -4.00
C ARG A 23 -9.11 -6.01 -2.87
N ASN A 24 -7.87 -6.48 -2.99
CA ASN A 24 -7.24 -7.37 -2.05
C ASN A 24 -6.90 -6.62 -0.74
N LEU A 25 -6.63 -5.31 -0.82
CA LEU A 25 -6.35 -4.46 0.33
C LEU A 25 -7.64 -4.25 1.14
N ARG A 26 -8.68 -3.71 0.52
CA ARG A 26 -9.87 -3.30 1.27
C ARG A 26 -10.64 -4.45 1.95
N ARG A 27 -10.38 -5.71 1.58
CA ARG A 27 -10.86 -6.83 2.40
C ARG A 27 -10.40 -6.69 3.86
N GLU A 28 -9.17 -6.22 4.02
CA GLU A 28 -8.35 -6.51 5.18
C GLU A 28 -8.58 -5.41 6.21
N GLU A 29 -9.67 -5.55 6.97
CA GLU A 29 -10.00 -4.67 8.09
C GLU A 29 -8.73 -4.37 8.88
N GLY A 30 -8.44 -3.08 9.04
CA GLY A 30 -7.09 -2.60 9.29
C GLY A 30 -6.79 -1.51 8.29
N ILE A 31 -7.00 -1.82 7.00
CA ILE A 31 -6.94 -0.87 5.90
C ILE A 31 -8.28 -0.15 5.80
N TYR A 32 -8.28 1.14 5.48
CA TYR A 32 -9.43 1.69 4.77
C TYR A 32 -9.07 2.77 3.75
N SER A 33 -8.00 2.54 3.02
CA SER A 33 -7.69 3.10 1.70
C SER A 33 -6.60 2.27 1.03
N ILE A 34 -6.70 2.11 -0.28
CA ILE A 34 -5.81 1.35 -1.12
C ILE A 34 -4.56 2.16 -1.47
N LEU A 35 -3.39 1.53 -1.34
CA LEU A 35 -2.14 2.11 -1.75
C LEU A 35 -1.98 1.99 -3.25
N VAL A 36 -2.74 2.77 -4.00
CA VAL A 36 -2.52 2.90 -5.42
C VAL A 36 -2.61 4.36 -5.87
N ALA A 37 -1.59 4.75 -6.64
CA ALA A 37 -1.49 5.96 -7.42
C ALA A 37 -0.62 5.63 -8.63
N LEU A 38 -1.12 4.77 -9.52
CA LEU A 38 -0.39 4.30 -10.69
C LEU A 38 0.15 5.43 -11.54
N MET A 39 -0.57 6.55 -11.58
CA MET A 39 -0.28 7.54 -12.60
C MET A 39 1.11 8.13 -12.35
N ALA A 40 1.40 8.41 -11.07
CA ALA A 40 2.75 8.71 -10.61
C ALA A 40 3.58 7.43 -10.58
N GLY A 41 2.94 6.32 -10.21
CA GLY A 41 3.53 5.00 -10.15
C GLY A 41 3.90 4.76 -8.71
N LYS A 42 2.92 4.90 -7.83
CA LYS A 42 3.10 5.02 -6.41
C LYS A 42 1.86 4.42 -5.77
N ALA A 43 1.89 4.37 -4.46
CA ALA A 43 1.02 3.53 -3.66
C ALA A 43 1.05 4.08 -2.24
N GLU A 44 -0.11 4.37 -1.64
CA GLU A 44 -0.17 5.01 -0.34
C GLU A 44 -1.43 4.65 0.46
N VAL A 45 -1.26 3.84 1.50
CA VAL A 45 -2.35 3.22 2.21
C VAL A 45 -2.92 4.22 3.23
N ARG A 46 -4.18 4.04 3.61
CA ARG A 46 -4.71 4.57 4.86
C ARG A 46 -5.16 3.38 5.69
N TYR A 47 -4.72 3.30 6.94
CA TYR A 47 -4.85 2.11 7.76
C TYR A 47 -4.74 2.49 9.24
N ASN A 48 -4.94 1.50 10.13
CA ASN A 48 -4.41 1.54 11.48
C ASN A 48 -3.32 0.46 11.56
N PRO A 49 -2.20 0.71 12.24
CA PRO A 49 -1.09 -0.24 12.27
C PRO A 49 -1.24 -1.32 13.35
N ALA A 50 -2.35 -1.36 14.09
CA ALA A 50 -2.43 -2.20 15.27
C ALA A 50 -2.99 -3.54 14.85
N VAL A 51 -4.10 -3.49 14.11
CA VAL A 51 -4.78 -4.63 13.58
C VAL A 51 -3.88 -5.40 12.62
N ILE A 52 -3.41 -4.73 11.55
CA ILE A 52 -2.86 -5.43 10.38
C ILE A 52 -1.34 -5.56 10.43
N GLN A 53 -0.65 -4.54 10.95
CA GLN A 53 0.79 -4.43 11.18
C GLN A 53 1.55 -3.86 9.96
N PRO A 54 2.36 -2.78 10.13
CA PRO A 54 3.14 -2.16 9.06
C PRO A 54 4.01 -3.10 8.21
N PRO A 55 4.82 -4.00 8.79
CA PRO A 55 5.51 -4.98 7.99
C PRO A 55 4.50 -5.71 7.13
N MET A 56 3.42 -6.22 7.74
CA MET A 56 2.49 -7.08 7.02
C MET A 56 1.80 -6.30 5.91
N ILE A 57 1.35 -5.06 6.18
CA ILE A 57 0.63 -4.30 5.17
C ILE A 57 1.55 -4.01 3.97
N ALA A 58 2.84 -3.78 4.23
CA ALA A 58 3.82 -3.67 3.15
C ALA A 58 3.97 -5.01 2.42
N GLU A 59 4.17 -6.08 3.18
CA GLU A 59 4.60 -7.36 2.70
C GLU A 59 3.55 -8.10 1.89
N PHE A 60 2.26 -8.01 2.25
CA PHE A 60 1.19 -8.56 1.43
C PHE A 60 1.40 -8.19 -0.04
N ILE A 61 1.81 -6.94 -0.30
CA ILE A 61 2.04 -6.43 -1.64
C ILE A 61 3.26 -7.08 -2.28
N ARG A 62 4.30 -7.36 -1.48
CA ARG A 62 5.50 -8.05 -1.95
C ARG A 62 5.13 -9.48 -2.34
N GLU A 63 4.48 -10.19 -1.42
CA GLU A 63 4.05 -11.56 -1.56
C GLU A 63 3.17 -11.73 -2.81
N LEU A 64 2.12 -10.93 -2.92
CA LEU A 64 1.14 -11.09 -3.98
C LEU A 64 1.56 -10.41 -5.28
N GLY A 65 2.29 -9.29 -5.19
CA GLY A 65 2.68 -8.49 -6.34
C GLY A 65 4.18 -8.48 -6.55
N PHE A 66 4.87 -7.54 -5.89
CA PHE A 66 6.14 -7.02 -6.41
C PHE A 66 7.16 -6.79 -5.31
N GLY A 67 6.86 -5.80 -4.49
CA GLY A 67 7.89 -5.02 -3.86
C GLY A 67 7.19 -3.82 -3.26
N ALA A 68 7.56 -3.43 -2.03
CA ALA A 68 6.84 -2.43 -1.25
C ALA A 68 7.81 -1.83 -0.24
N THR A 69 8.16 -0.56 -0.44
CA THR A 69 9.15 0.17 0.32
C THR A 69 8.44 1.32 1.06
N VAL A 70 8.38 1.26 2.38
CA VAL A 70 7.56 2.19 3.17
C VAL A 70 8.32 3.51 3.34
N ILE A 71 7.62 4.64 3.20
CA ILE A 71 8.15 5.96 3.43
C ILE A 71 7.04 6.81 4.04
N GLU A 72 7.41 7.81 4.84
CA GLU A 72 6.51 8.87 5.27
C GLU A 72 6.91 10.14 4.54
N ASN A 73 8.08 10.68 4.87
CA ASN A 73 8.68 11.79 4.13
C ASN A 73 8.99 11.33 2.71
N ILE A 74 8.53 12.07 1.71
CA ILE A 74 8.87 11.79 0.32
C ILE A 74 10.30 12.29 0.08
N GLU A 75 11.28 11.52 0.54
CA GLU A 75 12.70 11.83 0.40
C GLU A 75 13.04 12.12 -1.08
N GLY A 76 13.92 13.10 -1.30
CA GLY A 76 14.31 13.56 -2.62
C GLY A 76 15.20 14.79 -2.45
N ARG A 77 15.35 15.58 -3.51
CA ARG A 77 16.02 16.87 -3.50
C ARG A 77 15.51 17.59 -4.75
CU CU B . 1.47 -6.46 -12.54
N ASN A 1 -7.62 9.19 10.93
CA ASN A 1 -8.49 8.24 11.67
C ASN A 1 -7.68 6.96 11.79
N SER A 2 -7.97 5.97 10.95
CA SER A 2 -6.92 5.25 10.26
C SER A 2 -5.85 6.25 9.76
N SER A 3 -4.58 5.84 9.77
CA SER A 3 -3.44 6.67 9.43
C SER A 3 -3.08 6.46 7.95
N LYS A 4 -2.82 7.54 7.21
CA LYS A 4 -2.39 7.50 5.82
C LYS A 4 -0.86 7.34 5.78
N CYS A 5 -0.37 6.24 5.20
CA CYS A 5 1.06 5.95 5.13
C CYS A 5 1.44 5.68 3.67
N TYR A 6 2.50 6.33 3.19
CA TYR A 6 2.89 6.32 1.79
C TYR A 6 3.83 5.15 1.56
N ILE A 7 3.59 4.45 0.45
CA ILE A 7 4.35 3.29 0.03
C ILE A 7 4.69 3.50 -1.45
N GLN A 8 5.74 2.84 -1.93
CA GLN A 8 6.23 2.90 -3.28
C GLN A 8 6.38 1.44 -3.70
N VAL A 9 5.77 1.08 -4.83
CA VAL A 9 5.66 -0.30 -5.32
C VAL A 9 6.60 -0.50 -6.51
N THR A 10 6.68 -1.73 -7.05
CA THR A 10 7.32 -1.98 -8.32
C THR A 10 6.53 -3.03 -9.09
N GLY A 11 6.50 -2.86 -10.42
CA GLY A 11 5.31 -3.05 -11.22
C GLY A 11 4.38 -1.92 -10.82
N MET A 12 4.12 -1.08 -11.80
CA MET A 12 3.31 0.11 -11.63
C MET A 12 1.85 -0.24 -11.91
N THR A 13 1.36 0.10 -13.10
CA THR A 13 0.02 -0.20 -13.56
C THR A 13 -0.09 -1.67 -13.93
N CYS A 14 0.96 -2.18 -14.61
CA CYS A 14 1.11 -3.56 -15.06
C CYS A 14 -0.07 -4.04 -15.90
N ALA A 15 -0.81 -3.09 -16.49
CA ALA A 15 -2.09 -3.35 -17.13
C ALA A 15 -3.08 -4.13 -16.25
N SER A 16 -3.09 -3.88 -14.92
CA SER A 16 -4.16 -4.17 -13.94
C SER A 16 -3.68 -4.55 -12.52
N CYS A 17 -2.43 -4.28 -12.15
CA CYS A 17 -1.97 -4.54 -10.79
C CYS A 17 -2.80 -3.76 -9.79
N VAL A 18 -3.19 -2.54 -10.19
CA VAL A 18 -3.98 -1.68 -9.33
C VAL A 18 -5.35 -2.26 -9.09
N ALA A 19 -6.06 -2.60 -10.16
CA ALA A 19 -7.32 -3.34 -10.09
C ALA A 19 -7.18 -4.55 -9.16
N ASN A 20 -6.09 -5.32 -9.32
CA ASN A 20 -5.78 -6.42 -8.42
C ASN A 20 -5.72 -5.93 -6.97
N ILE A 21 -4.95 -4.88 -6.72
CA ILE A 21 -4.71 -4.36 -5.39
C ILE A 21 -6.02 -3.87 -4.75
N GLU A 22 -6.80 -3.09 -5.48
CA GLU A 22 -8.13 -2.65 -5.10
C GLU A 22 -8.97 -3.87 -4.72
N ARG A 23 -9.04 -4.86 -5.62
CA ARG A 23 -9.75 -6.11 -5.35
C ARG A 23 -9.25 -6.78 -4.07
N ASN A 24 -7.93 -6.80 -3.83
CA ASN A 24 -7.34 -7.48 -2.68
C ASN A 24 -7.56 -6.70 -1.38
N LEU A 25 -6.92 -5.53 -1.26
CA LEU A 25 -6.72 -4.77 -0.03
C LEU A 25 -7.97 -4.04 0.45
N ARG A 26 -8.97 -3.92 -0.42
CA ARG A 26 -10.16 -3.09 -0.33
C ARG A 26 -10.49 -2.67 1.11
N ARG A 27 -11.02 -3.61 1.91
CA ARG A 27 -11.25 -3.52 3.34
C ARG A 27 -10.18 -4.11 4.27
N GLU A 28 -10.06 -5.41 4.07
CA GLU A 28 -9.58 -6.43 4.96
C GLU A 28 -9.89 -6.10 6.42
N GLU A 29 -9.05 -6.59 7.33
CA GLU A 29 -9.09 -6.14 8.71
C GLU A 29 -8.03 -5.04 8.81
N GLY A 30 -8.46 -3.80 8.62
CA GLY A 30 -7.70 -2.62 9.00
C GLY A 30 -7.22 -1.73 7.85
N ILE A 31 -7.74 -1.88 6.62
CA ILE A 31 -7.46 -0.96 5.50
C ILE A 31 -8.68 -0.06 5.29
N TYR A 32 -8.46 1.26 5.23
CA TYR A 32 -9.42 2.14 4.60
C TYR A 32 -8.73 3.18 3.72
N SER A 33 -7.75 2.73 2.96
CA SER A 33 -7.47 3.02 1.55
C SER A 33 -6.38 2.05 1.12
N ILE A 34 -6.42 1.55 -0.11
CA ILE A 34 -5.36 0.71 -0.62
C ILE A 34 -4.21 1.55 -1.17
N LEU A 35 -3.06 0.90 -1.29
CA LEU A 35 -1.77 1.38 -1.74
C LEU A 35 -1.83 1.60 -3.25
N VAL A 36 -2.58 2.62 -3.66
CA VAL A 36 -2.58 3.07 -5.03
C VAL A 36 -2.40 4.59 -5.15
N ALA A 37 -1.46 4.94 -6.02
CA ALA A 37 -1.34 6.21 -6.73
C ALA A 37 -0.49 5.96 -7.97
N LEU A 38 -0.90 5.02 -8.83
CA LEU A 38 -0.09 4.56 -9.95
C LEU A 38 -0.03 5.58 -11.09
N MET A 39 -0.88 6.61 -11.04
CA MET A 39 -0.70 7.81 -11.84
C MET A 39 0.70 8.39 -11.61
N ALA A 40 1.17 8.37 -10.36
CA ALA A 40 2.54 8.73 -10.01
C ALA A 40 3.46 7.51 -10.07
N GLY A 41 2.93 6.34 -9.72
CA GLY A 41 3.65 5.07 -9.70
C GLY A 41 3.93 4.67 -8.25
N LYS A 42 2.94 4.80 -7.37
CA LYS A 42 3.08 5.01 -5.93
C LYS A 42 1.82 4.49 -5.27
N ALA A 43 1.72 4.63 -3.95
CA ALA A 43 0.72 4.01 -3.11
C ALA A 43 0.50 4.83 -1.85
N GLU A 44 -0.74 4.85 -1.33
CA GLU A 44 -1.01 5.25 0.04
C GLU A 44 -1.85 4.20 0.73
N VAL A 45 -1.25 3.43 1.63
CA VAL A 45 -1.98 2.51 2.44
C VAL A 45 -2.51 3.31 3.62
N ARG A 46 -3.84 3.41 3.75
CA ARG A 46 -4.47 4.14 4.83
C ARG A 46 -5.09 3.12 5.75
N TYR A 47 -4.62 3.01 6.99
CA TYR A 47 -4.80 1.79 7.76
C TYR A 47 -4.93 1.99 9.26
N ASN A 48 -5.24 0.90 9.96
CA ASN A 48 -5.13 0.80 11.40
C ASN A 48 -3.85 0.02 11.71
N PRO A 49 -2.71 0.68 11.96
CA PRO A 49 -1.43 0.00 12.09
C PRO A 49 -1.34 -0.88 13.35
N ALA A 50 -2.38 -0.86 14.20
CA ALA A 50 -2.45 -1.67 15.40
C ALA A 50 -2.94 -3.06 15.02
N VAL A 51 -3.73 -3.12 13.94
CA VAL A 51 -4.39 -4.31 13.48
C VAL A 51 -3.39 -5.08 12.60
N ILE A 52 -3.05 -4.51 11.45
CA ILE A 52 -2.41 -5.27 10.37
C ILE A 52 -0.89 -5.31 10.49
N GLN A 53 -0.30 -4.20 10.96
CA GLN A 53 1.12 -3.93 11.18
C GLN A 53 1.82 -3.39 9.92
N PRO A 54 2.39 -2.16 9.96
CA PRO A 54 3.06 -1.51 8.83
C PRO A 54 4.13 -2.30 8.07
N PRO A 55 5.09 -2.96 8.74
CA PRO A 55 5.98 -3.84 8.02
C PRO A 55 5.16 -4.93 7.34
N MET A 56 4.18 -5.50 8.06
CA MET A 56 3.53 -6.71 7.62
C MET A 56 2.65 -6.42 6.41
N ILE A 57 1.94 -5.30 6.38
CA ILE A 57 1.18 -4.96 5.18
C ILE A 57 2.11 -4.78 3.97
N ALA A 58 3.13 -3.91 4.08
CA ALA A 58 4.14 -3.73 3.05
C ALA A 58 4.70 -5.06 2.53
N GLU A 59 5.12 -5.93 3.45
CA GLU A 59 5.60 -7.27 3.17
C GLU A 59 4.57 -8.07 2.39
N PHE A 60 3.32 -8.10 2.87
CA PHE A 60 2.23 -8.79 2.21
C PHE A 60 2.15 -8.43 0.74
N ILE A 61 2.36 -7.15 0.41
CA ILE A 61 2.33 -6.70 -0.98
C ILE A 61 3.36 -7.47 -1.81
N ARG A 62 4.54 -7.69 -1.23
CA ARG A 62 5.62 -8.45 -1.85
C ARG A 62 5.19 -9.91 -1.97
N GLU A 63 4.71 -10.50 -0.87
CA GLU A 63 4.29 -11.88 -0.81
C GLU A 63 3.25 -12.19 -1.89
N LEU A 64 2.21 -11.36 -2.02
CA LEU A 64 1.13 -11.62 -2.95
C LEU A 64 1.47 -11.17 -4.37
N GLY A 65 2.28 -10.11 -4.51
CA GLY A 65 2.61 -9.52 -5.78
C GLY A 65 4.12 -9.49 -6.01
N PHE A 66 4.76 -8.42 -5.56
CA PHE A 66 5.99 -7.95 -6.17
C PHE A 66 7.03 -7.49 -5.17
N GLY A 67 6.79 -6.32 -4.60
CA GLY A 67 7.86 -5.54 -4.06
C GLY A 67 7.30 -4.18 -3.68
N ALA A 68 7.57 -3.74 -2.44
CA ALA A 68 6.98 -2.56 -1.86
C ALA A 68 7.90 -2.02 -0.76
N THR A 69 8.24 -0.74 -0.85
CA THR A 69 9.09 -0.02 0.07
C THR A 69 8.23 1.10 0.69
N VAL A 70 8.24 1.23 2.01
CA VAL A 70 7.43 2.17 2.75
C VAL A 70 8.19 3.49 2.83
N ILE A 71 7.54 4.59 2.44
CA ILE A 71 8.15 5.91 2.32
C ILE A 71 7.23 6.94 2.97
N GLU A 72 7.02 6.77 4.27
CA GLU A 72 6.33 7.73 5.12
C GLU A 72 7.23 8.95 5.35
N ASN A 73 7.49 9.72 4.30
CA ASN A 73 8.34 10.90 4.32
C ASN A 73 7.65 12.03 3.57
N ILE A 74 8.22 13.23 3.67
CA ILE A 74 7.81 14.42 2.92
C ILE A 74 9.10 15.17 2.59
N GLU A 75 9.14 15.83 1.44
CA GLU A 75 10.31 16.51 0.89
C GLU A 75 9.85 17.83 0.27
N GLY A 76 10.80 18.70 -0.08
CA GLY A 76 10.52 19.94 -0.78
C GLY A 76 11.71 20.28 -1.69
N ARG A 77 12.74 20.89 -1.10
CA ARG A 77 14.02 21.18 -1.71
C ARG A 77 14.95 21.53 -0.56
CU CU B . 2.54 -5.11 -11.12
N ASN A 1 -2.66 4.32 15.79
CA ASN A 1 -4.03 4.17 15.28
C ASN A 1 -4.16 5.04 14.05
N SER A 2 -5.09 4.73 13.15
CA SER A 2 -5.56 5.57 12.05
C SER A 2 -4.48 6.41 11.36
N SER A 3 -3.85 5.86 10.33
CA SER A 3 -2.74 6.46 9.61
C SER A 3 -2.90 6.20 8.11
N LYS A 4 -2.08 6.86 7.28
CA LYS A 4 -1.97 6.52 5.87
C LYS A 4 -0.52 6.60 5.40
N CYS A 5 -0.13 5.69 4.51
CA CYS A 5 1.25 5.50 4.07
C CYS A 5 1.24 5.19 2.59
N TYR A 6 2.30 5.59 1.88
CA TYR A 6 2.49 5.38 0.46
C TYR A 6 3.53 4.28 0.26
N ILE A 7 3.31 3.46 -0.75
CA ILE A 7 3.94 2.16 -0.91
C ILE A 7 4.25 1.99 -2.38
N GLN A 8 5.54 2.04 -2.73
CA GLN A 8 6.02 1.93 -4.07
C GLN A 8 6.02 0.46 -4.42
N VAL A 9 5.78 0.10 -5.68
CA VAL A 9 5.52 -1.27 -6.09
C VAL A 9 5.99 -1.45 -7.53
N THR A 10 6.70 -2.55 -7.78
CA THR A 10 7.45 -2.74 -9.02
C THR A 10 6.53 -3.25 -10.12
N GLY A 11 5.71 -2.33 -10.60
CA GLY A 11 4.78 -2.49 -11.69
C GLY A 11 3.40 -2.21 -11.18
N MET A 12 3.10 -0.96 -11.40
CA MET A 12 1.96 -0.21 -10.98
C MET A 12 0.93 -0.25 -12.10
N THR A 13 1.22 0.46 -13.20
CA THR A 13 0.34 0.57 -14.35
C THR A 13 0.92 -0.25 -15.50
N CYS A 14 1.22 -1.54 -15.23
CA CYS A 14 1.71 -2.43 -16.27
C CYS A 14 0.57 -2.62 -17.29
N ALA A 15 -0.53 -3.16 -16.76
CA ALA A 15 -1.81 -3.35 -17.42
C ALA A 15 -2.78 -3.87 -16.35
N SER A 16 -3.13 -2.98 -15.42
CA SER A 16 -4.09 -3.17 -14.35
C SER A 16 -3.57 -3.98 -13.16
N CYS A 17 -2.25 -4.02 -12.98
CA CYS A 17 -1.64 -4.31 -11.69
C CYS A 17 -2.23 -3.38 -10.63
N VAL A 18 -2.45 -2.12 -10.97
CA VAL A 18 -3.31 -1.19 -10.29
C VAL A 18 -4.65 -1.79 -9.82
N ALA A 19 -5.35 -2.50 -10.70
CA ALA A 19 -6.60 -3.17 -10.34
C ALA A 19 -6.33 -4.28 -9.33
N ASN A 20 -5.20 -4.98 -9.45
CA ASN A 20 -4.78 -5.88 -8.40
C ASN A 20 -4.64 -5.09 -7.11
N ILE A 21 -3.91 -3.98 -7.10
CA ILE A 21 -3.66 -3.18 -5.91
C ILE A 21 -5.00 -2.81 -5.24
N GLU A 22 -5.93 -2.23 -5.99
CA GLU A 22 -7.27 -1.98 -5.54
C GLU A 22 -7.91 -3.21 -4.88
N ARG A 23 -7.83 -4.36 -5.53
CA ARG A 23 -8.28 -5.60 -4.95
C ARG A 23 -7.43 -6.03 -3.74
N ASN A 24 -6.15 -5.64 -3.67
CA ASN A 24 -5.19 -6.15 -2.71
C ASN A 24 -5.49 -5.60 -1.33
N LEU A 25 -5.52 -4.29 -1.16
CA LEU A 25 -5.39 -3.73 0.19
C LEU A 25 -6.60 -4.01 1.06
N ARG A 26 -7.80 -4.06 0.48
CA ARG A 26 -8.98 -4.54 1.17
C ARG A 26 -8.80 -5.91 1.87
N ARG A 27 -7.77 -6.69 1.53
CA ARG A 27 -7.29 -7.81 2.34
C ARG A 27 -7.40 -7.48 3.83
N GLU A 28 -6.77 -6.39 4.25
CA GLU A 28 -6.08 -6.41 5.52
C GLU A 28 -6.95 -5.84 6.65
N GLU A 29 -7.24 -6.64 7.67
CA GLU A 29 -8.05 -6.29 8.81
C GLU A 29 -7.41 -5.09 9.52
N GLY A 30 -8.02 -3.91 9.37
CA GLY A 30 -7.45 -2.64 9.82
C GLY A 30 -7.32 -1.65 8.67
N ILE A 31 -7.68 -2.03 7.44
CA ILE A 31 -7.66 -1.17 6.26
C ILE A 31 -8.86 -0.23 6.25
N TYR A 32 -8.65 1.04 5.89
CA TYR A 32 -9.77 1.91 5.52
C TYR A 32 -9.38 2.95 4.46
N SER A 33 -8.73 2.47 3.41
CA SER A 33 -9.03 2.66 1.98
C SER A 33 -8.12 1.68 1.22
N ILE A 34 -8.29 1.55 -0.10
CA ILE A 34 -7.29 0.98 -0.98
C ILE A 34 -7.01 2.14 -1.94
N LEU A 35 -5.75 2.37 -2.32
CA LEU A 35 -5.35 3.58 -3.00
C LEU A 35 -4.21 3.26 -3.96
N VAL A 36 -4.07 4.14 -4.95
CA VAL A 36 -3.38 3.92 -6.20
C VAL A 36 -2.94 5.28 -6.73
N ALA A 37 -1.93 5.81 -6.06
CA ALA A 37 -1.20 6.98 -6.52
C ALA A 37 -0.18 6.55 -7.59
N LEU A 38 -0.65 5.96 -8.69
CA LEU A 38 0.23 5.63 -9.82
C LEU A 38 0.88 6.86 -10.38
N MET A 39 0.21 8.00 -10.28
CA MET A 39 0.67 9.16 -10.99
C MET A 39 2.07 9.54 -10.48
N ALA A 40 2.29 9.33 -9.17
CA ALA A 40 3.62 9.32 -8.58
C ALA A 40 4.29 7.98 -8.89
N GLY A 41 3.63 6.87 -8.56
CA GLY A 41 4.05 5.51 -8.91
C GLY A 41 3.99 4.62 -7.69
N LYS A 42 2.85 4.62 -6.98
CA LYS A 42 2.74 4.00 -5.68
C LYS A 42 1.31 3.52 -5.50
N ALA A 43 1.15 2.45 -4.72
CA ALA A 43 -0.10 2.22 -4.04
C ALA A 43 -0.12 3.20 -2.86
N GLU A 44 -1.29 3.42 -2.29
CA GLU A 44 -1.35 4.04 -0.98
C GLU A 44 -2.21 3.13 -0.11
N VAL A 45 -2.08 3.21 1.21
CA VAL A 45 -2.91 2.52 2.15
C VAL A 45 -3.31 3.56 3.21
N ARG A 46 -4.60 3.60 3.57
CA ARG A 46 -5.05 4.17 4.83
C ARG A 46 -5.43 2.97 5.70
N TYR A 47 -4.93 2.93 6.94
CA TYR A 47 -4.91 1.73 7.74
C TYR A 47 -4.86 2.09 9.22
N ASN A 48 -5.00 1.08 10.08
CA ASN A 48 -5.10 1.27 11.52
C ASN A 48 -3.94 0.60 12.27
N PRO A 49 -2.75 1.24 12.33
CA PRO A 49 -1.62 0.77 13.13
C PRO A 49 -1.99 0.86 14.60
N ALA A 50 -2.62 -0.23 15.04
CA ALA A 50 -3.19 -0.51 16.34
C ALA A 50 -3.73 -1.95 16.25
N VAL A 51 -4.47 -2.23 15.17
CA VAL A 51 -4.86 -3.57 14.79
C VAL A 51 -3.69 -4.23 14.06
N ILE A 52 -3.25 -3.59 12.97
CA ILE A 52 -2.73 -4.34 11.82
C ILE A 52 -1.23 -4.61 11.85
N GLN A 53 -0.42 -3.60 12.19
CA GLN A 53 1.03 -3.64 12.37
C GLN A 53 1.76 -3.29 11.05
N PRO A 54 2.44 -2.12 10.95
CA PRO A 54 3.17 -1.68 9.76
C PRO A 54 4.03 -2.70 9.00
N PRO A 55 4.88 -3.52 9.64
CA PRO A 55 5.56 -4.58 8.94
C PRO A 55 4.55 -5.49 8.25
N MET A 56 3.45 -5.84 8.93
CA MET A 56 2.44 -6.68 8.31
C MET A 56 1.83 -5.95 7.10
N ILE A 57 1.51 -4.66 7.21
CA ILE A 57 1.08 -3.88 6.04
C ILE A 57 2.06 -4.08 4.88
N ALA A 58 3.34 -3.80 5.12
CA ALA A 58 4.38 -3.89 4.11
C ALA A 58 4.43 -5.28 3.46
N GLU A 59 4.41 -6.33 4.28
CA GLU A 59 4.52 -7.70 3.87
C GLU A 59 3.28 -8.19 3.11
N PHE A 60 2.07 -7.89 3.60
CA PHE A 60 0.82 -8.29 2.97
C PHE A 60 0.81 -7.97 1.48
N ILE A 61 1.42 -6.84 1.10
CA ILE A 61 1.51 -6.43 -0.29
C ILE A 61 2.48 -7.35 -1.03
N ARG A 62 3.58 -7.72 -0.41
CA ARG A 62 4.60 -8.57 -1.00
C ARG A 62 4.15 -10.01 -1.17
N GLU A 63 3.28 -10.54 -0.29
CA GLU A 63 2.76 -11.90 -0.35
C GLU A 63 2.40 -12.36 -1.76
N LEU A 64 1.73 -11.50 -2.53
CA LEU A 64 1.18 -11.82 -3.85
C LEU A 64 2.27 -11.74 -4.94
N GLY A 65 3.44 -11.15 -4.63
CA GLY A 65 4.55 -10.99 -5.55
C GLY A 65 4.76 -9.53 -5.93
N PHE A 66 3.91 -8.63 -5.41
CA PHE A 66 3.99 -7.21 -5.69
C PHE A 66 5.13 -6.64 -4.85
N GLY A 67 6.33 -6.72 -5.41
CA GLY A 67 7.58 -6.30 -4.82
C GLY A 67 7.52 -4.81 -4.57
N ALA A 68 7.35 -4.48 -3.28
CA ALA A 68 6.91 -3.17 -2.83
C ALA A 68 7.68 -2.69 -1.61
N THR A 69 7.80 -1.37 -1.48
CA THR A 69 8.64 -0.68 -0.51
C THR A 69 7.82 0.45 0.10
N VAL A 70 7.95 0.65 1.41
CA VAL A 70 7.22 1.63 2.18
C VAL A 70 7.93 2.97 2.03
N ILE A 71 7.30 3.92 1.33
CA ILE A 71 7.89 5.19 0.94
C ILE A 71 6.89 6.32 1.24
N GLU A 72 6.66 6.49 2.54
CA GLU A 72 6.29 7.70 3.27
C GLU A 72 6.11 7.27 4.72
N ASN A 73 6.22 8.22 5.67
CA ASN A 73 5.82 8.03 7.07
C ASN A 73 6.50 6.80 7.69
N ILE A 74 7.78 6.60 7.37
CA ILE A 74 8.57 5.47 7.87
C ILE A 74 8.71 5.60 9.38
N GLU A 75 9.08 6.81 9.82
CA GLU A 75 8.92 7.28 11.18
C GLU A 75 7.89 8.41 11.11
N GLY A 76 7.10 8.59 12.17
CA GLY A 76 6.01 9.53 12.21
C GLY A 76 4.87 8.91 13.01
N ARG A 77 3.66 8.84 12.45
CA ARG A 77 2.49 8.32 13.12
C ARG A 77 1.40 8.12 12.06
CU CU B . 2.62 -5.26 -13.03
N ASN A 1 -7.01 3.72 14.85
CA ASN A 1 -6.23 4.67 14.02
C ASN A 1 -6.71 4.59 12.59
N SER A 2 -6.32 5.55 11.75
CA SER A 2 -6.68 5.61 10.33
C SER A 2 -5.65 6.48 9.62
N SER A 3 -4.41 6.04 9.77
CA SER A 3 -3.16 6.71 9.45
C SER A 3 -2.82 6.50 7.98
N LYS A 4 -2.56 7.57 7.21
CA LYS A 4 -2.12 7.44 5.83
C LYS A 4 -0.62 7.17 5.81
N CYS A 5 -0.16 6.34 4.86
CA CYS A 5 1.27 6.14 4.59
C CYS A 5 1.48 5.97 3.07
N TYR A 6 2.68 6.25 2.56
CA TYR A 6 3.05 6.05 1.17
C TYR A 6 3.90 4.78 1.08
N ILE A 7 3.67 3.99 0.04
CA ILE A 7 4.43 2.81 -0.31
C ILE A 7 4.70 2.94 -1.80
N GLN A 8 5.95 2.77 -2.23
CA GLN A 8 6.28 2.66 -3.62
C GLN A 8 6.25 1.17 -3.89
N VAL A 9 5.48 0.75 -4.88
CA VAL A 9 5.33 -0.64 -5.28
C VAL A 9 6.03 -0.82 -6.63
N THR A 10 6.79 -1.92 -6.78
CA THR A 10 7.36 -2.30 -8.06
C THR A 10 6.35 -3.18 -8.81
N GLY A 11 5.16 -2.61 -8.99
CA GLY A 11 4.31 -2.86 -10.13
C GLY A 11 3.66 -1.52 -10.39
N MET A 12 3.86 -1.05 -11.61
CA MET A 12 3.43 0.25 -12.10
C MET A 12 2.85 0.02 -13.49
N THR A 13 3.73 -0.27 -14.46
CA THR A 13 3.32 -0.86 -15.73
C THR A 13 3.01 -2.35 -15.52
N CYS A 14 2.17 -2.65 -14.53
CA CYS A 14 1.68 -3.98 -14.20
C CYS A 14 0.17 -3.91 -14.47
N ALA A 15 -0.30 -4.78 -15.36
CA ALA A 15 -1.54 -4.60 -16.09
C ALA A 15 -2.77 -4.78 -15.19
N SER A 16 -3.09 -3.70 -14.48
CA SER A 16 -4.17 -3.57 -13.51
C SER A 16 -3.68 -4.00 -12.12
N CYS A 17 -2.43 -3.66 -11.82
CA CYS A 17 -1.83 -3.75 -10.49
C CYS A 17 -2.79 -3.15 -9.48
N VAL A 18 -3.39 -2.03 -9.91
CA VAL A 18 -4.27 -1.20 -9.13
C VAL A 18 -5.55 -1.95 -8.83
N ALA A 19 -6.20 -2.48 -9.86
CA ALA A 19 -7.35 -3.35 -9.72
C ALA A 19 -7.04 -4.48 -8.74
N ASN A 20 -5.87 -5.09 -8.88
CA ASN A 20 -5.39 -6.12 -7.96
C ASN A 20 -5.37 -5.56 -6.53
N ILE A 21 -4.66 -4.47 -6.32
CA ILE A 21 -4.53 -3.81 -5.03
C ILE A 21 -5.90 -3.56 -4.42
N GLU A 22 -6.79 -2.88 -5.15
CA GLU A 22 -8.16 -2.60 -4.74
C GLU A 22 -8.84 -3.89 -4.29
N ARG A 23 -8.91 -4.87 -5.20
CA ARG A 23 -9.57 -6.13 -4.99
C ARG A 23 -9.04 -6.86 -3.75
N ASN A 24 -7.73 -6.83 -3.53
CA ASN A 24 -7.13 -7.47 -2.37
C ASN A 24 -7.45 -6.65 -1.12
N LEU A 25 -6.92 -5.42 -1.08
CA LEU A 25 -6.69 -4.56 0.06
C LEU A 25 -7.87 -3.79 0.60
N ARG A 26 -8.98 -3.79 -0.14
CA ARG A 26 -10.25 -3.20 0.21
C ARG A 26 -10.46 -2.96 1.72
N ARG A 27 -10.63 -4.03 2.50
CA ARG A 27 -10.85 -4.01 3.95
C ARG A 27 -9.64 -4.14 4.86
N GLU A 28 -9.03 -5.29 4.64
CA GLU A 28 -8.23 -6.15 5.47
C GLU A 28 -8.22 -5.71 6.94
N GLU A 29 -9.45 -5.77 7.50
CA GLU A 29 -9.91 -5.24 8.77
C GLU A 29 -8.98 -4.19 9.36
N GLY A 30 -8.75 -3.12 8.61
CA GLY A 30 -7.74 -2.15 9.01
C GLY A 30 -7.38 -1.16 7.90
N ILE A 31 -7.51 -1.56 6.64
CA ILE A 31 -7.30 -0.67 5.50
C ILE A 31 -8.58 0.11 5.33
N TYR A 32 -8.54 1.42 5.60
CA TYR A 32 -9.62 2.29 5.19
C TYR A 32 -9.10 3.41 4.30
N SER A 33 -8.24 3.00 3.38
CA SER A 33 -8.12 3.49 2.02
C SER A 33 -7.26 2.49 1.29
N ILE A 34 -7.61 2.12 0.05
CA ILE A 34 -6.69 1.32 -0.72
C ILE A 34 -5.61 2.25 -1.27
N LEU A 35 -4.44 1.65 -1.46
CA LEU A 35 -3.17 2.22 -1.77
C LEU A 35 -2.94 2.23 -3.26
N VAL A 36 -3.56 3.16 -3.97
CA VAL A 36 -3.19 3.40 -5.35
C VAL A 36 -3.00 4.90 -5.55
N ALA A 37 -1.98 5.21 -6.33
CA ALA A 37 -1.71 6.52 -6.88
C ALA A 37 -0.86 6.31 -8.13
N LEU A 38 -1.40 5.50 -9.05
CA LEU A 38 -0.72 5.03 -10.24
C LEU A 38 -0.53 6.15 -11.26
N MET A 39 -1.35 7.22 -11.13
CA MET A 39 -1.10 8.50 -11.79
C MET A 39 0.37 8.92 -11.63
N ALA A 40 0.96 8.66 -10.45
CA ALA A 40 2.39 8.82 -10.23
C ALA A 40 3.12 7.49 -10.42
N GLY A 41 2.61 6.41 -9.80
CA GLY A 41 3.19 5.07 -9.84
C GLY A 41 3.53 4.63 -8.42
N LYS A 42 2.55 4.66 -7.51
CA LYS A 42 2.79 4.40 -6.10
C LYS A 42 1.46 4.00 -5.47
N ALA A 43 1.51 3.70 -4.18
CA ALA A 43 0.48 3.09 -3.39
C ALA A 43 0.32 3.89 -2.08
N GLU A 44 -0.89 4.37 -1.77
CA GLU A 44 -1.13 5.22 -0.60
C GLU A 44 -2.21 4.70 0.34
N VAL A 45 -1.84 3.87 1.31
CA VAL A 45 -2.76 3.21 2.17
C VAL A 45 -3.23 4.20 3.23
N ARG A 46 -4.45 3.99 3.74
CA ARG A 46 -4.84 4.50 5.05
C ARG A 46 -5.09 3.28 5.92
N TYR A 47 -4.25 3.06 6.94
CA TYR A 47 -4.22 1.84 7.73
C TYR A 47 -4.41 2.10 9.23
N ASN A 48 -4.69 1.00 9.94
CA ASN A 48 -4.94 0.96 11.36
C ASN A 48 -4.02 -0.09 12.00
N PRO A 49 -2.81 0.29 12.47
CA PRO A 49 -1.88 -0.63 13.11
C PRO A 49 -2.35 -1.06 14.50
N ALA A 50 -3.41 -1.88 14.51
CA ALA A 50 -3.78 -2.79 15.57
C ALA A 50 -3.87 -4.18 14.95
N VAL A 51 -4.58 -4.28 13.81
CA VAL A 51 -4.71 -5.49 13.03
C VAL A 51 -3.51 -5.65 12.09
N ILE A 52 -3.32 -4.69 11.18
CA ILE A 52 -2.49 -4.91 9.99
C ILE A 52 -1.00 -4.81 10.28
N GLN A 53 -0.50 -3.60 10.53
CA GLN A 53 0.90 -3.21 10.76
C GLN A 53 1.70 -3.01 9.46
N PRO A 54 2.39 -1.85 9.33
CA PRO A 54 3.26 -1.48 8.20
C PRO A 54 4.19 -2.55 7.63
N PRO A 55 5.02 -3.22 8.45
CA PRO A 55 5.81 -4.32 7.96
C PRO A 55 4.90 -5.34 7.29
N MET A 56 3.81 -5.74 7.97
CA MET A 56 3.02 -6.86 7.48
C MET A 56 2.39 -6.49 6.14
N ILE A 57 1.83 -5.29 6.01
CA ILE A 57 1.28 -4.91 4.72
C ILE A 57 2.36 -4.90 3.62
N ALA A 58 3.50 -4.27 3.86
CA ALA A 58 4.61 -4.28 2.91
C ALA A 58 4.99 -5.71 2.49
N GLU A 59 5.24 -6.56 3.47
CA GLU A 59 5.61 -7.93 3.28
C GLU A 59 4.55 -8.66 2.46
N PHE A 60 3.28 -8.64 2.87
CA PHE A 60 2.20 -9.27 2.13
C PHE A 60 2.24 -8.86 0.65
N ILE A 61 2.47 -7.57 0.38
CA ILE A 61 2.50 -7.07 -0.99
C ILE A 61 3.70 -7.68 -1.73
N ARG A 62 4.87 -7.78 -1.07
CA ARG A 62 6.01 -8.52 -1.61
C ARG A 62 5.65 -9.98 -1.89
N GLU A 63 5.09 -10.70 -0.91
CA GLU A 63 4.69 -12.08 -1.00
C GLU A 63 3.70 -12.31 -2.15
N LEU A 64 2.85 -11.32 -2.44
CA LEU A 64 1.91 -11.40 -3.55
C LEU A 64 2.63 -11.15 -4.88
N GLY A 65 3.83 -10.58 -4.85
CA GLY A 65 4.73 -10.51 -6.00
C GLY A 65 5.36 -9.13 -6.19
N PHE A 66 4.90 -8.11 -5.46
CA PHE A 66 5.12 -6.73 -5.84
C PHE A 66 6.08 -6.07 -4.86
N GLY A 67 7.25 -5.69 -5.37
CA GLY A 67 8.32 -5.13 -4.58
C GLY A 67 7.92 -3.80 -3.95
N ALA A 68 7.32 -3.90 -2.78
CA ALA A 68 6.87 -2.79 -1.95
C ALA A 68 8.02 -2.28 -1.10
N THR A 69 8.29 -0.98 -1.13
CA THR A 69 9.14 -0.29 -0.19
C THR A 69 8.28 0.80 0.43
N VAL A 70 8.26 0.89 1.76
CA VAL A 70 7.46 1.82 2.51
C VAL A 70 8.24 3.14 2.56
N ILE A 71 7.54 4.25 2.34
CA ILE A 71 8.11 5.59 2.32
C ILE A 71 7.29 6.43 3.28
N GLU A 72 7.52 6.19 4.57
CA GLU A 72 7.03 7.10 5.60
C GLU A 72 7.61 8.50 5.41
N ASN A 73 6.99 9.49 6.05
CA ASN A 73 7.32 10.89 5.85
C ASN A 73 8.68 11.22 6.47
N ILE A 74 9.35 12.25 5.93
CA ILE A 74 10.65 12.74 6.37
C ILE A 74 11.68 11.60 6.39
N GLU A 75 11.97 11.05 5.20
CA GLU A 75 12.97 10.01 5.01
C GLU A 75 14.33 10.42 5.60
N GLY A 76 14.75 11.65 5.29
CA GLY A 76 16.03 12.19 5.67
C GLY A 76 16.27 13.47 4.87
N ARG A 77 17.53 13.88 4.74
CA ARG A 77 17.96 14.99 3.90
C ARG A 77 19.46 14.78 3.69
CU CU B . 0.97 -5.70 -10.06
N ASN A 1 -4.79 5.90 15.53
CA ASN A 1 -3.85 5.12 14.72
C ASN A 1 -4.08 5.20 13.21
N SER A 2 -5.31 5.35 12.74
CA SER A 2 -5.68 5.07 11.34
C SER A 2 -5.13 6.10 10.34
N SER A 3 -3.84 5.99 10.06
CA SER A 3 -3.02 6.82 9.21
C SER A 3 -2.99 6.28 7.78
N LYS A 4 -2.40 7.07 6.87
CA LYS A 4 -2.00 6.65 5.54
C LYS A 4 -0.48 6.55 5.48
N CYS A 5 0.05 5.74 4.55
CA CYS A 5 1.44 5.82 4.12
C CYS A 5 1.54 5.49 2.63
N TYR A 6 2.75 5.62 2.09
CA TYR A 6 3.07 5.53 0.68
C TYR A 6 3.98 4.32 0.48
N ILE A 7 3.77 3.57 -0.60
CA ILE A 7 4.57 2.40 -0.95
C ILE A 7 4.90 2.39 -2.45
N GLN A 8 6.19 2.36 -2.84
CA GLN A 8 6.53 2.17 -4.24
C GLN A 8 6.40 0.68 -4.54
N VAL A 9 5.72 0.35 -5.64
CA VAL A 9 5.45 -1.03 -6.02
C VAL A 9 6.31 -1.40 -7.23
N THR A 10 7.15 -2.44 -7.09
CA THR A 10 8.00 -2.95 -8.16
C THR A 10 7.17 -3.57 -9.29
N GLY A 11 6.51 -2.72 -10.08
CA GLY A 11 5.78 -3.07 -11.29
C GLY A 11 5.35 -1.75 -11.92
N MET A 12 4.57 -0.96 -11.17
CA MET A 12 4.18 0.42 -11.47
C MET A 12 3.23 0.58 -12.66
N THR A 13 3.35 -0.28 -13.67
CA THR A 13 2.48 -0.31 -14.83
C THR A 13 2.51 -1.72 -15.41
N CYS A 14 2.24 -2.74 -14.59
CA CYS A 14 1.92 -4.06 -15.13
C CYS A 14 0.70 -3.92 -16.04
N ALA A 15 -0.28 -3.15 -15.57
CA ALA A 15 -1.44 -2.60 -16.25
C ALA A 15 -2.49 -2.31 -15.18
N SER A 16 -2.90 -3.35 -14.46
CA SER A 16 -3.97 -3.29 -13.48
C SER A 16 -3.41 -3.16 -12.07
N CYS A 17 -2.38 -2.33 -11.88
CA CYS A 17 -1.79 -2.11 -10.57
C CYS A 17 -2.89 -1.76 -9.58
N VAL A 18 -3.69 -0.77 -9.95
CA VAL A 18 -4.76 -0.33 -9.08
C VAL A 18 -5.77 -1.42 -8.85
N ALA A 19 -6.29 -1.91 -9.95
CA ALA A 19 -7.36 -2.89 -9.95
C ALA A 19 -6.97 -4.16 -9.19
N ASN A 20 -5.69 -4.56 -9.18
CA ASN A 20 -5.26 -5.63 -8.28
C ASN A 20 -5.36 -5.12 -6.85
N ILE A 21 -4.67 -4.01 -6.53
CA ILE A 21 -4.47 -3.62 -5.16
C ILE A 21 -5.81 -3.30 -4.49
N GLU A 22 -6.76 -2.73 -5.21
CA GLU A 22 -8.13 -2.57 -4.76
C GLU A 22 -8.62 -3.84 -4.07
N ARG A 23 -8.56 -4.94 -4.81
CA ARG A 23 -8.92 -6.23 -4.24
C ARG A 23 -7.95 -6.59 -3.10
N ASN A 24 -6.64 -6.39 -3.31
CA ASN A 24 -5.61 -6.91 -2.44
C ASN A 24 -5.75 -6.36 -1.02
N LEU A 25 -6.03 -5.06 -0.90
CA LEU A 25 -6.30 -4.36 0.32
C LEU A 25 -7.74 -4.56 0.84
N ARG A 26 -8.78 -4.49 0.00
CA ARG A 26 -10.15 -4.56 0.53
C ARG A 26 -10.47 -5.92 1.14
N ARG A 27 -9.71 -6.94 0.75
CA ARG A 27 -9.58 -8.20 1.45
C ARG A 27 -9.78 -8.08 2.96
N GLU A 28 -8.90 -7.33 3.62
CA GLU A 28 -8.57 -7.35 5.05
C GLU A 28 -7.12 -6.91 5.16
N GLU A 29 -6.64 -6.80 6.41
CA GLU A 29 -5.41 -6.17 6.88
C GLU A 29 -5.69 -4.80 7.49
N GLY A 30 -6.85 -4.63 8.10
CA GLY A 30 -7.21 -3.40 8.77
C GLY A 30 -7.12 -2.21 7.81
N ILE A 31 -7.60 -2.38 6.58
CA ILE A 31 -7.64 -1.29 5.59
C ILE A 31 -8.74 -0.29 5.95
N TYR A 32 -8.48 1.00 5.74
CA TYR A 32 -9.58 1.96 5.60
C TYR A 32 -9.29 3.09 4.61
N SER A 33 -8.69 2.72 3.49
CA SER A 33 -8.93 3.03 2.09
C SER A 33 -8.05 2.02 1.33
N ILE A 34 -8.33 1.68 0.06
CA ILE A 34 -7.26 1.20 -0.79
C ILE A 34 -7.02 2.30 -1.78
N LEU A 35 -5.76 2.44 -2.14
CA LEU A 35 -5.20 3.55 -2.85
C LEU A 35 -4.08 2.99 -3.70
N VAL A 36 -3.90 3.63 -4.83
CA VAL A 36 -2.84 3.38 -5.76
C VAL A 36 -2.70 4.68 -6.56
N ALA A 37 -1.76 5.51 -6.12
CA ALA A 37 -1.44 6.75 -6.82
C ALA A 37 -0.58 6.43 -8.06
N LEU A 38 -1.19 5.74 -9.03
CA LEU A 38 -0.58 5.48 -10.33
C LEU A 38 -0.08 6.77 -10.98
N MET A 39 -0.83 7.86 -10.81
CA MET A 39 -0.43 9.20 -11.24
C MET A 39 0.98 9.57 -10.75
N ALA A 40 1.31 9.20 -9.51
CA ALA A 40 2.62 9.45 -8.92
C ALA A 40 3.60 8.31 -9.21
N GLY A 41 3.08 7.11 -9.48
CA GLY A 41 3.88 5.93 -9.81
C GLY A 41 4.24 5.17 -8.54
N LYS A 42 3.27 5.06 -7.63
CA LYS A 42 3.45 4.33 -6.39
C LYS A 42 2.07 3.91 -5.90
N ALA A 43 2.03 2.87 -5.06
CA ALA A 43 0.81 2.50 -4.38
C ALA A 43 0.67 3.37 -3.12
N GLU A 44 -0.53 3.38 -2.55
CA GLU A 44 -0.78 4.06 -1.30
C GLU A 44 -1.54 3.13 -0.35
N VAL A 45 -1.48 3.37 0.96
CA VAL A 45 -2.28 2.63 1.95
C VAL A 45 -2.89 3.61 2.95
N ARG A 46 -4.13 3.35 3.38
CA ARG A 46 -4.68 3.88 4.61
C ARG A 46 -5.20 2.70 5.40
N TYR A 47 -4.76 2.57 6.64
CA TYR A 47 -4.89 1.35 7.39
C TYR A 47 -4.81 1.64 8.87
N ASN A 48 -5.09 0.64 9.70
CA ASN A 48 -4.98 0.76 11.16
C ASN A 48 -3.71 0.06 11.66
N PRO A 49 -2.58 0.78 11.81
CA PRO A 49 -1.40 0.27 12.49
C PRO A 49 -1.70 0.02 13.97
N ALA A 50 -2.32 -1.13 14.19
CA ALA A 50 -2.63 -1.76 15.46
C ALA A 50 -3.09 -3.17 15.09
N VAL A 51 -4.13 -3.25 14.24
CA VAL A 51 -4.60 -4.47 13.63
C VAL A 51 -3.46 -5.14 12.87
N ILE A 52 -2.84 -4.40 11.94
CA ILE A 52 -1.86 -4.97 11.02
C ILE A 52 -0.43 -4.75 11.53
N GLN A 53 0.09 -3.52 11.40
CA GLN A 53 1.46 -3.02 11.66
C GLN A 53 2.04 -2.60 10.31
N PRO A 54 2.73 -1.45 10.21
CA PRO A 54 3.38 -1.01 8.98
C PRO A 54 4.27 -2.06 8.32
N PRO A 55 5.22 -2.70 9.04
CA PRO A 55 5.89 -3.86 8.51
C PRO A 55 4.89 -4.88 8.01
N MET A 56 3.87 -5.23 8.82
CA MET A 56 3.02 -6.33 8.42
C MET A 56 2.23 -5.99 7.16
N ILE A 57 1.81 -4.73 6.97
CA ILE A 57 1.13 -4.39 5.73
C ILE A 57 2.12 -4.40 4.56
N ALA A 58 3.32 -3.82 4.76
CA ALA A 58 4.37 -3.85 3.76
C ALA A 58 4.71 -5.28 3.32
N GLU A 59 4.74 -6.23 4.27
CA GLU A 59 4.94 -7.62 4.02
C GLU A 59 3.75 -8.21 3.27
N PHE A 60 2.54 -8.13 3.84
CA PHE A 60 1.38 -8.82 3.31
C PHE A 60 1.17 -8.45 1.84
N ILE A 61 1.32 -7.16 1.49
CA ILE A 61 1.21 -6.74 0.09
C ILE A 61 2.20 -7.50 -0.81
N ARG A 62 3.41 -7.78 -0.31
CA ARG A 62 4.39 -8.61 -0.99
C ARG A 62 3.95 -10.07 -1.01
N GLU A 63 3.46 -10.62 0.09
CA GLU A 63 2.93 -11.98 0.14
C GLU A 63 1.80 -12.17 -0.87
N LEU A 64 0.99 -11.13 -1.13
CA LEU A 64 -0.05 -11.13 -2.13
C LEU A 64 0.53 -10.93 -3.55
N GLY A 65 1.77 -10.46 -3.67
CA GLY A 65 2.55 -10.52 -4.90
C GLY A 65 3.30 -9.24 -5.24
N PHE A 66 3.00 -8.12 -4.55
CA PHE A 66 3.32 -6.80 -5.06
C PHE A 66 4.47 -6.19 -4.26
N GLY A 67 5.57 -5.89 -4.96
CA GLY A 67 6.84 -5.45 -4.39
C GLY A 67 6.79 -4.06 -3.76
N ALA A 68 6.08 -3.98 -2.65
CA ALA A 68 5.76 -2.77 -1.92
C ALA A 68 6.91 -2.37 -0.99
N THR A 69 7.44 -1.16 -1.19
CA THR A 69 8.54 -0.59 -0.44
C THR A 69 8.09 0.74 0.15
N VAL A 70 8.10 0.88 1.48
CA VAL A 70 7.43 1.94 2.21
C VAL A 70 8.30 3.19 2.19
N ILE A 71 7.72 4.33 1.80
CA ILE A 71 8.46 5.58 1.59
C ILE A 71 7.70 6.79 2.12
N GLU A 72 7.41 6.76 3.41
CA GLU A 72 6.86 7.92 4.11
C GLU A 72 8.02 8.84 4.49
N ASN A 73 8.64 9.48 3.51
CA ASN A 73 9.75 10.41 3.73
C ASN A 73 9.92 11.29 2.49
N ILE A 74 10.40 12.53 2.69
CA ILE A 74 10.63 13.49 1.60
C ILE A 74 11.91 14.31 1.84
N GLU A 75 12.85 13.79 2.63
CA GLU A 75 14.09 14.49 2.94
C GLU A 75 15.09 14.32 1.80
N GLY A 76 16.11 15.20 1.75
CA GLY A 76 17.11 15.19 0.70
C GLY A 76 17.89 16.50 0.70
N ARG A 77 18.85 16.63 1.62
CA ARG A 77 19.79 17.73 1.71
C ARG A 77 20.98 17.16 2.47
CU CU B . 1.42 -3.11 -11.52
N ASN A 1 -9.27 6.89 14.35
CA ASN A 1 -7.88 7.31 14.07
C ASN A 1 -7.40 6.52 12.86
N SER A 2 -6.36 6.98 12.16
CA SER A 2 -5.79 6.25 11.04
C SER A 2 -4.39 6.76 10.72
N SER A 3 -3.48 5.83 10.45
CA SER A 3 -2.18 6.05 9.83
C SER A 3 -2.37 6.04 8.32
N LYS A 4 -1.64 6.93 7.62
CA LYS A 4 -1.51 6.94 6.19
C LYS A 4 -0.09 6.44 5.92
N CYS A 5 0.11 5.75 4.79
CA CYS A 5 1.42 5.28 4.36
C CYS A 5 1.39 5.23 2.84
N TYR A 6 2.55 5.24 2.20
CA TYR A 6 2.70 5.22 0.76
C TYR A 6 3.80 4.20 0.46
N ILE A 7 3.71 3.51 -0.68
CA ILE A 7 4.52 2.35 -0.98
C ILE A 7 4.91 2.41 -2.45
N GLN A 8 6.22 2.41 -2.73
CA GLN A 8 6.73 2.35 -4.07
C GLN A 8 6.67 0.87 -4.40
N VAL A 9 6.02 0.53 -5.51
CA VAL A 9 5.66 -0.85 -5.85
C VAL A 9 5.95 -1.11 -7.33
N THR A 10 6.53 -2.28 -7.60
CA THR A 10 7.17 -2.56 -8.88
C THR A 10 6.15 -3.02 -9.94
N GLY A 11 5.29 -2.09 -10.33
CA GLY A 11 4.46 -2.17 -11.52
C GLY A 11 3.12 -1.55 -11.23
N MET A 12 3.13 -0.27 -11.51
CA MET A 12 1.97 0.60 -11.51
C MET A 12 1.50 0.84 -12.93
N THR A 13 2.40 1.34 -13.79
CA THR A 13 2.19 1.49 -15.22
C THR A 13 2.22 0.10 -15.88
N CYS A 14 1.34 -0.77 -15.41
CA CYS A 14 1.14 -2.14 -15.86
C CYS A 14 -0.24 -2.16 -16.53
N ALA A 15 -0.63 -3.27 -17.14
CA ALA A 15 -2.01 -3.48 -17.55
C ALA A 15 -2.77 -3.97 -16.32
N SER A 16 -3.83 -3.25 -15.95
CA SER A 16 -4.28 -3.20 -14.57
C SER A 16 -3.14 -2.72 -13.68
N CYS A 17 -2.25 -3.61 -13.24
CA CYS A 17 -2.22 -4.25 -11.91
C CYS A 17 -2.99 -3.56 -10.77
N VAL A 18 -3.30 -2.28 -10.87
CA VAL A 18 -4.15 -1.57 -9.94
C VAL A 18 -5.39 -2.32 -9.49
N ALA A 19 -6.00 -3.07 -10.40
CA ALA A 19 -7.17 -3.89 -10.10
C ALA A 19 -6.85 -4.89 -8.97
N ASN A 20 -5.69 -5.54 -9.06
CA ASN A 20 -5.20 -6.41 -8.01
C ASN A 20 -5.02 -5.59 -6.74
N ILE A 21 -4.31 -4.46 -6.83
CA ILE A 21 -4.14 -3.52 -5.75
C ILE A 21 -5.51 -3.21 -5.10
N GLU A 22 -6.51 -2.68 -5.79
CA GLU A 22 -7.86 -2.53 -5.26
C GLU A 22 -8.40 -3.75 -4.51
N ARG A 23 -8.22 -4.96 -5.05
CA ARG A 23 -8.48 -6.16 -4.28
C ARG A 23 -7.55 -6.34 -3.05
N ASN A 24 -6.30 -5.85 -3.13
CA ASN A 24 -5.23 -6.06 -2.19
C ASN A 24 -5.58 -5.50 -0.83
N LEU A 25 -5.70 -4.19 -0.71
CA LEU A 25 -5.66 -3.59 0.61
C LEU A 25 -6.97 -3.83 1.36
N ARG A 26 -8.06 -4.00 0.61
CA ARG A 26 -9.33 -4.47 1.14
C ARG A 26 -9.27 -5.89 1.76
N ARG A 27 -8.24 -6.70 1.47
CA ARG A 27 -8.00 -7.92 2.25
C ARG A 27 -7.81 -7.58 3.73
N GLU A 28 -7.10 -6.49 4.01
CA GLU A 28 -6.27 -6.42 5.19
C GLU A 28 -6.99 -5.63 6.27
N GLU A 29 -7.91 -6.33 6.94
CA GLU A 29 -8.67 -5.86 8.08
C GLU A 29 -7.82 -4.94 8.97
N GLY A 30 -8.20 -3.66 9.04
CA GLY A 30 -7.39 -2.61 9.62
C GLY A 30 -7.14 -1.48 8.61
N ILE A 31 -7.28 -1.79 7.32
CA ILE A 31 -7.40 -0.83 6.24
C ILE A 31 -8.82 -0.29 6.23
N TYR A 32 -9.00 0.99 5.87
CA TYR A 32 -10.30 1.38 5.30
C TYR A 32 -10.16 2.32 4.10
N SER A 33 -9.14 2.09 3.30
CA SER A 33 -8.90 2.74 2.03
C SER A 33 -7.79 1.99 1.28
N ILE A 34 -8.02 1.53 0.04
CA ILE A 34 -6.97 1.03 -0.85
C ILE A 34 -6.72 2.06 -1.94
N LEU A 35 -5.60 2.77 -1.86
CA LEU A 35 -5.35 3.93 -2.68
C LEU A 35 -4.13 3.63 -3.49
N VAL A 36 -4.01 4.23 -4.67
CA VAL A 36 -2.93 3.84 -5.53
C VAL A 36 -2.65 4.92 -6.58
N ALA A 37 -1.68 5.80 -6.31
CA ALA A 37 -1.33 6.85 -7.25
C ALA A 37 -0.42 6.26 -8.33
N LEU A 38 -1.01 5.48 -9.24
CA LEU A 38 -0.30 4.77 -10.31
C LEU A 38 0.72 5.67 -10.99
N MET A 39 0.26 6.85 -11.41
CA MET A 39 1.05 7.85 -12.13
C MET A 39 2.29 8.27 -11.33
N ALA A 40 2.21 8.28 -10.00
CA ALA A 40 3.33 8.64 -9.14
C ALA A 40 4.27 7.46 -8.89
N GLY A 41 3.95 6.27 -9.42
CA GLY A 41 4.81 5.10 -9.33
C GLY A 41 4.63 4.40 -8.00
N LYS A 42 3.53 4.64 -7.28
CA LYS A 42 3.37 4.17 -5.93
C LYS A 42 1.92 3.83 -5.60
N ALA A 43 1.72 2.81 -4.76
CA ALA A 43 0.48 2.51 -4.10
C ALA A 43 0.35 3.38 -2.83
N GLU A 44 -0.88 3.48 -2.32
CA GLU A 44 -1.30 4.38 -1.26
C GLU A 44 -2.18 3.70 -0.19
N VAL A 45 -1.91 3.96 1.10
CA VAL A 45 -2.38 3.13 2.20
C VAL A 45 -3.01 4.04 3.27
N ARG A 46 -4.15 3.61 3.85
CA ARG A 46 -4.86 4.35 4.89
C ARG A 46 -5.60 3.37 5.81
N TYR A 47 -5.07 3.21 7.02
CA TYR A 47 -5.24 2.04 7.86
C TYR A 47 -5.04 2.40 9.33
N ASN A 48 -5.18 1.43 10.24
CA ASN A 48 -4.98 1.61 11.67
C ASN A 48 -3.84 0.71 12.18
N PRO A 49 -2.77 1.25 12.81
CA PRO A 49 -1.62 0.44 13.18
C PRO A 49 -1.87 -0.25 14.52
N ALA A 50 -2.88 -1.11 14.57
CA ALA A 50 -3.22 -1.88 15.77
C ALA A 50 -3.38 -3.33 15.33
N VAL A 51 -4.47 -3.59 14.60
CA VAL A 51 -4.78 -4.89 14.05
C VAL A 51 -3.64 -5.40 13.15
N ILE A 52 -3.11 -4.50 12.31
CA ILE A 52 -2.54 -4.91 11.03
C ILE A 52 -1.02 -4.70 10.93
N GLN A 53 -0.44 -3.80 11.72
CA GLN A 53 1.01 -3.55 11.83
C GLN A 53 1.61 -2.87 10.58
N PRO A 54 2.21 -1.68 10.70
CA PRO A 54 3.01 -1.05 9.66
C PRO A 54 4.03 -1.95 8.96
N PRO A 55 4.80 -2.80 9.67
CA PRO A 55 5.55 -3.82 8.98
C PRO A 55 4.60 -4.72 8.19
N MET A 56 3.58 -5.30 8.86
CA MET A 56 2.87 -6.38 8.22
C MET A 56 2.04 -5.89 7.02
N ILE A 57 1.59 -4.63 7.01
CA ILE A 57 0.90 -4.12 5.82
C ILE A 57 1.87 -4.06 4.62
N ALA A 58 3.14 -3.71 4.86
CA ALA A 58 4.18 -3.79 3.84
C ALA A 58 4.34 -5.23 3.35
N GLU A 59 4.43 -6.17 4.28
CA GLU A 59 4.62 -7.57 3.99
C GLU A 59 3.49 -8.14 3.14
N PHE A 60 2.24 -8.05 3.62
CA PHE A 60 1.09 -8.69 2.99
C PHE A 60 1.04 -8.37 1.50
N ILE A 61 1.38 -7.14 1.12
CA ILE A 61 1.45 -6.76 -0.29
C ILE A 61 2.49 -7.61 -1.04
N ARG A 62 3.69 -7.76 -0.48
CA ARG A 62 4.73 -8.58 -1.06
C ARG A 62 4.37 -10.05 -1.07
N GLU A 63 3.61 -10.53 -0.08
CA GLU A 63 3.09 -11.88 -0.09
C GLU A 63 2.22 -12.17 -1.32
N LEU A 64 1.65 -11.14 -1.96
CA LEU A 64 0.92 -11.29 -3.21
C LEU A 64 1.87 -11.35 -4.42
N GLY A 65 3.12 -10.94 -4.24
CA GLY A 65 4.14 -10.88 -5.29
C GLY A 65 4.53 -9.43 -5.61
N PHE A 66 3.76 -8.46 -5.11
CA PHE A 66 3.95 -7.06 -5.46
C PHE A 66 5.11 -6.47 -4.65
N GLY A 67 6.26 -6.35 -5.31
CA GLY A 67 7.49 -5.84 -4.76
C GLY A 67 7.34 -4.37 -4.37
N ALA A 68 6.85 -4.20 -3.14
CA ALA A 68 6.47 -2.94 -2.50
C ALA A 68 7.42 -2.59 -1.34
N THR A 69 7.94 -1.35 -1.33
CA THR A 69 8.76 -0.82 -0.27
C THR A 69 8.06 0.43 0.28
N VAL A 70 8.06 0.59 1.60
CA VAL A 70 7.32 1.60 2.34
C VAL A 70 8.09 2.92 2.36
N ILE A 71 7.38 4.04 2.12
CA ILE A 71 7.92 5.38 2.03
C ILE A 71 6.92 6.39 2.60
N GLU A 72 6.93 6.56 3.92
CA GLU A 72 6.37 7.72 4.59
C GLU A 72 7.01 9.01 4.07
N ASN A 73 6.36 10.15 4.37
CA ASN A 73 6.88 11.49 4.16
C ASN A 73 6.97 12.19 5.52
N ILE A 74 7.62 13.36 5.55
CA ILE A 74 7.79 14.19 6.74
C ILE A 74 7.72 15.65 6.29
N GLU A 75 7.54 16.57 7.23
CA GLU A 75 7.62 18.00 6.96
C GLU A 75 9.07 18.37 6.67
N GLY A 76 9.96 18.05 7.60
CA GLY A 76 11.35 18.48 7.62
C GLY A 76 11.70 18.77 9.08
N ARG A 77 12.37 19.91 9.32
CA ARG A 77 12.91 20.32 10.62
C ARG A 77 14.12 19.44 10.97
CU CU B . 1.73 -5.87 -13.29
N ASN A 1 -6.31 4.28 15.65
CA ASN A 1 -7.38 5.16 15.13
C ASN A 1 -6.97 5.76 13.79
N SER A 2 -6.65 4.87 12.84
CA SER A 2 -6.13 5.21 11.53
C SER A 2 -4.73 5.86 11.58
N SER A 3 -3.99 5.71 10.48
CA SER A 3 -2.71 6.32 10.18
C SER A 3 -2.59 6.30 8.65
N LYS A 4 -1.58 6.99 8.10
CA LYS A 4 -1.30 7.01 6.69
C LYS A 4 0.18 6.70 6.47
N CYS A 5 0.53 6.14 5.31
CA CYS A 5 1.92 5.98 4.88
C CYS A 5 1.94 6.07 3.36
N TYR A 6 3.08 6.43 2.77
CA TYR A 6 3.31 6.35 1.34
C TYR A 6 4.25 5.17 1.10
N ILE A 7 3.97 4.39 0.06
CA ILE A 7 4.66 3.15 -0.23
C ILE A 7 4.86 3.18 -1.74
N GLN A 8 6.01 2.74 -2.28
CA GLN A 8 6.26 2.81 -3.71
C GLN A 8 6.58 1.40 -4.21
N VAL A 9 5.74 0.92 -5.13
CA VAL A 9 5.56 -0.51 -5.41
C VAL A 9 6.10 -0.86 -6.81
N THR A 10 6.78 -2.01 -6.93
CA THR A 10 7.55 -2.32 -8.13
C THR A 10 6.69 -2.53 -9.39
N GLY A 11 5.56 -3.25 -9.27
CA GLY A 11 4.58 -3.37 -10.35
C GLY A 11 3.17 -3.28 -9.83
N MET A 12 3.06 -2.24 -9.03
CA MET A 12 1.98 -1.28 -8.97
C MET A 12 1.09 -1.38 -10.22
N THR A 13 1.74 -1.33 -11.37
CA THR A 13 1.22 -1.63 -12.68
C THR A 13 2.08 -2.75 -13.25
N CYS A 14 1.49 -3.87 -13.68
CA CYS A 14 1.66 -4.23 -15.09
C CYS A 14 0.29 -4.05 -15.77
N ALA A 15 -0.15 -2.79 -15.81
CA ALA A 15 -1.46 -2.30 -16.24
C ALA A 15 -2.57 -2.79 -15.32
N SER A 16 -2.78 -4.10 -15.30
CA SER A 16 -3.77 -4.82 -14.53
C SER A 16 -3.81 -4.36 -13.07
N CYS A 17 -2.62 -4.32 -12.47
CA CYS A 17 -2.43 -4.71 -11.08
C CYS A 17 -3.06 -3.78 -10.07
N VAL A 18 -3.36 -2.53 -10.44
CA VAL A 18 -4.14 -1.67 -9.60
C VAL A 18 -5.46 -2.36 -9.20
N ALA A 19 -6.05 -3.12 -10.14
CA ALA A 19 -7.19 -3.96 -9.87
C ALA A 19 -6.87 -4.95 -8.74
N ASN A 20 -5.76 -5.68 -8.89
CA ASN A 20 -5.33 -6.73 -7.96
C ASN A 20 -5.16 -6.12 -6.57
N ILE A 21 -4.36 -5.05 -6.49
CA ILE A 21 -4.14 -4.27 -5.31
C ILE A 21 -5.49 -3.89 -4.68
N GLU A 22 -6.37 -3.16 -5.37
CA GLU A 22 -7.70 -2.86 -4.82
C GLU A 22 -8.40 -4.11 -4.25
N ARG A 23 -8.63 -5.11 -5.11
CA ARG A 23 -9.34 -6.32 -4.74
C ARG A 23 -8.70 -6.98 -3.51
N ASN A 24 -7.37 -6.98 -3.42
CA ASN A 24 -6.70 -7.56 -2.26
C ASN A 24 -7.07 -6.74 -1.04
N LEU A 25 -6.71 -5.45 -1.05
CA LEU A 25 -6.63 -4.67 0.15
C LEU A 25 -8.02 -4.31 0.71
N ARG A 26 -8.97 -3.92 -0.15
CA ARG A 26 -10.13 -3.19 0.26
C ARG A 26 -11.06 -4.02 1.15
N ARG A 27 -10.93 -5.34 1.09
CA ARG A 27 -11.76 -6.28 1.83
C ARG A 27 -11.95 -5.85 3.27
N GLU A 28 -10.85 -5.78 4.02
CA GLU A 28 -10.90 -5.84 5.48
C GLU A 28 -9.56 -5.63 6.17
N GLU A 29 -8.58 -5.17 5.42
CA GLU A 29 -7.23 -5.62 5.65
C GLU A 29 -6.47 -4.56 6.43
N GLY A 30 -7.08 -4.18 7.56
CA GLY A 30 -6.65 -3.08 8.40
C GLY A 30 -6.59 -1.74 7.66
N ILE A 31 -7.16 -1.64 6.46
CA ILE A 31 -7.13 -0.44 5.64
C ILE A 31 -8.27 0.51 6.03
N TYR A 32 -8.17 1.80 5.65
CA TYR A 32 -9.36 2.57 5.29
C TYR A 32 -9.05 3.59 4.19
N SER A 33 -8.35 3.12 3.17
CA SER A 33 -8.27 3.55 1.77
C SER A 33 -7.62 2.38 1.02
N ILE A 34 -7.48 2.45 -0.31
CA ILE A 34 -6.53 1.60 -1.00
C ILE A 34 -5.31 2.42 -1.42
N LEU A 35 -4.15 1.81 -1.25
CA LEU A 35 -2.82 2.28 -1.50
C LEU A 35 -2.50 2.24 -3.00
N VAL A 36 -3.18 3.05 -3.79
CA VAL A 36 -2.81 3.27 -5.18
C VAL A 36 -2.83 4.75 -5.50
N ALA A 37 -1.84 5.16 -6.30
CA ALA A 37 -1.83 6.40 -7.03
C ALA A 37 -0.97 6.07 -8.25
N LEU A 38 -1.47 5.15 -9.09
CA LEU A 38 -0.72 4.64 -10.22
C LEU A 38 -0.36 5.81 -11.14
N MET A 39 -1.31 6.72 -11.38
CA MET A 39 -1.05 8.00 -12.04
C MET A 39 0.22 8.70 -11.52
N ALA A 40 0.48 8.60 -10.21
CA ALA A 40 1.63 9.21 -9.55
C ALA A 40 2.79 8.22 -9.35
N GLY A 41 2.60 6.91 -9.58
CA GLY A 41 3.69 5.96 -9.54
C GLY A 41 3.92 5.44 -8.13
N LYS A 42 2.87 5.24 -7.33
CA LYS A 42 3.04 4.87 -5.95
C LYS A 42 1.75 4.28 -5.40
N ALA A 43 1.82 3.88 -4.13
CA ALA A 43 0.77 3.39 -3.29
C ALA A 43 0.59 4.32 -2.09
N GLU A 44 -0.65 4.70 -1.77
CA GLU A 44 -0.97 5.70 -0.77
C GLU A 44 -1.96 5.16 0.27
N VAL A 45 -1.43 4.44 1.27
CA VAL A 45 -2.22 3.69 2.19
C VAL A 45 -2.72 4.60 3.31
N ARG A 46 -4.01 4.46 3.64
CA ARG A 46 -4.59 4.86 4.91
C ARG A 46 -5.00 3.55 5.56
N TYR A 47 -4.56 3.31 6.80
CA TYR A 47 -4.71 2.01 7.45
C TYR A 47 -4.65 2.21 8.95
N ASN A 48 -4.86 1.15 9.73
CA ASN A 48 -4.79 1.21 11.18
C ASN A 48 -3.75 0.22 11.71
N PRO A 49 -2.50 0.66 11.95
CA PRO A 49 -1.40 -0.21 12.38
C PRO A 49 -1.57 -0.68 13.83
N ALA A 50 -2.50 -1.61 14.00
CA ALA A 50 -2.66 -2.44 15.19
C ALA A 50 -3.19 -3.79 14.70
N VAL A 51 -4.26 -3.75 13.92
CA VAL A 51 -4.80 -4.89 13.21
C VAL A 51 -3.69 -5.53 12.36
N ILE A 52 -3.09 -4.74 11.46
CA ILE A 52 -2.19 -5.27 10.44
C ILE A 52 -0.71 -5.21 10.85
N GLN A 53 -0.11 -4.01 10.91
CA GLN A 53 1.29 -3.66 11.15
C GLN A 53 1.89 -3.13 9.84
N PRO A 54 2.72 -2.08 9.89
CA PRO A 54 3.47 -1.57 8.74
C PRO A 54 4.27 -2.63 7.99
N PRO A 55 5.11 -3.46 8.65
CA PRO A 55 5.65 -4.65 8.03
C PRO A 55 4.55 -5.42 7.32
N MET A 56 3.47 -5.79 8.03
CA MET A 56 2.50 -6.66 7.38
C MET A 56 1.86 -6.00 6.17
N ILE A 57 1.60 -4.69 6.19
CA ILE A 57 1.00 -4.04 5.04
C ILE A 57 1.97 -4.02 3.85
N ALA A 58 3.27 -3.77 4.08
CA ALA A 58 4.28 -3.96 3.04
C ALA A 58 4.32 -5.40 2.51
N GLU A 59 4.51 -6.36 3.41
CA GLU A 59 4.60 -7.77 3.15
C GLU A 59 3.45 -8.25 2.27
N PHE A 60 2.22 -7.84 2.61
CA PHE A 60 1.04 -8.11 1.80
C PHE A 60 1.27 -7.81 0.31
N ILE A 61 1.92 -6.70 0.01
CA ILE A 61 2.16 -6.29 -1.37
C ILE A 61 3.25 -7.18 -1.96
N ARG A 62 4.31 -7.37 -1.17
CA ARG A 62 5.47 -8.15 -1.52
C ARG A 62 5.15 -9.58 -1.92
N GLU A 63 4.58 -10.35 -0.98
CA GLU A 63 4.51 -11.79 -1.04
C GLU A 63 3.80 -12.26 -2.31
N LEU A 64 2.56 -11.83 -2.49
CA LEU A 64 1.75 -12.22 -3.63
C LEU A 64 2.02 -11.33 -4.84
N GLY A 65 2.30 -10.03 -4.63
CA GLY A 65 2.47 -9.08 -5.71
C GLY A 65 3.94 -8.95 -6.09
N PHE A 66 4.65 -7.99 -5.48
CA PHE A 66 5.86 -7.45 -6.07
C PHE A 66 6.97 -7.25 -5.04
N GLY A 67 6.86 -6.17 -4.28
CA GLY A 67 8.01 -5.40 -3.87
C GLY A 67 7.48 -4.00 -3.57
N ALA A 68 7.70 -3.54 -2.35
CA ALA A 68 7.04 -2.36 -1.80
C ALA A 68 8.03 -1.66 -0.88
N THR A 69 8.42 -0.43 -1.23
CA THR A 69 9.29 0.38 -0.41
C THR A 69 8.39 1.26 0.46
N VAL A 70 8.46 1.12 1.78
CA VAL A 70 7.71 1.92 2.74
C VAL A 70 8.48 3.23 2.95
N ILE A 71 7.83 4.36 2.65
CA ILE A 71 8.47 5.67 2.59
C ILE A 71 7.46 6.72 3.09
N GLU A 72 7.29 6.80 4.40
CA GLU A 72 6.60 7.90 5.07
C GLU A 72 7.40 9.22 4.94
N ASN A 73 7.45 9.73 3.71
CA ASN A 73 7.97 11.04 3.29
C ASN A 73 9.24 11.48 4.03
N ILE A 74 10.38 10.89 3.67
CA ILE A 74 11.67 11.15 4.29
C ILE A 74 12.09 12.63 4.20
N GLU A 75 11.87 13.27 3.03
CA GLU A 75 12.22 14.67 2.77
C GLU A 75 11.11 15.24 1.89
N GLY A 76 10.95 16.56 1.89
CA GLY A 76 9.90 17.27 1.16
C GLY A 76 10.21 18.76 1.17
N ARG A 77 11.27 19.14 0.46
CA ARG A 77 11.83 20.47 0.38
C ARG A 77 12.44 20.58 -1.01
CU CU B . 1.62 -6.38 -12.22
N ASN A 1 -4.48 4.93 13.81
CA ASN A 1 -5.59 5.80 14.23
C ASN A 1 -6.24 6.40 12.99
N SER A 2 -6.76 5.53 12.13
CA SER A 2 -7.17 5.85 10.76
C SER A 2 -6.12 6.75 10.09
N SER A 3 -4.92 6.21 10.02
CA SER A 3 -3.69 6.91 9.72
C SER A 3 -3.26 6.54 8.31
N LYS A 4 -2.72 7.50 7.54
CA LYS A 4 -2.22 7.24 6.20
C LYS A 4 -0.73 6.92 6.25
N CYS A 5 -0.23 6.16 5.27
CA CYS A 5 1.22 6.00 5.02
C CYS A 5 1.42 5.67 3.55
N TYR A 6 2.63 5.86 3.00
CA TYR A 6 2.92 5.71 1.58
C TYR A 6 3.70 4.41 1.37
N ILE A 7 3.64 3.90 0.14
CA ILE A 7 4.31 2.68 -0.28
C ILE A 7 4.74 2.87 -1.74
N GLN A 8 5.87 2.28 -2.13
CA GLN A 8 6.31 2.21 -3.53
C GLN A 8 6.16 0.76 -3.99
N VAL A 9 5.73 0.57 -5.24
CA VAL A 9 5.54 -0.75 -5.84
C VAL A 9 6.63 -1.01 -6.88
N THR A 10 7.36 -2.12 -6.77
CA THR A 10 8.44 -2.48 -7.68
C THR A 10 7.88 -2.98 -9.02
N GLY A 11 7.39 -2.05 -9.83
CA GLY A 11 6.93 -2.22 -11.20
C GLY A 11 6.13 -0.97 -11.52
N MET A 12 5.06 -0.82 -10.75
CA MET A 12 4.08 0.23 -10.72
C MET A 12 3.32 0.45 -12.04
N THR A 13 2.02 0.67 -11.93
CA THR A 13 1.08 0.85 -13.02
C THR A 13 0.81 -0.50 -13.70
N CYS A 14 1.87 -1.14 -14.21
CA CYS A 14 1.86 -2.50 -14.71
C CYS A 14 0.70 -2.65 -15.70
N ALA A 15 -0.20 -3.61 -15.46
CA ALA A 15 -1.58 -3.57 -15.89
C ALA A 15 -2.34 -4.48 -14.92
N SER A 16 -3.58 -4.13 -14.56
CA SER A 16 -4.46 -4.85 -13.64
C SER A 16 -3.98 -4.98 -12.19
N CYS A 17 -2.69 -4.92 -11.91
CA CYS A 17 -2.10 -4.85 -10.58
C CYS A 17 -2.93 -3.97 -9.64
N VAL A 18 -3.46 -2.86 -10.14
CA VAL A 18 -4.24 -1.92 -9.39
C VAL A 18 -5.54 -2.58 -8.93
N ALA A 19 -6.21 -3.28 -9.84
CA ALA A 19 -7.39 -4.07 -9.55
C ALA A 19 -7.07 -5.07 -8.45
N ASN A 20 -5.93 -5.77 -8.59
CA ASN A 20 -5.50 -6.76 -7.61
C ASN A 20 -5.36 -6.08 -6.25
N ILE A 21 -4.51 -5.05 -6.20
CA ILE A 21 -4.20 -4.25 -5.04
C ILE A 21 -5.49 -3.82 -4.32
N GLU A 22 -6.38 -3.10 -5.02
CA GLU A 22 -7.69 -2.73 -4.51
C GLU A 22 -8.42 -3.93 -3.90
N ARG A 23 -8.68 -4.94 -4.73
CA ARG A 23 -9.56 -6.05 -4.37
C ARG A 23 -9.02 -6.81 -3.16
N ASN A 24 -7.70 -6.91 -3.03
CA ASN A 24 -7.10 -7.54 -1.85
C ASN A 24 -7.27 -6.66 -0.62
N LEU A 25 -6.63 -5.49 -0.65
CA LEU A 25 -6.35 -4.66 0.49
C LEU A 25 -7.57 -3.86 0.93
N ARG A 26 -8.63 -3.89 0.12
CA ARG A 26 -9.82 -3.07 0.09
C ARG A 26 -10.10 -2.40 1.43
N ARG A 27 -10.63 -3.19 2.35
CA ARG A 27 -10.57 -3.10 3.78
C ARG A 27 -9.44 -3.86 4.47
N GLU A 28 -9.11 -5.06 3.97
CA GLU A 28 -8.67 -6.21 4.77
C GLU A 28 -8.88 -6.03 6.28
N GLU A 29 -10.13 -5.75 6.64
CA GLU A 29 -10.63 -5.43 7.97
C GLU A 29 -9.60 -4.66 8.82
N GLY A 30 -9.07 -3.54 8.31
CA GLY A 30 -7.98 -2.79 8.93
C GLY A 30 -7.54 -1.54 8.13
N ILE A 31 -7.55 -1.65 6.80
CA ILE A 31 -7.42 -0.58 5.82
C ILE A 31 -8.79 0.05 5.65
N TYR A 32 -8.87 1.36 5.42
CA TYR A 32 -10.05 1.94 4.79
C TYR A 32 -9.68 3.14 3.92
N SER A 33 -8.67 2.94 3.10
CA SER A 33 -8.50 3.51 1.77
C SER A 33 -7.35 2.78 1.10
N ILE A 34 -7.49 2.38 -0.17
CA ILE A 34 -6.51 1.52 -0.79
C ILE A 34 -5.30 2.30 -1.33
N LEU A 35 -4.19 1.57 -1.34
CA LEU A 35 -2.82 1.95 -1.54
C LEU A 35 -2.52 2.23 -3.01
N VAL A 36 -3.21 3.18 -3.64
CA VAL A 36 -2.97 3.49 -5.04
C VAL A 36 -2.91 4.98 -5.33
N ALA A 37 -1.77 5.38 -5.91
CA ALA A 37 -1.62 6.50 -6.81
C ALA A 37 -0.77 6.01 -7.99
N LEU A 38 -1.25 4.95 -8.65
CA LEU A 38 -0.53 4.27 -9.73
C LEU A 38 -0.57 5.08 -11.04
N MET A 39 -1.34 6.17 -11.06
CA MET A 39 -1.17 7.22 -12.07
C MET A 39 0.25 7.79 -11.99
N ALA A 40 0.75 8.00 -10.77
CA ALA A 40 2.11 8.48 -10.53
C ALA A 40 3.09 7.31 -10.50
N GLY A 41 2.70 6.21 -9.85
CA GLY A 41 3.46 4.98 -9.78
C GLY A 41 3.81 4.68 -8.32
N LYS A 42 2.83 4.74 -7.42
CA LYS A 42 3.06 4.68 -5.99
C LYS A 42 1.73 4.34 -5.34
N ALA A 43 1.73 4.19 -4.02
CA ALA A 43 0.65 3.63 -3.26
C ALA A 43 0.52 4.42 -1.95
N GLU A 44 -0.71 4.69 -1.48
CA GLU A 44 -0.94 5.42 -0.23
C GLU A 44 -2.13 4.84 0.52
N VAL A 45 -1.87 4.09 1.60
CA VAL A 45 -2.85 3.34 2.33
C VAL A 45 -3.40 4.22 3.44
N ARG A 46 -4.71 4.14 3.74
CA ARG A 46 -5.32 4.65 4.97
C ARG A 46 -5.66 3.42 5.81
N TYR A 47 -5.16 3.31 7.03
CA TYR A 47 -5.24 2.08 7.81
C TYR A 47 -5.03 2.32 9.30
N ASN A 48 -5.10 1.24 10.08
CA ASN A 48 -4.59 1.21 11.43
C ASN A 48 -3.35 0.31 11.46
N PRO A 49 -2.14 0.88 11.64
CA PRO A 49 -0.90 0.12 11.65
C PRO A 49 -0.73 -0.64 12.98
N ALA A 50 -1.69 -1.50 13.29
CA ALA A 50 -1.85 -2.19 14.55
C ALA A 50 -2.68 -3.44 14.28
N VAL A 51 -3.83 -3.22 13.63
CA VAL A 51 -4.70 -4.27 13.16
C VAL A 51 -3.97 -5.16 12.15
N ILE A 52 -3.21 -4.54 11.23
CA ILE A 52 -2.55 -5.24 10.14
C ILE A 52 -1.03 -5.25 10.35
N GLN A 53 -0.46 -4.05 10.53
CA GLN A 53 0.92 -3.74 10.91
C GLN A 53 1.79 -3.47 9.66
N PRO A 54 2.53 -2.34 9.58
CA PRO A 54 3.26 -1.94 8.38
C PRO A 54 4.25 -2.95 7.81
N PRO A 55 5.09 -3.64 8.61
CA PRO A 55 5.95 -4.66 8.05
C PRO A 55 5.09 -5.71 7.36
N MET A 56 3.98 -6.11 8.00
CA MET A 56 3.09 -7.09 7.42
C MET A 56 2.52 -6.57 6.10
N ILE A 57 2.07 -5.31 6.03
CA ILE A 57 1.58 -4.80 4.74
C ILE A 57 2.70 -4.80 3.68
N ALA A 58 3.87 -4.26 4.05
CA ALA A 58 5.04 -4.18 3.19
C ALA A 58 5.43 -5.54 2.61
N GLU A 59 5.32 -6.60 3.43
CA GLU A 59 5.50 -7.97 3.02
C GLU A 59 4.34 -8.43 2.13
N PHE A 60 3.10 -8.40 2.63
CA PHE A 60 1.92 -8.85 1.90
C PHE A 60 1.89 -8.34 0.47
N ILE A 61 2.22 -7.07 0.28
CA ILE A 61 2.21 -6.45 -1.04
C ILE A 61 3.23 -7.14 -1.95
N ARG A 62 4.43 -7.40 -1.42
CA ARG A 62 5.48 -8.07 -2.19
C ARG A 62 5.14 -9.54 -2.44
N GLU A 63 4.63 -10.23 -1.43
CA GLU A 63 4.15 -11.60 -1.52
C GLU A 63 3.10 -11.73 -2.63
N LEU A 64 2.15 -10.80 -2.68
CA LEU A 64 1.03 -10.87 -3.59
C LEU A 64 1.43 -10.38 -4.98
N GLY A 65 2.25 -9.33 -5.06
CA GLY A 65 2.72 -8.78 -6.32
C GLY A 65 4.17 -9.16 -6.57
N PHE A 66 5.08 -8.30 -6.13
CA PHE A 66 6.44 -8.20 -6.66
C PHE A 66 7.45 -7.93 -5.57
N GLY A 67 7.21 -6.85 -4.87
CA GLY A 67 8.28 -6.09 -4.28
C GLY A 67 7.69 -4.73 -3.96
N ALA A 68 7.82 -4.29 -2.70
CA ALA A 68 7.34 -2.99 -2.29
C ALA A 68 8.08 -2.53 -1.04
N THR A 69 8.20 -1.21 -0.82
CA THR A 69 8.76 -0.62 0.37
C THR A 69 7.75 0.38 0.89
N VAL A 70 7.66 0.51 2.21
CA VAL A 70 6.88 1.57 2.85
C VAL A 70 7.74 2.83 2.86
N ILE A 71 7.12 4.01 2.81
CA ILE A 71 7.75 5.33 2.84
C ILE A 71 6.71 6.30 3.41
N GLU A 72 7.06 7.57 3.62
CA GLU A 72 6.08 8.61 3.89
C GLU A 72 6.56 9.91 3.24
N ASN A 73 5.65 10.84 2.98
CA ASN A 73 5.92 12.06 2.24
C ASN A 73 5.27 13.22 3.01
N ILE A 74 6.05 13.94 3.81
CA ILE A 74 5.61 15.21 4.38
C ILE A 74 5.24 16.14 3.22
N GLU A 75 3.96 16.51 3.14
CA GLU A 75 3.35 17.26 2.03
C GLU A 75 3.40 16.48 0.71
N GLY A 76 4.58 16.27 0.16
CA GLY A 76 4.75 15.78 -1.20
C GLY A 76 4.20 16.79 -2.20
N ARG A 77 4.49 18.07 -1.96
CA ARG A 77 4.12 19.18 -2.82
C ARG A 77 5.15 19.25 -3.95
CU CU B . 2.47 -4.82 -11.04
N ASN A 1 -11.36 6.73 11.89
CA ASN A 1 -10.06 7.36 12.20
C ASN A 1 -8.98 6.45 11.64
N SER A 2 -7.87 7.00 11.14
CA SER A 2 -6.84 6.23 10.46
C SER A 2 -5.55 7.05 10.41
N SER A 3 -4.41 6.37 10.32
CA SER A 3 -3.15 6.94 9.86
C SER A 3 -3.09 6.78 8.34
N LYS A 4 -2.23 7.54 7.67
CA LYS A 4 -1.78 7.26 6.31
C LYS A 4 -0.30 6.93 6.34
N CYS A 5 0.19 6.26 5.29
CA CYS A 5 1.62 6.04 5.06
C CYS A 5 1.79 5.83 3.56
N TYR A 6 2.98 6.11 3.00
CA TYR A 6 3.28 5.86 1.61
C TYR A 6 4.09 4.58 1.50
N ILE A 7 4.00 3.94 0.34
CA ILE A 7 4.84 2.84 -0.05
C ILE A 7 5.26 3.16 -1.49
N GLN A 8 6.52 2.92 -1.84
CA GLN A 8 6.97 2.91 -3.20
C GLN A 8 6.92 1.43 -3.56
N VAL A 9 6.18 1.09 -4.60
CA VAL A 9 5.98 -0.27 -5.08
C VAL A 9 6.52 -0.35 -6.50
N THR A 10 7.05 -1.51 -6.87
CA THR A 10 7.70 -1.72 -8.16
C THR A 10 6.77 -2.53 -9.08
N GLY A 11 5.66 -1.94 -9.54
CA GLY A 11 4.85 -2.58 -10.58
C GLY A 11 3.39 -2.12 -10.59
N MET A 12 2.81 -1.86 -9.42
CA MET A 12 1.39 -1.66 -9.23
C MET A 12 0.59 -2.74 -9.97
N THR A 13 0.99 -4.01 -9.92
CA THR A 13 0.37 -5.09 -10.70
C THR A 13 0.34 -4.88 -12.23
N CYS A 14 0.89 -3.78 -12.75
CA CYS A 14 0.74 -3.28 -14.12
C CYS A 14 -0.61 -2.57 -14.33
N ALA A 15 -0.79 -1.97 -15.51
CA ALA A 15 -1.89 -1.07 -15.80
C ALA A 15 -3.24 -1.76 -15.59
N SER A 16 -4.18 -1.10 -14.91
CA SER A 16 -5.56 -1.55 -14.70
C SER A 16 -5.69 -2.70 -13.70
N CYS A 17 -4.73 -3.64 -13.69
CA CYS A 17 -4.61 -4.77 -12.79
C CYS A 17 -4.60 -4.30 -11.33
N VAL A 18 -4.13 -3.07 -11.10
CA VAL A 18 -4.37 -2.37 -9.86
C VAL A 18 -5.77 -2.58 -9.29
N ALA A 19 -6.81 -2.58 -10.14
CA ALA A 19 -8.18 -2.89 -9.76
C ALA A 19 -8.23 -4.14 -8.87
N ASN A 20 -7.56 -5.21 -9.30
CA ASN A 20 -7.40 -6.42 -8.49
C ASN A 20 -6.81 -6.05 -7.15
N ILE A 21 -5.63 -5.42 -7.13
CA ILE A 21 -4.85 -5.34 -5.93
C ILE A 21 -5.56 -4.48 -4.90
N GLU A 22 -6.17 -3.38 -5.35
CA GLU A 22 -7.04 -2.54 -4.55
C GLU A 22 -8.19 -3.36 -3.96
N ARG A 23 -8.95 -4.03 -4.82
CA ARG A 23 -10.03 -4.91 -4.39
C ARG A 23 -9.49 -5.92 -3.36
N ASN A 24 -8.28 -6.43 -3.57
CA ASN A 24 -7.70 -7.42 -2.71
C ASN A 24 -7.29 -6.73 -1.38
N LEU A 25 -6.70 -5.54 -1.38
CA LEU A 25 -6.35 -4.83 -0.15
C LEU A 25 -7.62 -4.65 0.70
N ARG A 26 -8.75 -4.39 0.06
CA ARG A 26 -10.03 -4.28 0.74
C ARG A 26 -10.54 -5.58 1.39
N ARG A 27 -9.97 -6.77 1.10
CA ARG A 27 -10.25 -7.95 1.91
C ARG A 27 -9.72 -7.80 3.34
N GLU A 28 -8.80 -6.85 3.56
CA GLU A 28 -8.01 -6.76 4.76
C GLU A 28 -8.55 -5.64 5.63
N GLU A 29 -9.48 -6.02 6.51
CA GLU A 29 -9.93 -5.19 7.61
C GLU A 29 -8.69 -4.57 8.26
N GLY A 30 -8.76 -3.27 8.51
CA GLY A 30 -7.62 -2.44 8.83
C GLY A 30 -7.29 -1.46 7.71
N ILE A 31 -7.45 -1.85 6.43
CA ILE A 31 -7.26 -0.91 5.32
C ILE A 31 -8.53 -0.12 5.12
N TYR A 32 -8.44 1.23 5.12
CA TYR A 32 -9.49 2.04 4.53
C TYR A 32 -8.94 3.16 3.65
N SER A 33 -7.94 2.79 2.88
CA SER A 33 -7.63 3.24 1.53
C SER A 33 -6.57 2.31 0.98
N ILE A 34 -6.72 1.91 -0.27
CA ILE A 34 -5.83 1.03 -0.97
C ILE A 34 -4.60 1.81 -1.42
N LEU A 35 -3.44 1.21 -1.19
CA LEU A 35 -2.17 1.81 -1.48
C LEU A 35 -1.83 1.65 -2.95
N VAL A 36 -2.59 2.33 -3.81
CA VAL A 36 -2.20 2.47 -5.20
C VAL A 36 -2.27 3.94 -5.66
N ALA A 37 -1.26 4.30 -6.44
CA ALA A 37 -1.13 5.52 -7.21
C ALA A 37 -0.27 5.22 -8.42
N LEU A 38 -0.84 4.50 -9.39
CA LEU A 38 -0.27 4.30 -10.72
C LEU A 38 0.20 5.62 -11.30
N MET A 39 -0.61 6.66 -11.14
CA MET A 39 -0.43 7.90 -11.85
C MET A 39 0.65 8.79 -11.19
N ALA A 40 1.76 8.14 -10.80
CA ALA A 40 2.88 8.62 -10.01
C ALA A 40 3.87 7.45 -9.90
N GLY A 41 3.33 6.24 -9.70
CA GLY A 41 4.05 4.98 -9.72
C GLY A 41 4.35 4.59 -8.28
N LYS A 42 3.31 4.63 -7.43
CA LYS A 42 3.40 4.73 -5.98
C LYS A 42 2.15 4.08 -5.38
N ALA A 43 2.10 4.09 -4.05
CA ALA A 43 1.11 3.39 -3.26
C ALA A 43 0.91 4.17 -1.96
N GLU A 44 -0.34 4.44 -1.55
CA GLU A 44 -0.65 5.26 -0.37
C GLU A 44 -1.76 4.64 0.48
N VAL A 45 -1.41 4.02 1.60
CA VAL A 45 -2.35 3.36 2.45
C VAL A 45 -3.02 4.38 3.37
N ARG A 46 -4.29 4.16 3.70
CA ARG A 46 -4.94 4.76 4.87
C ARG A 46 -5.45 3.60 5.71
N TYR A 47 -5.05 3.52 6.97
CA TYR A 47 -5.20 2.30 7.77
C TYR A 47 -5.11 2.60 9.25
N ASN A 48 -5.33 1.59 10.10
CA ASN A 48 -5.02 1.65 11.53
C ASN A 48 -3.83 0.72 11.83
N PRO A 49 -2.68 1.24 12.31
CA PRO A 49 -1.45 0.45 12.44
C PRO A 49 -1.46 -0.55 13.60
N ALA A 50 -2.64 -0.97 14.07
CA ALA A 50 -2.81 -1.89 15.18
C ALA A 50 -3.31 -3.22 14.63
N VAL A 51 -4.34 -3.15 13.78
CA VAL A 51 -4.96 -4.31 13.17
C VAL A 51 -3.96 -4.97 12.21
N ILE A 52 -3.35 -4.18 11.33
CA ILE A 52 -2.67 -4.72 10.15
C ILE A 52 -1.15 -4.74 10.33
N GLN A 53 -0.53 -3.56 10.49
CA GLN A 53 0.88 -3.26 10.74
C GLN A 53 1.66 -2.94 9.44
N PRO A 54 2.37 -1.79 9.37
CA PRO A 54 3.25 -1.41 8.25
C PRO A 54 4.17 -2.50 7.70
N PRO A 55 4.97 -3.21 8.53
CA PRO A 55 5.73 -4.33 8.03
C PRO A 55 4.82 -5.31 7.31
N MET A 56 3.65 -5.63 7.90
CA MET A 56 2.77 -6.62 7.30
C MET A 56 2.24 -6.13 5.95
N ILE A 57 1.76 -4.88 5.84
CA ILE A 57 1.35 -4.40 4.52
C ILE A 57 2.51 -4.43 3.53
N ALA A 58 3.67 -3.88 3.90
CA ALA A 58 4.87 -3.89 3.08
C ALA A 58 5.15 -5.30 2.54
N GLU A 59 5.13 -6.29 3.44
CA GLU A 59 5.33 -7.67 3.12
C GLU A 59 4.26 -8.20 2.17
N PHE A 60 2.97 -8.12 2.54
CA PHE A 60 1.89 -8.69 1.76
C PHE A 60 2.05 -8.32 0.29
N ILE A 61 2.25 -7.03 0.03
CA ILE A 61 2.51 -6.50 -1.30
C ILE A 61 3.65 -7.24 -2.00
N ARG A 62 4.75 -7.53 -1.30
CA ARG A 62 5.86 -8.31 -1.83
C ARG A 62 5.39 -9.73 -2.11
N GLU A 63 4.93 -10.43 -1.07
CA GLU A 63 4.55 -11.83 -1.09
C GLU A 63 3.71 -12.18 -2.33
N LEU A 64 2.61 -11.46 -2.56
CA LEU A 64 1.77 -11.70 -3.71
C LEU A 64 2.24 -11.00 -5.00
N GLY A 65 3.16 -10.04 -4.93
CA GLY A 65 3.41 -9.15 -6.04
C GLY A 65 4.81 -8.56 -6.15
N PHE A 66 5.05 -7.42 -5.50
CA PHE A 66 5.97 -6.39 -5.98
C PHE A 66 6.86 -5.84 -4.89
N GLY A 67 8.08 -5.49 -5.29
CA GLY A 67 9.07 -4.88 -4.43
C GLY A 67 8.51 -3.59 -3.86
N ALA A 68 8.21 -3.63 -2.57
CA ALA A 68 7.54 -2.58 -1.81
C ALA A 68 8.48 -2.07 -0.74
N THR A 69 8.64 -0.74 -0.65
CA THR A 69 9.42 -0.06 0.39
C THR A 69 8.54 1.02 1.01
N VAL A 70 8.45 1.04 2.34
CA VAL A 70 7.57 1.96 3.08
C VAL A 70 8.27 3.33 3.22
N ILE A 71 7.51 4.42 3.07
CA ILE A 71 8.00 5.79 3.09
C ILE A 71 6.97 6.67 3.79
N GLU A 72 7.42 7.66 4.57
CA GLU A 72 6.60 8.75 5.06
C GLU A 72 7.54 9.91 5.37
N ASN A 73 7.00 11.13 5.43
CA ASN A 73 7.75 12.36 5.64
C ASN A 73 6.82 13.32 6.37
N ILE A 74 7.38 14.23 7.17
CA ILE A 74 6.67 15.29 7.86
C ILE A 74 7.58 16.52 7.73
N GLU A 75 6.97 17.70 7.51
CA GLU A 75 7.54 19.03 7.39
C GLU A 75 9.07 19.09 7.47
N GLY A 76 9.73 18.74 6.36
CA GLY A 76 11.17 18.80 6.22
C GLY A 76 11.51 18.53 4.75
N ARG A 77 12.63 19.07 4.27
CA ARG A 77 13.14 18.93 2.92
C ARG A 77 14.54 19.55 2.96
CU CU B . -1.26 -6.56 -15.25
N ASN A 1 -4.34 5.56 16.61
CA ASN A 1 -5.59 5.48 15.82
C ASN A 1 -5.21 5.15 14.38
N SER A 2 -6.04 5.45 13.38
CA SER A 2 -5.70 5.26 11.99
C SER A 2 -4.57 6.20 11.56
N SER A 3 -3.92 5.90 10.44
CA SER A 3 -2.83 6.69 9.88
C SER A 3 -2.75 6.44 8.38
N LYS A 4 -2.01 7.29 7.65
CA LYS A 4 -1.74 7.14 6.23
C LYS A 4 -0.23 6.98 6.06
N CYS A 5 0.23 5.99 5.30
CA CYS A 5 1.65 5.83 4.96
C CYS A 5 1.79 5.80 3.44
N TYR A 6 2.92 6.34 2.95
CA TYR A 6 3.31 6.28 1.55
C TYR A 6 4.20 5.05 1.35
N ILE A 7 3.88 4.31 0.29
CA ILE A 7 4.55 3.11 -0.17
C ILE A 7 4.91 3.44 -1.62
N GLN A 8 5.98 2.85 -2.16
CA GLN A 8 6.26 2.89 -3.56
C GLN A 8 6.21 1.43 -3.98
N VAL A 9 5.38 1.14 -4.98
CA VAL A 9 5.25 -0.22 -5.50
C VAL A 9 6.30 -0.44 -6.58
N THR A 10 6.88 -1.63 -6.63
CA THR A 10 7.66 -2.12 -7.74
C THR A 10 6.76 -3.12 -8.45
N GLY A 11 5.93 -2.58 -9.33
CA GLY A 11 4.94 -3.26 -10.15
C GLY A 11 4.23 -2.16 -10.93
N MET A 12 3.48 -1.32 -10.22
CA MET A 12 2.94 -0.04 -10.66
C MET A 12 1.82 -0.20 -11.68
N THR A 13 2.16 -0.79 -12.83
CA THR A 13 1.26 -1.17 -13.90
C THR A 13 1.76 -2.50 -14.46
N CYS A 14 2.03 -3.48 -13.58
CA CYS A 14 2.45 -4.80 -14.00
C CYS A 14 1.43 -5.36 -15.01
N ALA A 15 0.15 -5.34 -14.61
CA ALA A 15 -1.02 -5.34 -15.47
C ALA A 15 -2.24 -5.38 -14.55
N SER A 16 -3.11 -4.37 -14.65
CA SER A 16 -4.22 -4.17 -13.72
C SER A 16 -3.73 -4.25 -12.26
N CYS A 17 -2.54 -3.70 -12.01
CA CYS A 17 -1.83 -3.67 -10.73
C CYS A 17 -2.76 -3.03 -9.70
N VAL A 18 -3.39 -1.94 -10.13
CA VAL A 18 -4.16 -1.08 -9.29
C VAL A 18 -5.47 -1.76 -8.87
N ALA A 19 -6.17 -2.30 -9.85
CA ALA A 19 -7.35 -3.15 -9.64
C ALA A 19 -6.99 -4.35 -8.76
N ASN A 20 -5.82 -4.95 -8.98
CA ASN A 20 -5.29 -5.99 -8.11
C ASN A 20 -5.22 -5.46 -6.69
N ILE A 21 -4.62 -4.28 -6.51
CA ILE A 21 -4.54 -3.64 -5.21
C ILE A 21 -5.93 -3.46 -4.62
N GLU A 22 -6.88 -2.89 -5.35
CA GLU A 22 -8.25 -2.75 -4.85
C GLU A 22 -8.75 -4.09 -4.32
N ARG A 23 -8.73 -5.13 -5.16
CA ARG A 23 -9.15 -6.47 -4.77
C ARG A 23 -8.43 -6.93 -3.50
N ASN A 24 -7.11 -6.75 -3.43
CA ASN A 24 -6.31 -7.23 -2.32
C ASN A 24 -6.68 -6.45 -1.05
N LEU A 25 -6.42 -5.15 -1.06
CA LEU A 25 -6.43 -4.32 0.11
C LEU A 25 -7.86 -4.11 0.63
N ARG A 26 -8.86 -4.17 -0.26
CA ARG A 26 -10.27 -4.26 0.07
C ARG A 26 -10.74 -5.58 0.68
N ARG A 27 -9.86 -6.55 0.87
CA ARG A 27 -10.02 -7.40 2.06
C ARG A 27 -10.47 -6.60 3.29
N GLU A 28 -10.00 -5.36 3.42
CA GLU A 28 -10.27 -4.45 4.51
C GLU A 28 -9.56 -4.96 5.77
N GLU A 29 -8.32 -5.41 5.55
CA GLU A 29 -7.40 -5.93 6.55
C GLU A 29 -6.88 -4.77 7.42
N GLY A 30 -7.80 -4.06 8.07
CA GLY A 30 -7.50 -2.83 8.80
C GLY A 30 -7.05 -1.70 7.88
N ILE A 31 -7.60 -1.65 6.66
CA ILE A 31 -7.30 -0.66 5.61
C ILE A 31 -8.56 0.17 5.40
N TYR A 32 -8.46 1.50 5.29
CA TYR A 32 -9.51 2.29 4.66
C TYR A 32 -8.94 3.42 3.81
N SER A 33 -7.97 3.04 3.00
CA SER A 33 -7.67 3.53 1.66
C SER A 33 -6.66 2.56 1.09
N ILE A 34 -6.83 2.10 -0.15
CA ILE A 34 -5.85 1.22 -0.74
C ILE A 34 -4.68 2.04 -1.28
N LEU A 35 -3.50 1.44 -1.29
CA LEU A 35 -2.28 2.07 -1.71
C LEU A 35 -2.16 2.07 -3.22
N VAL A 36 -3.05 2.80 -3.86
CA VAL A 36 -2.87 3.22 -5.24
C VAL A 36 -2.80 4.73 -5.34
N ALA A 37 -1.90 5.16 -6.22
CA ALA A 37 -1.77 6.50 -6.77
C ALA A 37 -1.04 6.36 -8.12
N LEU A 38 -1.64 5.59 -9.03
CA LEU A 38 -1.12 5.34 -10.36
C LEU A 38 -1.44 6.53 -11.26
N MET A 39 -0.92 7.69 -10.85
CA MET A 39 -0.79 8.88 -11.65
C MET A 39 0.65 9.35 -11.43
N ALA A 40 1.02 9.49 -10.16
CA ALA A 40 2.41 9.61 -9.74
C ALA A 40 3.17 8.30 -9.95
N GLY A 41 2.49 7.15 -9.85
CA GLY A 41 3.10 5.84 -9.99
C GLY A 41 3.44 5.27 -8.61
N LYS A 42 2.48 5.39 -7.70
CA LYS A 42 2.71 5.38 -6.27
C LYS A 42 1.50 4.75 -5.60
N ALA A 43 1.56 4.70 -4.28
CA ALA A 43 0.76 3.81 -3.47
C ALA A 43 0.68 4.40 -2.06
N GLU A 44 -0.52 4.73 -1.55
CA GLU A 44 -0.67 5.28 -0.21
C GLU A 44 -1.79 4.59 0.59
N VAL A 45 -1.39 3.76 1.54
CA VAL A 45 -2.29 3.00 2.36
C VAL A 45 -2.78 3.89 3.51
N ARG A 46 -4.09 3.90 3.76
CA ARG A 46 -4.67 4.46 4.97
C ARG A 46 -5.17 3.28 5.78
N TYR A 47 -4.77 3.17 7.04
CA TYR A 47 -4.85 1.91 7.78
C TYR A 47 -4.87 2.16 9.28
N ASN A 48 -5.15 1.10 10.05
CA ASN A 48 -5.12 1.10 11.50
C ASN A 48 -4.03 0.17 12.04
N PRO A 49 -2.84 0.70 12.41
CA PRO A 49 -1.76 -0.10 12.99
C PRO A 49 -2.12 -0.58 14.40
N ALA A 50 -2.93 -1.63 14.44
CA ALA A 50 -3.11 -2.53 15.57
C ALA A 50 -3.29 -3.92 14.96
N VAL A 51 -4.30 -4.03 14.10
CA VAL A 51 -4.56 -5.20 13.29
C VAL A 51 -3.33 -5.52 12.45
N ILE A 52 -2.96 -4.59 11.57
CA ILE A 52 -2.11 -4.90 10.43
C ILE A 52 -0.62 -4.75 10.77
N GLN A 53 -0.10 -3.51 10.82
CA GLN A 53 1.26 -3.07 11.11
C GLN A 53 2.03 -2.75 9.81
N PRO A 54 2.88 -1.71 9.82
CA PRO A 54 3.79 -1.31 8.74
C PRO A 54 4.65 -2.42 8.11
N PRO A 55 5.33 -3.29 8.87
CA PRO A 55 5.83 -4.53 8.33
C PRO A 55 4.73 -5.25 7.56
N MET A 56 3.64 -5.63 8.23
CA MET A 56 2.62 -6.43 7.63
C MET A 56 2.06 -5.86 6.32
N ILE A 57 1.74 -4.57 6.24
CA ILE A 57 1.30 -3.99 4.98
C ILE A 57 2.34 -4.24 3.86
N ALA A 58 3.62 -3.94 4.12
CA ALA A 58 4.69 -4.18 3.15
C ALA A 58 4.71 -5.64 2.71
N GLU A 59 4.74 -6.55 3.68
CA GLU A 59 4.81 -7.97 3.45
C GLU A 59 3.59 -8.45 2.67
N PHE A 60 2.38 -8.25 3.20
CA PHE A 60 1.13 -8.67 2.59
C PHE A 60 1.05 -8.25 1.12
N ILE A 61 1.58 -7.08 0.78
CA ILE A 61 1.74 -6.71 -0.62
C ILE A 61 2.73 -7.67 -1.30
N ARG A 62 3.98 -7.67 -0.85
CA ARG A 62 5.06 -8.44 -1.48
C ARG A 62 4.70 -9.91 -1.69
N GLU A 63 4.07 -10.55 -0.70
CA GLU A 63 3.61 -11.93 -0.74
C GLU A 63 2.85 -12.25 -2.03
N LEU A 64 2.13 -11.28 -2.60
CA LEU A 64 1.32 -11.48 -3.79
C LEU A 64 2.16 -11.41 -5.07
N GLY A 65 3.37 -10.84 -5.02
CA GLY A 65 4.34 -10.92 -6.11
C GLY A 65 4.82 -9.54 -6.56
N PHE A 66 3.93 -8.54 -6.54
CA PHE A 66 4.29 -7.18 -6.90
C PHE A 66 4.87 -6.53 -5.64
N GLY A 67 6.03 -5.88 -5.78
CA GLY A 67 6.84 -5.55 -4.63
C GLY A 67 6.42 -4.19 -4.05
N ALA A 68 6.80 -3.94 -2.80
CA ALA A 68 6.50 -2.71 -2.08
C ALA A 68 7.73 -2.25 -1.33
N THR A 69 7.92 -0.94 -1.25
CA THR A 69 8.95 -0.27 -0.47
C THR A 69 8.23 0.80 0.34
N VAL A 70 8.40 0.84 1.67
CA VAL A 70 7.73 1.77 2.56
C VAL A 70 8.53 3.07 2.57
N ILE A 71 7.91 4.16 2.12
CA ILE A 71 8.56 5.45 1.93
C ILE A 71 7.57 6.54 2.35
N GLU A 72 7.30 6.60 3.66
CA GLU A 72 6.40 7.58 4.23
C GLU A 72 6.79 8.99 3.78
N ASN A 73 8.04 9.37 4.05
CA ASN A 73 8.59 10.70 3.79
C ASN A 73 9.94 10.53 3.09
N ILE A 74 10.44 11.61 2.46
CA ILE A 74 11.64 11.60 1.63
C ILE A 74 12.55 12.75 2.09
N GLU A 75 13.83 12.48 2.24
CA GLU A 75 14.84 13.48 2.63
C GLU A 75 15.25 14.30 1.40
N GLY A 76 15.72 15.53 1.62
CA GLY A 76 16.19 16.44 0.58
C GLY A 76 17.71 16.62 0.70
N ARG A 77 18.37 16.89 -0.42
CA ARG A 77 19.80 17.14 -0.50
C ARG A 77 19.97 18.08 -1.68
CU CU B . 1.78 -4.69 -9.74
N ASN A 1 -7.13 7.90 14.63
CA ASN A 1 -7.89 7.63 13.40
C ASN A 1 -6.94 6.97 12.39
N SER A 2 -7.47 6.24 11.42
CA SER A 2 -6.70 5.47 10.47
C SER A 2 -5.66 6.34 9.73
N SER A 3 -4.39 6.01 9.89
CA SER A 3 -3.27 6.83 9.46
C SER A 3 -2.83 6.45 8.05
N LYS A 4 -2.06 7.34 7.41
CA LYS A 4 -1.61 7.23 6.03
C LYS A 4 -0.27 6.46 5.97
N CYS A 5 0.07 5.91 4.80
CA CYS A 5 1.44 5.66 4.40
C CYS A 5 1.50 5.63 2.87
N TYR A 6 2.67 5.83 2.28
CA TYR A 6 2.96 5.62 0.88
C TYR A 6 3.83 4.37 0.78
N ILE A 7 3.65 3.57 -0.27
CA ILE A 7 4.40 2.34 -0.48
C ILE A 7 4.78 2.27 -1.96
N GLN A 8 6.00 1.84 -2.30
CA GLN A 8 6.34 1.62 -3.70
C GLN A 8 5.70 0.30 -4.09
N VAL A 9 5.24 0.16 -5.33
CA VAL A 9 4.76 -1.11 -5.85
C VAL A 9 5.30 -1.29 -7.27
N THR A 10 5.94 -2.43 -7.53
CA THR A 10 6.59 -2.67 -8.81
C THR A 10 5.56 -3.08 -9.87
N GLY A 11 4.64 -2.18 -10.21
CA GLY A 11 3.74 -2.34 -11.35
C GLY A 11 2.42 -1.60 -11.20
N MET A 12 2.65 -0.33 -10.97
CA MET A 12 1.94 0.76 -11.56
C MET A 12 1.72 0.48 -13.05
N THR A 13 2.82 0.13 -13.72
CA THR A 13 2.95 0.05 -15.16
C THR A 13 2.12 -1.08 -15.76
N CYS A 14 1.97 -2.19 -15.03
CA CYS A 14 1.33 -3.37 -15.59
C CYS A 14 -0.12 -3.03 -15.95
N ALA A 15 -0.62 -3.60 -17.04
CA ALA A 15 -2.06 -3.61 -17.24
C ALA A 15 -2.69 -4.42 -16.08
N SER A 16 -3.90 -4.02 -15.66
CA SER A 16 -4.65 -4.66 -14.59
C SER A 16 -4.16 -4.23 -13.21
N CYS A 17 -2.90 -4.53 -12.86
CA CYS A 17 -2.41 -4.68 -11.49
C CYS A 17 -3.03 -3.73 -10.48
N VAL A 18 -3.07 -2.45 -10.78
CA VAL A 18 -3.71 -1.41 -9.99
C VAL A 18 -5.10 -1.82 -9.44
N ALA A 19 -5.93 -2.44 -10.27
CA ALA A 19 -7.19 -3.07 -9.91
C ALA A 19 -6.99 -4.18 -8.88
N ASN A 20 -5.98 -5.02 -9.09
CA ASN A 20 -5.61 -6.03 -8.11
C ASN A 20 -5.24 -5.32 -6.81
N ILE A 21 -4.35 -4.31 -6.82
CA ILE A 21 -4.03 -3.49 -5.68
C ILE A 21 -5.32 -3.06 -4.95
N GLU A 22 -6.25 -2.36 -5.60
CA GLU A 22 -7.60 -2.17 -5.10
C GLU A 22 -8.14 -3.37 -4.33
N ARG A 23 -8.23 -4.54 -4.96
CA ARG A 23 -8.61 -5.76 -4.25
C ARG A 23 -7.66 -6.14 -3.09
N ASN A 24 -6.35 -5.89 -3.24
CA ASN A 24 -5.30 -6.45 -2.43
C ASN A 24 -5.43 -5.96 -1.00
N LEU A 25 -5.39 -4.64 -0.83
CA LEU A 25 -5.53 -4.06 0.49
C LEU A 25 -6.98 -4.15 0.96
N ARG A 26 -7.89 -4.34 -0.01
CA ARG A 26 -9.25 -4.76 0.22
C ARG A 26 -9.45 -6.17 0.75
N ARG A 27 -8.37 -6.90 1.02
CA ARG A 27 -8.47 -7.83 2.15
C ARG A 27 -9.25 -7.25 3.36
N GLU A 28 -9.19 -5.94 3.59
CA GLU A 28 -9.94 -5.19 4.61
C GLU A 28 -9.57 -5.64 6.02
N GLU A 29 -8.26 -5.76 6.22
CA GLU A 29 -7.61 -6.27 7.42
C GLU A 29 -7.01 -5.10 8.19
N GLY A 30 -7.85 -4.39 8.94
CA GLY A 30 -7.44 -3.19 9.66
C GLY A 30 -7.01 -2.07 8.70
N ILE A 31 -7.54 -2.10 7.49
CA ILE A 31 -7.35 -1.12 6.44
C ILE A 31 -8.47 -0.09 6.53
N TYR A 32 -8.26 1.12 5.98
CA TYR A 32 -9.36 2.06 5.86
C TYR A 32 -9.13 3.05 4.72
N SER A 33 -8.63 2.55 3.61
CA SER A 33 -8.96 2.88 2.22
C SER A 33 -8.25 1.82 1.37
N ILE A 34 -8.34 1.86 0.04
CA ILE A 34 -7.24 1.37 -0.78
C ILE A 34 -7.03 2.41 -1.88
N LEU A 35 -5.74 2.63 -2.18
CA LEU A 35 -5.27 3.84 -2.82
C LEU A 35 -4.08 3.51 -3.67
N VAL A 36 -4.00 4.21 -4.79
CA VAL A 36 -3.15 3.84 -5.89
C VAL A 36 -2.82 5.09 -6.70
N ALA A 37 -1.85 5.83 -6.17
CA ALA A 37 -1.22 6.93 -6.89
C ALA A 37 -0.23 6.36 -7.92
N LEU A 38 -0.75 5.59 -8.88
CA LEU A 38 -0.02 5.16 -10.08
C LEU A 38 0.69 6.33 -10.69
N MET A 39 -0.02 7.46 -10.80
CA MET A 39 0.48 8.57 -11.57
C MET A 39 1.77 9.11 -10.96
N ALA A 40 1.86 9.11 -9.61
CA ALA A 40 3.08 9.44 -8.88
C ALA A 40 4.07 8.28 -8.96
N GLY A 41 3.56 7.05 -8.94
CA GLY A 41 4.32 5.84 -9.13
C GLY A 41 4.44 5.04 -7.84
N LYS A 42 3.36 4.99 -7.05
CA LYS A 42 3.39 4.32 -5.76
C LYS A 42 1.96 3.97 -5.37
N ALA A 43 1.80 2.97 -4.49
CA ALA A 43 0.54 2.72 -3.84
C ALA A 43 0.43 3.67 -2.67
N GLU A 44 -0.79 4.07 -2.35
CA GLU A 44 -1.11 4.82 -1.16
C GLU A 44 -1.76 3.82 -0.20
N VAL A 45 -1.67 4.03 1.11
CA VAL A 45 -2.41 3.23 2.08
C VAL A 45 -2.98 4.14 3.16
N ARG A 46 -4.14 3.75 3.70
CA ARG A 46 -4.70 4.28 4.93
C ARG A 46 -5.14 3.07 5.74
N TYR A 47 -4.75 3.01 7.02
CA TYR A 47 -4.89 1.80 7.82
C TYR A 47 -4.92 2.16 9.30
N ASN A 48 -5.30 1.19 10.16
CA ASN A 48 -5.34 1.38 11.60
C ASN A 48 -4.17 0.65 12.28
N PRO A 49 -3.12 1.36 12.74
CA PRO A 49 -1.94 0.72 13.32
C PRO A 49 -2.20 0.23 14.74
N ALA A 50 -2.97 -0.85 14.83
CA ALA A 50 -3.04 -1.72 16.00
C ALA A 50 -3.17 -3.13 15.46
N VAL A 51 -4.28 -3.39 14.77
CA VAL A 51 -4.56 -4.64 14.09
C VAL A 51 -3.44 -4.97 13.10
N ILE A 52 -3.10 -4.01 12.24
CA ILE A 52 -2.56 -4.36 10.93
C ILE A 52 -1.07 -4.61 10.93
N GLN A 53 -0.30 -3.65 11.47
CA GLN A 53 1.15 -3.47 11.35
C GLN A 53 1.54 -3.02 9.94
N PRO A 54 1.98 -1.77 9.75
CA PRO A 54 2.73 -1.34 8.58
C PRO A 54 3.88 -2.27 8.16
N PRO A 55 4.69 -2.84 9.07
CA PRO A 55 5.60 -3.90 8.66
C PRO A 55 4.82 -5.02 7.99
N MET A 56 3.74 -5.50 8.63
CA MET A 56 2.98 -6.57 8.02
C MET A 56 2.41 -6.18 6.66
N ILE A 57 1.86 -4.97 6.45
CA ILE A 57 1.46 -4.61 5.08
C ILE A 57 2.65 -4.65 4.11
N ALA A 58 3.80 -4.07 4.49
CA ALA A 58 4.98 -4.07 3.65
C ALA A 58 5.34 -5.49 3.19
N GLU A 59 5.32 -6.43 4.13
CA GLU A 59 5.53 -7.83 3.86
C GLU A 59 4.43 -8.40 2.97
N PHE A 60 3.18 -8.36 3.43
CA PHE A 60 2.02 -8.94 2.78
C PHE A 60 2.02 -8.57 1.30
N ILE A 61 2.26 -7.30 1.00
CA ILE A 61 2.25 -6.82 -0.38
C ILE A 61 3.30 -7.57 -1.23
N ARG A 62 4.47 -7.86 -0.69
CA ARG A 62 5.46 -8.69 -1.35
C ARG A 62 5.01 -10.15 -1.43
N GLU A 63 4.52 -10.71 -0.32
CA GLU A 63 4.07 -12.08 -0.28
C GLU A 63 3.03 -12.36 -1.37
N LEU A 64 2.03 -11.48 -1.52
CA LEU A 64 0.96 -11.69 -2.47
C LEU A 64 1.24 -11.12 -3.85
N GLY A 65 1.95 -9.97 -3.92
CA GLY A 65 1.90 -9.10 -5.08
C GLY A 65 3.25 -8.82 -5.73
N PHE A 66 4.03 -7.90 -5.13
CA PHE A 66 5.04 -7.16 -5.89
C PHE A 66 6.01 -6.46 -4.95
N GLY A 67 7.15 -6.00 -5.49
CA GLY A 67 8.38 -5.74 -4.75
C GLY A 67 8.35 -4.43 -3.98
N ALA A 68 7.47 -4.40 -2.99
CA ALA A 68 7.04 -3.19 -2.32
C ALA A 68 7.89 -2.83 -1.11
N THR A 69 8.02 -1.54 -0.84
CA THR A 69 8.69 -1.01 0.32
C THR A 69 7.90 0.20 0.81
N VAL A 70 7.86 0.40 2.13
CA VAL A 70 7.12 1.48 2.79
C VAL A 70 7.97 2.74 2.72
N ILE A 71 7.38 3.86 2.29
CA ILE A 71 8.07 5.12 2.00
C ILE A 71 7.17 6.31 2.28
N GLU A 72 6.72 6.43 3.53
CA GLU A 72 5.92 7.57 3.95
C GLU A 72 6.67 8.87 3.71
N ASN A 73 5.99 9.89 3.17
CA ASN A 73 6.62 11.14 2.76
C ASN A 73 5.61 12.11 2.15
N ILE A 74 5.80 13.41 2.40
CA ILE A 74 5.11 14.51 1.75
C ILE A 74 3.61 14.50 2.07
N GLU A 75 3.25 14.97 3.26
CA GLU A 75 1.88 15.21 3.65
C GLU A 75 1.29 16.37 2.84
N GLY A 76 2.05 17.47 2.76
CA GLY A 76 1.65 18.73 2.17
C GLY A 76 2.52 19.82 2.81
N ARG A 77 2.12 21.08 2.69
CA ARG A 77 2.70 22.21 3.37
C ARG A 77 1.62 23.29 3.33
CU CU B . 2.08 -6.00 -12.14
N ASN A 1 -5.65 7.06 16.20
CA ASN A 1 -5.74 5.82 15.40
C ASN A 1 -5.92 6.24 13.94
N SER A 2 -5.67 5.34 13.00
CA SER A 2 -5.64 5.57 11.56
C SER A 2 -4.44 6.43 11.13
N SER A 3 -3.87 6.09 9.97
CA SER A 3 -2.70 6.70 9.38
C SER A 3 -2.83 6.60 7.86
N LYS A 4 -2.13 7.47 7.13
CA LYS A 4 -1.91 7.39 5.70
C LYS A 4 -0.49 6.90 5.48
N CYS A 5 -0.25 6.14 4.40
CA CYS A 5 1.08 5.73 4.00
C CYS A 5 1.09 5.49 2.50
N TYR A 6 2.25 5.71 1.89
CA TYR A 6 2.50 5.57 0.46
C TYR A 6 3.46 4.40 0.31
N ILE A 7 3.33 3.64 -0.78
CA ILE A 7 4.02 2.36 -0.91
C ILE A 7 4.52 2.27 -2.34
N GLN A 8 5.83 2.38 -2.55
CA GLN A 8 6.39 2.46 -3.87
C GLN A 8 6.52 1.02 -4.35
N VAL A 9 5.90 0.73 -5.50
CA VAL A 9 5.85 -0.58 -6.12
C VAL A 9 7.05 -0.74 -7.05
N THR A 10 7.46 -1.98 -7.35
CA THR A 10 8.56 -2.26 -8.28
C THR A 10 8.07 -2.90 -9.58
N GLY A 11 6.79 -2.73 -9.89
CA GLY A 11 6.32 -2.79 -11.26
C GLY A 11 5.23 -1.75 -11.37
N MET A 12 5.51 -0.79 -12.23
CA MET A 12 4.59 0.27 -12.62
C MET A 12 3.79 -0.21 -13.84
N THR A 13 4.51 -0.49 -14.94
CA THR A 13 3.92 -0.87 -16.21
C THR A 13 3.59 -2.37 -16.22
N CYS A 14 2.93 -2.86 -15.16
CA CYS A 14 2.38 -4.20 -15.10
C CYS A 14 1.05 -4.23 -15.86
N ALA A 15 0.22 -3.20 -15.63
CA ALA A 15 -1.09 -2.88 -16.20
C ALA A 15 -1.91 -2.28 -15.06
N SER A 16 -3.06 -2.87 -14.72
CA SER A 16 -3.96 -2.33 -13.72
C SER A 16 -3.49 -2.65 -12.30
N CYS A 17 -2.29 -2.17 -11.97
CA CYS A 17 -1.65 -2.29 -10.65
C CYS A 17 -2.65 -1.91 -9.58
N VAL A 18 -3.34 -0.80 -9.85
CA VAL A 18 -4.37 -0.25 -9.01
C VAL A 18 -5.44 -1.26 -8.74
N ALA A 19 -6.07 -1.69 -9.82
CA ALA A 19 -7.15 -2.65 -9.80
C ALA A 19 -6.72 -3.91 -9.07
N ASN A 20 -5.46 -4.31 -9.20
CA ASN A 20 -4.91 -5.37 -8.41
C ASN A 20 -4.90 -4.96 -6.93
N ILE A 21 -4.24 -3.86 -6.55
CA ILE A 21 -4.11 -3.43 -5.16
C ILE A 21 -5.49 -3.31 -4.48
N GLU A 22 -6.43 -2.64 -5.13
CA GLU A 22 -7.80 -2.48 -4.66
C GLU A 22 -8.37 -3.81 -4.16
N ARG A 23 -8.13 -4.91 -4.90
CA ARG A 23 -8.42 -6.24 -4.36
C ARG A 23 -7.42 -6.62 -3.25
N ASN A 24 -6.13 -6.41 -3.50
CA ASN A 24 -5.04 -6.98 -2.72
C ASN A 24 -5.12 -6.65 -1.24
N LEU A 25 -5.37 -5.38 -0.91
CA LEU A 25 -5.32 -4.89 0.46
C LEU A 25 -6.58 -5.23 1.26
N ARG A 26 -7.68 -5.46 0.54
CA ARG A 26 -8.99 -5.88 0.98
C ARG A 26 -9.18 -7.13 1.83
N ARG A 27 -8.10 -7.81 2.20
CA ARG A 27 -8.20 -8.61 3.43
C ARG A 27 -8.84 -7.79 4.56
N GLU A 28 -8.63 -6.47 4.57
CA GLU A 28 -9.12 -5.58 5.62
C GLU A 28 -8.43 -5.94 6.93
N GLU A 29 -9.07 -5.63 8.07
CA GLU A 29 -8.52 -5.90 9.38
C GLU A 29 -7.18 -5.19 9.52
N GLY A 30 -7.19 -3.88 9.28
CA GLY A 30 -5.98 -3.08 9.19
C GLY A 30 -6.19 -1.89 8.27
N ILE A 31 -6.79 -2.14 7.11
CA ILE A 31 -6.93 -1.17 6.04
C ILE A 31 -8.13 -0.26 6.34
N TYR A 32 -8.13 0.97 5.81
CA TYR A 32 -9.31 1.82 5.81
C TYR A 32 -9.32 2.83 4.62
N SER A 33 -8.82 2.39 3.48
CA SER A 33 -9.19 2.66 2.08
C SER A 33 -8.41 1.60 1.32
N ILE A 34 -8.71 1.25 0.05
CA ILE A 34 -7.65 0.68 -0.76
C ILE A 34 -7.72 1.21 -2.17
N LEU A 35 -6.54 1.60 -2.61
CA LEU A 35 -6.30 2.58 -3.64
C LEU A 35 -4.84 2.52 -4.06
N VAL A 36 -4.44 3.39 -4.98
CA VAL A 36 -3.14 3.42 -5.59
C VAL A 36 -2.96 4.81 -6.18
N ALA A 37 -1.85 5.48 -5.84
CA ALA A 37 -1.50 6.76 -6.41
C ALA A 37 -0.78 6.51 -7.74
N LEU A 38 -1.50 5.93 -8.71
CA LEU A 38 -0.85 5.45 -9.93
C LEU A 38 -0.14 6.58 -10.68
N MET A 39 -0.68 7.81 -10.60
CA MET A 39 -0.06 9.01 -11.14
C MET A 39 1.38 9.18 -10.61
N ALA A 40 1.61 8.82 -9.34
CA ALA A 40 2.91 8.85 -8.70
C ALA A 40 3.65 7.51 -8.81
N GLY A 41 3.10 6.57 -9.58
CA GLY A 41 3.69 5.29 -9.90
C GLY A 41 3.86 4.42 -8.68
N LYS A 42 2.88 4.45 -7.76
CA LYS A 42 3.07 3.99 -6.42
C LYS A 42 1.69 3.75 -5.80
N ALA A 43 1.61 2.84 -4.84
CA ALA A 43 0.36 2.58 -4.14
C ALA A 43 0.18 3.62 -3.05
N GLU A 44 -1.07 3.84 -2.60
CA GLU A 44 -1.34 4.57 -1.37
C GLU A 44 -2.30 3.74 -0.52
N VAL A 45 -2.33 3.95 0.79
CA VAL A 45 -3.11 3.20 1.72
C VAL A 45 -3.44 4.14 2.88
N ARG A 46 -4.68 4.08 3.35
CA ARG A 46 -5.07 4.51 4.68
C ARG A 46 -5.27 3.23 5.48
N TYR A 47 -4.71 3.17 6.69
CA TYR A 47 -4.66 1.96 7.49
C TYR A 47 -4.49 2.35 8.96
N ASN A 48 -4.68 1.40 9.88
CA ASN A 48 -4.55 1.64 11.32
C ASN A 48 -3.41 0.81 11.89
N PRO A 49 -2.19 1.38 12.07
CA PRO A 49 -1.04 0.66 12.60
C PRO A 49 -1.19 0.37 14.10
N ALA A 50 -2.08 -0.57 14.40
CA ALA A 50 -2.25 -1.17 15.71
C ALA A 50 -2.71 -2.61 15.44
N VAL A 51 -3.81 -2.75 14.71
CA VAL A 51 -4.32 -4.01 14.24
C VAL A 51 -3.24 -4.71 13.41
N ILE A 52 -2.74 -4.02 12.38
CA ILE A 52 -1.98 -4.64 11.30
C ILE A 52 -0.47 -4.59 11.55
N GLN A 53 0.15 -3.42 11.37
CA GLN A 53 1.57 -3.07 11.46
C GLN A 53 2.09 -2.82 10.04
N PRO A 54 2.88 -1.76 9.81
CA PRO A 54 3.60 -1.50 8.56
C PRO A 54 4.30 -2.73 7.96
N PRO A 55 5.12 -3.50 8.70
CA PRO A 55 5.57 -4.79 8.23
C PRO A 55 4.40 -5.61 7.70
N MET A 56 3.35 -5.83 8.51
CA MET A 56 2.25 -6.64 8.00
C MET A 56 1.60 -6.04 6.74
N ILE A 57 1.47 -4.71 6.60
CA ILE A 57 0.96 -4.16 5.34
C ILE A 57 1.91 -4.51 4.18
N ALA A 58 3.22 -4.31 4.40
CA ALA A 58 4.24 -4.62 3.40
C ALA A 58 4.08 -6.07 2.94
N GLU A 59 4.04 -6.98 3.89
CA GLU A 59 3.84 -8.38 3.63
C GLU A 59 2.54 -8.61 2.88
N PHE A 60 1.41 -8.04 3.31
CA PHE A 60 0.14 -8.20 2.61
C PHE A 60 0.27 -7.81 1.13
N ILE A 61 1.10 -6.81 0.80
CA ILE A 61 1.36 -6.50 -0.59
C ILE A 61 2.19 -7.62 -1.22
N ARG A 62 3.30 -7.97 -0.57
CA ARG A 62 4.27 -8.93 -1.09
C ARG A 62 3.69 -10.34 -1.26
N GLU A 63 2.69 -10.73 -0.46
CA GLU A 63 2.03 -12.03 -0.53
C GLU A 63 1.69 -12.38 -1.98
N LEU A 64 0.95 -11.49 -2.64
CA LEU A 64 0.29 -11.73 -3.90
C LEU A 64 0.57 -10.66 -4.95
N GLY A 65 1.01 -9.47 -4.54
CA GLY A 65 1.29 -8.39 -5.46
C GLY A 65 2.77 -8.37 -5.78
N PHE A 66 3.49 -7.44 -5.15
CA PHE A 66 4.75 -6.93 -5.68
C PHE A 66 5.68 -6.52 -4.55
N GLY A 67 6.94 -6.32 -4.94
CA GLY A 67 8.01 -5.95 -4.04
C GLY A 67 7.95 -4.46 -3.71
N ALA A 68 6.92 -4.13 -2.96
CA ALA A 68 6.61 -2.77 -2.57
C ALA A 68 7.44 -2.37 -1.36
N THR A 69 7.91 -1.12 -1.33
CA THR A 69 8.68 -0.56 -0.25
C THR A 69 7.84 0.55 0.37
N VAL A 70 7.86 0.66 1.69
CA VAL A 70 7.01 1.54 2.48
C VAL A 70 7.65 2.92 2.51
N ILE A 71 6.89 3.95 2.12
CA ILE A 71 7.32 5.34 2.04
C ILE A 71 6.29 6.22 2.76
N GLU A 72 6.08 5.97 4.04
CA GLU A 72 5.43 6.94 4.93
C GLU A 72 6.44 8.06 5.22
N ASN A 73 7.68 7.66 5.54
CA ASN A 73 8.88 8.49 5.39
C ASN A 73 8.73 9.89 5.96
N ILE A 74 8.72 10.01 7.29
CA ILE A 74 8.68 11.27 8.00
C ILE A 74 9.37 11.06 9.35
N GLU A 75 9.89 12.13 9.95
CA GLU A 75 10.54 12.15 11.25
C GLU A 75 10.28 13.53 11.84
N GLY A 76 10.53 13.71 13.14
CA GLY A 76 10.23 14.93 13.87
C GLY A 76 8.88 14.82 14.55
N ARG A 77 8.36 15.96 15.03
CA ARG A 77 7.09 16.09 15.71
C ARG A 77 6.80 17.59 15.69
CU CU B . 1.71 -3.64 -10.47
#